data_6RK5
#
_entry.id   6RK5
#
_cell.length_a   56.358
_cell.length_b   80.450
_cell.length_c   158.849
_cell.angle_alpha   90.00
_cell.angle_beta   94.46
_cell.angle_gamma   90.00
#
_symmetry.space_group_name_H-M   'P 1 21 1'
#
loop_
_entity.id
_entity.type
_entity.pdbx_description
1 polymer 'Methionine adenosyltransferase'
2 water water
#
_entity_poly.entity_id   1
_entity_poly.type   'polypeptide(L)'
_entity_poly.pdbx_seq_one_letter_code
;MQYKKIITSESVGAGHPDKICDQISDAILDECLSQDQNSRVACEVLACNRLIVIAGEITTHAYVDVVKTAWEIIKPLGYD
ENDFTIISNVNKQSVDIAQSVDKTNKNLIGAGDQGIVFGYACDETPQYMPLTSVLAHELLKEIERQRRSKEFIKIQADMK
SQVSIDYSNSTPLIETMLVSIQHDEDYDVEYFNKKVSAIMEQIAKKYNLNTNFKKIINSSGRFVIGGPIGDTGLTGRKII
VDTYGGVGHHGGGAFSGKDPTKVDRSASYFARWIAKNVVAAKLAKQCEIQLAFAIGQPQPVAMYVNTFNTNLIDETKIFE
AIKKSFNFDIKTFINDLNLWTTKYLPVATYGHFGRDDLDLSWEKLNKVEDLIKNSKHHHHHH
;
_entity_poly.pdbx_strand_id   A,B,C,D
#
# COMPACT_ATOMS: atom_id res chain seq x y z
N MET A 1 -53.21 -10.20 6.86
CA MET A 1 -52.47 -10.75 5.72
C MET A 1 -52.13 -12.22 6.03
N GLN A 2 -51.73 -12.50 7.29
CA GLN A 2 -51.71 -13.85 7.94
C GLN A 2 -50.56 -14.70 7.38
N TYR A 3 -50.62 -14.91 6.05
CA TYR A 3 -49.72 -15.74 5.21
C TYR A 3 -49.37 -17.07 5.89
N LYS A 4 -48.09 -17.19 6.19
CA LYS A 4 -47.22 -18.36 5.93
C LYS A 4 -45.87 -18.13 6.60
N LYS A 5 -45.14 -19.21 6.91
CA LYS A 5 -43.80 -19.17 7.55
C LYS A 5 -42.73 -19.35 6.47
N ILE A 6 -42.03 -18.28 6.08
CA ILE A 6 -41.08 -18.27 4.91
C ILE A 6 -39.68 -17.92 5.43
N ILE A 7 -38.84 -18.95 5.59
CA ILE A 7 -37.43 -18.85 6.03
C ILE A 7 -36.57 -18.79 4.77
N THR A 8 -35.47 -18.04 4.77
CA THR A 8 -34.61 -17.77 3.59
C THR A 8 -33.14 -17.86 4.01
N SER A 9 -32.28 -18.49 3.19
CA SER A 9 -30.79 -18.52 3.34
C SER A 9 -30.13 -18.22 1.99
N GLU A 10 -28.84 -17.92 1.99
CA GLU A 10 -28.09 -17.60 0.76
C GLU A 10 -26.80 -18.39 0.77
N SER A 11 -26.14 -18.47 -0.38
CA SER A 11 -24.73 -18.90 -0.52
C SER A 11 -24.04 -17.95 -1.47
N VAL A 12 -22.72 -18.02 -1.58
CA VAL A 12 -21.96 -17.26 -2.62
C VAL A 12 -20.90 -18.19 -3.22
N GLY A 13 -20.47 -17.88 -4.44
CA GLY A 13 -19.51 -18.68 -5.20
C GLY A 13 -18.07 -18.37 -4.82
N ALA A 14 -17.13 -19.09 -5.43
CA ALA A 14 -15.68 -19.00 -5.17
C ALA A 14 -15.12 -17.66 -5.64
N GLY A 15 -15.78 -17.02 -6.63
CA GLY A 15 -15.37 -15.74 -7.24
C GLY A 15 -15.93 -14.52 -6.50
N HIS A 16 -16.76 -14.74 -5.48
CA HIS A 16 -17.32 -13.64 -4.66
C HIS A 16 -16.16 -13.06 -3.85
N PRO A 17 -16.02 -11.72 -3.74
CA PRO A 17 -14.84 -11.14 -3.15
C PRO A 17 -14.66 -11.50 -1.67
N ASP A 18 -15.75 -11.50 -0.89
CA ASP A 18 -15.73 -11.88 0.55
C ASP A 18 -15.14 -13.30 0.59
N LYS A 19 -15.48 -14.19 -0.35
CA LYS A 19 -15.06 -15.62 -0.30
C LYS A 19 -13.64 -15.81 -0.86
N ILE A 20 -13.22 -14.96 -1.81
CA ILE A 20 -11.81 -14.97 -2.30
C ILE A 20 -10.90 -14.79 -1.06
N CYS A 21 -11.22 -13.81 -0.22
CA CYS A 21 -10.46 -13.50 1.02
C CYS A 21 -10.45 -14.72 1.97
N ASP A 22 -11.59 -15.34 2.20
CA ASP A 22 -11.67 -16.55 3.09
C ASP A 22 -10.79 -17.64 2.48
N GLN A 23 -10.80 -17.78 1.15
CA GLN A 23 -10.00 -18.83 0.45
C GLN A 23 -8.51 -18.56 0.68
N ILE A 24 -8.07 -17.34 0.46
CA ILE A 24 -6.64 -16.96 0.60
C ILE A 24 -6.24 -17.17 2.07
N SER A 25 -7.08 -16.73 3.01
CA SER A 25 -6.84 -16.88 4.46
C SER A 25 -6.57 -18.35 4.80
N ASP A 26 -7.41 -19.27 4.32
CA ASP A 26 -7.31 -20.70 4.70
C ASP A 26 -6.22 -21.38 3.87
N ALA A 27 -5.89 -20.92 2.67
CA ALA A 27 -4.83 -21.54 1.84
C ALA A 27 -3.46 -21.33 2.54
N ILE A 28 -3.26 -20.13 3.08
CA ILE A 28 -2.04 -19.72 3.83
C ILE A 28 -1.97 -20.57 5.12
N LEU A 29 -3.10 -20.75 5.81
CA LEU A 29 -3.20 -21.64 7.00
C LEU A 29 -2.81 -23.06 6.58
N ASP A 30 -3.39 -23.61 5.50
CA ASP A 30 -3.12 -24.99 5.03
C ASP A 30 -1.64 -25.16 4.71
N GLU A 31 -1.03 -24.13 4.12
CA GLU A 31 0.40 -24.12 3.72
C GLU A 31 1.26 -24.26 4.98
N CYS A 32 0.86 -23.57 6.07
CA CYS A 32 1.59 -23.56 7.35
C CYS A 32 1.43 -24.92 8.03
N LEU A 33 0.20 -25.44 8.14
CA LEU A 33 -0.11 -26.69 8.89
C LEU A 33 0.46 -27.90 8.16
N SER A 34 0.67 -27.82 6.84
CA SER A 34 1.39 -28.84 6.04
C SER A 34 2.72 -29.13 6.68
N GLN A 35 3.47 -28.08 6.96
CA GLN A 35 4.93 -28.11 7.27
C GLN A 35 5.13 -28.15 8.80
N ASP A 36 4.27 -27.47 9.56
CA ASP A 36 4.41 -27.23 11.02
C ASP A 36 3.03 -27.34 11.66
N GLN A 37 2.75 -28.45 12.33
CA GLN A 37 1.45 -28.71 13.01
C GLN A 37 1.35 -27.86 14.29
N ASN A 38 2.38 -27.10 14.66
CA ASN A 38 2.34 -26.19 15.84
C ASN A 38 2.16 -24.73 15.40
N SER A 39 1.85 -24.47 14.12
CA SER A 39 1.72 -23.10 13.55
C SER A 39 0.61 -22.35 14.29
N ARG A 40 0.87 -21.07 14.61
CA ARG A 40 -0.16 -20.10 15.05
C ARG A 40 -0.42 -19.14 13.88
N VAL A 41 -1.65 -19.08 13.39
CA VAL A 41 -2.00 -18.28 12.18
C VAL A 41 -3.27 -17.48 12.48
N ALA A 42 -3.21 -16.16 12.32
CA ALA A 42 -4.36 -15.24 12.37
C ALA A 42 -4.27 -14.30 11.17
N CYS A 43 -4.66 -14.79 10.01
CA CYS A 43 -4.36 -14.21 8.69
C CYS A 43 -5.65 -13.65 8.09
N GLU A 44 -5.68 -12.35 7.85
CA GLU A 44 -6.86 -11.60 7.35
C GLU A 44 -6.52 -11.03 5.98
N VAL A 45 -7.50 -10.90 5.10
CA VAL A 45 -7.26 -10.37 3.72
C VAL A 45 -8.31 -9.33 3.39
N LEU A 46 -7.88 -8.21 2.82
CA LEU A 46 -8.74 -7.17 2.20
C LEU A 46 -8.54 -7.23 0.69
N ALA A 47 -9.63 -7.35 -0.07
CA ALA A 47 -9.63 -7.29 -1.55
C ALA A 47 -10.41 -6.05 -1.92
N CYS A 48 -9.73 -4.95 -2.26
CA CYS A 48 -10.38 -3.67 -2.58
C CYS A 48 -9.99 -3.24 -4.00
N ASN A 49 -10.94 -3.38 -4.94
CA ASN A 49 -10.78 -3.08 -6.39
C ASN A 49 -9.66 -3.98 -6.94
N ARG A 50 -8.45 -3.45 -7.13
CA ARG A 50 -7.36 -4.19 -7.80
C ARG A 50 -6.15 -4.30 -6.86
N LEU A 51 -6.40 -4.07 -5.56
CA LEU A 51 -5.40 -4.19 -4.46
C LEU A 51 -5.89 -5.25 -3.49
N ILE A 52 -5.03 -6.22 -3.20
CA ILE A 52 -5.24 -7.29 -2.20
C ILE A 52 -4.16 -7.13 -1.14
N VAL A 53 -4.57 -6.89 0.09
CA VAL A 53 -3.70 -6.69 1.28
C VAL A 53 -3.86 -7.93 2.15
N ILE A 54 -2.79 -8.71 2.31
CA ILE A 54 -2.76 -9.88 3.23
C ILE A 54 -2.10 -9.40 4.51
N ALA A 55 -2.76 -9.62 5.65
CA ALA A 55 -2.28 -9.15 6.96
C ALA A 55 -2.40 -10.28 7.99
N GLY A 56 -1.93 -10.00 9.20
CA GLY A 56 -2.15 -10.82 10.38
C GLY A 56 -0.84 -11.24 11.01
N GLU A 57 -0.95 -12.27 11.86
CA GLU A 57 0.09 -12.66 12.82
C GLU A 57 0.35 -14.15 12.57
N ILE A 58 1.55 -14.53 12.15
CA ILE A 58 1.91 -15.96 11.93
C ILE A 58 3.17 -16.29 12.72
N THR A 59 3.14 -17.40 13.45
CA THR A 59 4.29 -18.08 14.10
C THR A 59 4.39 -19.49 13.51
N THR A 60 5.46 -19.79 12.76
CA THR A 60 5.60 -21.06 11.99
C THR A 60 7.07 -21.34 11.65
N HIS A 61 7.45 -22.61 11.62
CA HIS A 61 8.73 -23.10 11.04
C HIS A 61 8.60 -23.27 9.52
N ALA A 62 7.41 -23.11 8.98
CA ALA A 62 7.09 -23.38 7.55
C ALA A 62 7.64 -22.26 6.68
N TYR A 63 8.19 -22.59 5.51
CA TYR A 63 8.41 -21.62 4.41
C TYR A 63 7.05 -21.32 3.77
N VAL A 64 6.59 -20.06 3.82
CA VAL A 64 5.30 -19.61 3.22
C VAL A 64 5.51 -18.30 2.47
N ASP A 65 5.12 -18.26 1.20
CA ASP A 65 5.04 -17.03 0.37
C ASP A 65 3.55 -16.75 0.26
N VAL A 66 3.10 -15.83 1.11
CA VAL A 66 1.68 -15.41 1.30
C VAL A 66 1.16 -14.85 -0.03
N VAL A 67 1.95 -14.04 -0.72
CA VAL A 67 1.57 -13.41 -2.02
C VAL A 67 1.42 -14.51 -3.10
N LYS A 68 2.43 -15.37 -3.21
CA LYS A 68 2.44 -16.53 -4.15
C LYS A 68 1.19 -17.38 -3.91
N THR A 69 0.87 -17.68 -2.64
CA THR A 69 -0.31 -18.49 -2.24
C THR A 69 -1.60 -17.78 -2.70
N ALA A 70 -1.66 -16.46 -2.56
CA ALA A 70 -2.84 -15.66 -2.93
C ALA A 70 -3.06 -15.80 -4.45
N TRP A 71 -1.99 -15.70 -5.24
CA TRP A 71 -2.08 -15.85 -6.71
C TRP A 71 -2.57 -17.25 -7.08
N GLU A 72 -2.19 -18.27 -6.32
CA GLU A 72 -2.58 -19.69 -6.59
C GLU A 72 -4.10 -19.85 -6.40
N ILE A 73 -4.76 -18.98 -5.63
CA ILE A 73 -6.24 -19.01 -5.41
C ILE A 73 -6.93 -18.19 -6.51
N ILE A 74 -6.32 -17.08 -6.88
CA ILE A 74 -6.90 -16.07 -7.81
C ILE A 74 -6.87 -16.63 -9.24
N LYS A 75 -5.71 -17.13 -9.69
CA LYS A 75 -5.46 -17.47 -11.12
C LYS A 75 -6.52 -18.46 -11.62
N PRO A 76 -6.82 -19.57 -10.91
CA PRO A 76 -7.85 -20.50 -11.35
C PRO A 76 -9.25 -19.90 -11.59
N LEU A 77 -9.56 -18.77 -10.94
CA LEU A 77 -10.86 -18.08 -11.08
C LEU A 77 -10.86 -17.27 -12.39
N GLY A 78 -9.73 -17.20 -13.11
CA GLY A 78 -9.65 -16.62 -14.48
C GLY A 78 -8.84 -15.34 -14.55
N TYR A 79 -8.36 -14.80 -13.42
CA TYR A 79 -7.53 -13.58 -13.34
C TYR A 79 -6.08 -13.97 -13.64
N ASP A 80 -5.27 -12.99 -14.05
CA ASP A 80 -3.83 -13.13 -14.41
C ASP A 80 -3.03 -12.11 -13.60
N GLU A 81 -1.71 -12.10 -13.77
CA GLU A 81 -0.78 -11.22 -12.99
C GLU A 81 -1.06 -9.73 -13.29
N ASN A 82 -1.83 -9.41 -14.34
CA ASN A 82 -2.10 -8.00 -14.76
C ASN A 82 -3.30 -7.42 -14.00
N ASP A 83 -4.06 -8.22 -13.26
CA ASP A 83 -5.38 -7.80 -12.73
C ASP A 83 -5.24 -7.19 -11.33
N PHE A 84 -4.27 -7.66 -10.54
CA PHE A 84 -4.10 -7.24 -9.13
C PHE A 84 -2.66 -6.84 -8.82
N THR A 85 -2.56 -5.96 -7.84
CA THR A 85 -1.40 -5.76 -6.96
C THR A 85 -1.68 -6.50 -5.67
N ILE A 86 -0.80 -7.39 -5.23
CA ILE A 86 -1.01 -8.16 -3.97
C ILE A 86 0.14 -7.88 -3.02
N ILE A 87 -0.13 -7.32 -1.84
CA ILE A 87 0.92 -6.96 -0.84
C ILE A 87 0.59 -7.54 0.53
N SER A 88 1.63 -7.81 1.29
CA SER A 88 1.62 -8.42 2.65
C SER A 88 2.08 -7.39 3.67
N ASN A 89 1.34 -7.25 4.78
CA ASN A 89 1.84 -6.65 6.04
C ASN A 89 1.87 -7.71 7.13
N VAL A 90 1.84 -9.00 6.76
CA VAL A 90 1.85 -10.15 7.70
C VAL A 90 3.15 -10.13 8.51
N ASN A 91 3.02 -10.28 9.83
CA ASN A 91 4.17 -10.32 10.77
C ASN A 91 4.48 -11.80 11.01
N LYS A 92 5.48 -12.35 10.31
CA LYS A 92 5.87 -13.80 10.33
C LYS A 92 7.05 -14.00 11.30
N GLN A 93 7.03 -15.03 12.13
CA GLN A 93 8.09 -15.33 13.13
C GLN A 93 8.30 -16.85 13.25
N SER A 94 9.40 -17.23 13.90
CA SER A 94 9.68 -18.60 14.41
C SER A 94 9.61 -18.57 15.94
N VAL A 95 9.71 -19.74 16.59
CA VAL A 95 10.07 -19.86 18.03
C VAL A 95 11.54 -20.29 18.13
N LEU A 108 -1.37 -28.42 28.56
CA LEU A 108 -2.82 -28.08 28.47
C LEU A 108 -2.98 -26.75 27.70
N ILE A 109 -4.08 -26.60 26.92
CA ILE A 109 -4.36 -25.38 26.08
C ILE A 109 -5.51 -24.61 26.74
N GLY A 110 -5.22 -23.36 27.15
CA GLY A 110 -6.23 -22.42 27.63
C GLY A 110 -6.73 -21.61 26.45
N ALA A 111 -8.00 -21.21 26.44
CA ALA A 111 -8.56 -20.29 25.42
C ALA A 111 -7.66 -19.05 25.31
N GLY A 112 -7.45 -18.55 24.09
CA GLY A 112 -6.61 -17.37 23.79
C GLY A 112 -7.44 -16.11 23.66
N ASP A 113 -8.77 -16.25 23.69
CA ASP A 113 -9.75 -15.15 23.59
C ASP A 113 -10.97 -15.47 24.45
N GLN A 114 -11.67 -14.42 24.85
CA GLN A 114 -13.05 -14.52 25.38
C GLN A 114 -13.95 -14.68 24.15
N GLY A 115 -15.20 -15.08 24.35
CA GLY A 115 -16.24 -15.06 23.31
C GLY A 115 -17.19 -16.23 23.41
N ILE A 116 -18.17 -16.26 22.53
CA ILE A 116 -19.27 -17.27 22.51
C ILE A 116 -19.25 -17.92 21.11
N VAL A 117 -19.52 -19.23 21.01
CA VAL A 117 -19.73 -19.97 19.74
C VAL A 117 -21.05 -20.72 19.81
N PHE A 118 -21.60 -21.10 18.66
CA PHE A 118 -22.87 -21.87 18.57
C PHE A 118 -22.70 -23.04 17.60
N GLY A 119 -23.04 -24.26 18.05
CA GLY A 119 -23.24 -25.43 17.18
C GLY A 119 -24.72 -25.65 16.96
N TYR A 120 -25.14 -26.10 15.76
CA TYR A 120 -26.57 -26.28 15.39
C TYR A 120 -26.72 -27.50 14.49
N ALA A 121 -27.83 -28.22 14.64
CA ALA A 121 -28.19 -29.39 13.79
C ALA A 121 -29.70 -29.56 13.78
N CYS A 122 -30.23 -30.09 12.68
CA CYS A 122 -31.68 -30.39 12.55
C CYS A 122 -31.81 -31.62 11.63
N ASP A 123 -33.03 -32.10 11.41
CA ASP A 123 -33.27 -33.38 10.69
C ASP A 123 -33.96 -33.13 9.34
N GLU A 124 -33.91 -31.92 8.79
CA GLU A 124 -34.60 -31.57 7.50
C GLU A 124 -33.87 -32.21 6.30
N THR A 125 -32.57 -32.50 6.41
CA THR A 125 -31.73 -33.00 5.29
C THR A 125 -30.81 -34.12 5.76
N PRO A 126 -30.34 -34.99 4.84
CA PRO A 126 -29.27 -35.95 5.14
C PRO A 126 -28.02 -35.29 5.76
N GLN A 127 -27.79 -34.00 5.47
CA GLN A 127 -26.64 -33.20 5.99
C GLN A 127 -26.87 -32.80 7.46
N TYR A 128 -28.06 -33.05 8.01
CA TYR A 128 -28.52 -32.52 9.32
C TYR A 128 -28.35 -30.99 9.36
N MET A 129 -28.75 -30.33 8.28
CA MET A 129 -28.67 -28.85 8.10
C MET A 129 -30.02 -28.32 7.62
N PRO A 130 -30.31 -27.02 7.80
CA PRO A 130 -31.53 -26.43 7.26
C PRO A 130 -31.61 -26.60 5.73
N LEU A 131 -32.80 -26.86 5.22
CA LEU A 131 -33.05 -27.05 3.77
C LEU A 131 -32.66 -25.78 3.01
N THR A 132 -32.94 -24.60 3.56
CA THR A 132 -32.62 -23.30 2.89
C THR A 132 -31.13 -23.29 2.54
N SER A 133 -30.24 -23.55 3.51
CA SER A 133 -28.75 -23.63 3.34
C SER A 133 -28.40 -24.64 2.25
N VAL A 134 -28.83 -25.88 2.44
CA VAL A 134 -28.39 -27.00 1.55
C VAL A 134 -28.73 -26.59 0.12
N LEU A 135 -29.97 -26.17 -0.14
CA LEU A 135 -30.40 -25.88 -1.53
C LEU A 135 -29.55 -24.72 -2.07
N ALA A 136 -29.25 -23.72 -1.25
CA ALA A 136 -28.51 -22.52 -1.70
C ALA A 136 -27.09 -22.92 -2.12
N HIS A 137 -26.40 -23.71 -1.29
CA HIS A 137 -25.04 -24.21 -1.58
C HIS A 137 -25.08 -25.06 -2.86
N GLU A 138 -26.01 -26.02 -2.94
CA GLU A 138 -26.08 -27.05 -4.01
C GLU A 138 -26.25 -26.40 -5.39
N LEU A 139 -27.09 -25.37 -5.46
CA LEU A 139 -27.28 -24.51 -6.66
C LEU A 139 -25.91 -24.05 -7.17
N LEU A 140 -25.14 -23.41 -6.31
CA LEU A 140 -23.88 -22.77 -6.71
C LEU A 140 -22.84 -23.84 -7.02
N LYS A 141 -22.80 -24.95 -6.29
CA LYS A 141 -21.82 -26.04 -6.55
C LYS A 141 -22.07 -26.62 -7.95
N GLU A 142 -23.32 -26.82 -8.34
CA GLU A 142 -23.68 -27.44 -9.64
C GLU A 142 -23.36 -26.44 -10.76
N ILE A 143 -23.69 -25.17 -10.57
CA ILE A 143 -23.34 -24.10 -11.55
C ILE A 143 -21.81 -24.10 -11.73
N GLU A 144 -21.04 -24.19 -10.65
CA GLU A 144 -19.56 -24.15 -10.66
C GLU A 144 -19.05 -25.44 -11.33
N ARG A 145 -19.63 -26.59 -11.03
CA ARG A 145 -19.22 -27.86 -11.69
C ARG A 145 -19.39 -27.70 -13.20
N GLN A 146 -20.53 -27.12 -13.63
CA GLN A 146 -20.90 -26.99 -15.05
C GLN A 146 -19.97 -25.97 -15.73
N ARG A 147 -19.54 -24.94 -15.00
CA ARG A 147 -18.61 -23.91 -15.53
C ARG A 147 -17.28 -24.61 -15.85
N ARG A 148 -16.78 -25.43 -14.93
CA ARG A 148 -15.49 -26.15 -15.06
C ARG A 148 -15.50 -27.21 -16.17
N SER A 149 -16.64 -27.86 -16.44
CA SER A 149 -16.78 -28.89 -17.50
C SER A 149 -17.21 -28.27 -18.83
N LYS A 150 -17.44 -26.95 -18.86
CA LYS A 150 -17.95 -26.17 -20.02
C LYS A 150 -19.31 -26.70 -20.49
N GLU A 151 -20.09 -27.27 -19.56
CA GLU A 151 -21.52 -27.62 -19.73
C GLU A 151 -22.36 -26.34 -19.72
N PHE A 152 -21.94 -25.35 -18.93
CA PHE A 152 -22.55 -24.01 -18.89
C PHE A 152 -21.44 -23.04 -19.28
N ILE A 153 -21.48 -22.50 -20.51
CA ILE A 153 -20.39 -21.63 -21.07
C ILE A 153 -20.71 -20.16 -20.80
N LYS A 154 -19.71 -19.30 -21.02
CA LYS A 154 -19.82 -17.81 -20.98
C LYS A 154 -20.37 -17.32 -19.63
N ILE A 155 -20.00 -18.00 -18.53
CA ILE A 155 -20.21 -17.51 -17.14
C ILE A 155 -18.86 -17.51 -16.39
N GLN A 156 -18.82 -16.82 -15.25
CA GLN A 156 -17.60 -16.65 -14.43
C GLN A 156 -17.92 -17.11 -13.02
N ALA A 157 -16.98 -16.91 -12.12
CA ALA A 157 -16.90 -17.61 -10.82
C ALA A 157 -17.63 -16.82 -9.74
N ASP A 158 -17.81 -15.51 -9.87
CA ASP A 158 -18.60 -14.71 -8.90
C ASP A 158 -20.08 -15.04 -9.14
N MET A 159 -20.75 -15.55 -8.10
CA MET A 159 -22.20 -15.89 -8.12
C MET A 159 -22.77 -15.84 -6.71
N LYS A 160 -24.08 -15.65 -6.61
CA LYS A 160 -24.82 -15.68 -5.33
C LYS A 160 -26.11 -16.49 -5.54
N SER A 161 -26.59 -17.18 -4.53
CA SER A 161 -27.90 -17.86 -4.56
C SER A 161 -28.67 -17.39 -3.33
N GLN A 162 -29.99 -17.47 -3.39
CA GLN A 162 -30.86 -17.25 -2.20
C GLN A 162 -32.10 -18.12 -2.35
N VAL A 163 -32.38 -18.95 -1.34
CA VAL A 163 -33.51 -19.91 -1.38
C VAL A 163 -34.47 -19.59 -0.23
N SER A 164 -35.73 -19.33 -0.55
CA SER A 164 -36.83 -19.11 0.42
C SER A 164 -37.67 -20.38 0.43
N ILE A 165 -37.91 -20.93 1.61
CA ILE A 165 -38.73 -22.14 1.78
C ILE A 165 -39.93 -21.79 2.65
N ASP A 166 -41.11 -22.27 2.24
CA ASP A 166 -42.42 -22.12 2.90
C ASP A 166 -42.64 -23.31 3.83
N TYR A 167 -42.56 -23.11 5.14
CA TYR A 167 -42.74 -24.16 6.20
C TYR A 167 -44.15 -24.07 6.84
N SER A 168 -45.15 -23.58 6.10
CA SER A 168 -46.56 -23.42 6.57
C SER A 168 -47.16 -24.78 6.90
N ASN A 169 -46.76 -25.84 6.20
CA ASN A 169 -47.36 -27.19 6.31
C ASN A 169 -46.30 -28.19 6.75
N SER A 170 -46.75 -29.41 7.06
CA SER A 170 -45.93 -30.60 7.42
C SER A 170 -44.73 -30.70 6.49
N THR A 171 -44.99 -30.58 5.18
CA THR A 171 -44.05 -30.79 4.05
C THR A 171 -43.58 -29.41 3.59
N PRO A 172 -42.26 -29.11 3.63
CA PRO A 172 -41.74 -27.87 3.07
C PRO A 172 -41.95 -27.76 1.56
N LEU A 173 -42.46 -26.61 1.10
CA LEU A 173 -42.49 -26.16 -0.31
C LEU A 173 -41.33 -25.19 -0.53
N ILE A 174 -40.73 -25.18 -1.72
CA ILE A 174 -39.84 -24.08 -2.18
C ILE A 174 -40.75 -22.94 -2.63
N GLU A 175 -40.49 -21.72 -2.16
CA GLU A 175 -41.27 -20.52 -2.48
C GLU A 175 -40.54 -19.81 -3.63
N THR A 176 -39.25 -19.56 -3.46
CA THR A 176 -38.38 -18.86 -4.44
C THR A 176 -36.97 -19.45 -4.43
N MET A 177 -36.40 -19.65 -5.62
CA MET A 177 -34.95 -19.80 -5.82
C MET A 177 -34.49 -18.56 -6.58
N LEU A 178 -33.49 -17.87 -6.05
CA LEU A 178 -32.90 -16.69 -6.70
C LEU A 178 -31.45 -17.04 -6.99
N VAL A 179 -30.95 -16.64 -8.15
CA VAL A 179 -29.52 -16.77 -8.51
C VAL A 179 -29.07 -15.46 -9.17
N SER A 180 -27.83 -15.06 -8.91
CA SER A 180 -27.06 -14.04 -9.67
C SER A 180 -25.73 -14.66 -10.10
N ILE A 181 -25.46 -14.77 -11.40
CA ILE A 181 -24.18 -15.32 -11.93
C ILE A 181 -23.53 -14.31 -12.89
N GLN A 182 -22.28 -13.97 -12.62
CA GLN A 182 -21.38 -13.19 -13.48
C GLN A 182 -21.33 -13.90 -14.84
N HIS A 183 -21.57 -13.13 -15.90
CA HIS A 183 -21.65 -13.63 -17.30
C HIS A 183 -20.70 -12.80 -18.16
N ASP A 184 -20.31 -13.35 -19.31
CA ASP A 184 -19.47 -12.66 -20.31
C ASP A 184 -20.32 -11.59 -20.96
N GLU A 185 -19.69 -10.53 -21.47
CA GLU A 185 -20.33 -9.43 -22.23
C GLU A 185 -21.25 -10.01 -23.33
N ASP A 186 -20.79 -11.05 -24.01
CA ASP A 186 -21.39 -11.54 -25.29
C ASP A 186 -22.27 -12.79 -25.08
N TYR A 187 -22.85 -12.97 -23.88
CA TYR A 187 -23.64 -14.16 -23.53
C TYR A 187 -24.97 -14.13 -24.26
N ASP A 188 -25.62 -15.28 -24.37
CA ASP A 188 -27.02 -15.43 -24.87
C ASP A 188 -27.95 -15.54 -23.63
N VAL A 189 -28.79 -14.53 -23.38
CA VAL A 189 -29.69 -14.49 -22.20
C VAL A 189 -30.63 -15.70 -22.24
N GLU A 190 -31.14 -16.04 -23.41
CA GLU A 190 -32.14 -17.13 -23.60
C GLU A 190 -31.50 -18.45 -23.14
N TYR A 191 -30.27 -18.69 -23.59
CA TYR A 191 -29.45 -19.87 -23.19
C TYR A 191 -29.24 -19.85 -21.67
N PHE A 192 -28.75 -18.73 -21.14
CA PHE A 192 -28.36 -18.51 -19.73
C PHE A 192 -29.56 -18.78 -18.82
N ASN A 193 -30.73 -18.23 -19.17
CA ASN A 193 -31.98 -18.35 -18.35
C ASN A 193 -32.44 -19.81 -18.36
N LYS A 194 -32.34 -20.48 -19.51
CA LYS A 194 -32.72 -21.91 -19.69
C LYS A 194 -31.79 -22.78 -18.83
N LYS A 195 -30.49 -22.50 -18.85
CA LYS A 195 -29.47 -23.25 -18.08
C LYS A 195 -29.77 -23.12 -16.59
N VAL A 196 -29.97 -21.90 -16.09
CA VAL A 196 -30.26 -21.63 -14.66
C VAL A 196 -31.57 -22.30 -14.25
N SER A 197 -32.64 -22.20 -15.04
CA SER A 197 -33.97 -22.77 -14.69
C SER A 197 -33.85 -24.28 -14.49
N ALA A 198 -33.17 -24.94 -15.43
CA ALA A 198 -32.99 -26.41 -15.47
C ALA A 198 -32.13 -26.84 -14.27
N ILE A 199 -31.13 -26.03 -13.92
CA ILE A 199 -30.28 -26.30 -12.73
C ILE A 199 -31.12 -26.17 -11.46
N MET A 200 -31.99 -25.17 -11.37
CA MET A 200 -32.89 -24.96 -10.21
C MET A 200 -33.85 -26.15 -10.05
N GLU A 201 -34.43 -26.62 -11.15
CA GLU A 201 -35.36 -27.78 -11.16
C GLU A 201 -34.59 -29.05 -10.79
N GLN A 202 -33.34 -29.18 -11.21
CA GLN A 202 -32.47 -30.37 -10.96
C GLN A 202 -32.24 -30.47 -9.45
N ILE A 203 -31.87 -29.36 -8.81
CA ILE A 203 -31.58 -29.28 -7.34
C ILE A 203 -32.86 -29.60 -6.55
N ALA A 204 -33.97 -28.98 -6.92
CA ALA A 204 -35.30 -29.28 -6.35
C ALA A 204 -35.56 -30.80 -6.43
N LYS A 205 -35.46 -31.40 -7.62
CA LYS A 205 -35.76 -32.84 -7.82
C LYS A 205 -34.85 -33.70 -6.94
N LYS A 206 -33.63 -33.27 -6.72
CA LYS A 206 -32.61 -34.02 -5.95
C LYS A 206 -33.03 -34.14 -4.46
N TYR A 207 -33.70 -33.13 -3.87
CA TYR A 207 -34.25 -33.19 -2.48
C TYR A 207 -35.77 -33.44 -2.49
N ASN A 208 -36.28 -33.98 -3.60
CA ASN A 208 -37.68 -34.48 -3.75
C ASN A 208 -38.69 -33.37 -3.43
N LEU A 209 -38.47 -32.15 -3.92
CA LEU A 209 -39.30 -30.96 -3.60
C LEU A 209 -40.12 -30.56 -4.82
N ASN A 210 -41.02 -29.60 -4.63
CA ASN A 210 -41.85 -29.01 -5.70
C ASN A 210 -40.93 -28.32 -6.72
N THR A 211 -41.47 -28.14 -7.91
CA THR A 211 -40.81 -27.79 -9.18
C THR A 211 -41.35 -26.44 -9.64
N ASN A 212 -42.44 -25.97 -9.01
CA ASN A 212 -43.36 -24.92 -9.50
C ASN A 212 -43.08 -23.57 -8.84
N PHE A 213 -41.90 -23.39 -8.24
CA PHE A 213 -41.56 -22.19 -7.44
C PHE A 213 -41.24 -21.02 -8.37
N LYS A 214 -41.15 -19.82 -7.80
CA LYS A 214 -40.78 -18.56 -8.49
C LYS A 214 -39.28 -18.59 -8.76
N LYS A 215 -38.86 -18.28 -9.98
CA LYS A 215 -37.41 -18.28 -10.38
C LYS A 215 -36.98 -16.85 -10.67
N ILE A 216 -35.96 -16.36 -9.95
CA ILE A 216 -35.42 -15.00 -10.12
C ILE A 216 -33.96 -15.17 -10.55
N ILE A 217 -33.64 -14.82 -11.80
CA ILE A 217 -32.31 -15.04 -12.43
C ILE A 217 -31.74 -13.69 -12.83
N ASN A 218 -30.60 -13.32 -12.24
CA ASN A 218 -29.85 -12.11 -12.60
C ASN A 218 -30.83 -10.94 -12.70
N SER A 219 -31.43 -10.53 -11.57
CA SER A 219 -32.55 -9.53 -11.52
C SER A 219 -31.98 -8.13 -11.74
N SER A 220 -30.71 -7.93 -11.40
CA SER A 220 -29.96 -6.66 -11.64
C SER A 220 -29.98 -6.32 -13.13
N GLY A 221 -30.12 -7.30 -14.02
CA GLY A 221 -30.22 -7.13 -15.48
C GLY A 221 -28.86 -7.20 -16.17
N ARG A 222 -27.76 -7.12 -15.42
CA ARG A 222 -26.39 -7.12 -16.00
C ARG A 222 -25.34 -7.34 -14.91
N PHE A 223 -24.46 -8.32 -15.12
CA PHE A 223 -23.43 -8.75 -14.14
C PHE A 223 -22.19 -9.20 -14.92
N VAL A 224 -21.44 -8.28 -15.52
CA VAL A 224 -20.17 -8.57 -16.24
C VAL A 224 -19.00 -8.35 -15.29
N ILE A 225 -18.99 -7.22 -14.59
CA ILE A 225 -17.96 -6.89 -13.54
C ILE A 225 -18.31 -7.66 -12.27
N GLY A 226 -17.32 -8.24 -11.60
CA GLY A 226 -17.49 -9.06 -10.39
C GLY A 226 -16.19 -9.18 -9.65
N GLY A 227 -16.11 -10.13 -8.73
CA GLY A 227 -14.96 -10.28 -7.81
C GLY A 227 -14.77 -8.99 -7.00
N PRO A 228 -13.50 -8.62 -6.68
CA PRO A 228 -13.20 -7.38 -5.99
C PRO A 228 -13.31 -6.09 -6.83
N ILE A 229 -13.47 -6.19 -8.15
CA ILE A 229 -13.23 -5.08 -9.11
C ILE A 229 -14.07 -3.83 -8.77
N GLY A 230 -15.39 -3.83 -8.83
CA GLY A 230 -16.01 -2.53 -8.49
C GLY A 230 -16.10 -2.30 -6.97
N ASP A 231 -15.42 -3.09 -6.14
CA ASP A 231 -16.04 -3.62 -4.89
C ASP A 231 -15.00 -3.81 -3.78
N THR A 232 -15.43 -4.35 -2.65
CA THR A 232 -14.56 -4.82 -1.55
C THR A 232 -14.97 -6.23 -1.13
N GLY A 233 -13.97 -7.01 -0.74
CA GLY A 233 -14.12 -8.24 0.04
C GLY A 233 -13.19 -8.24 1.24
N LEU A 234 -13.58 -8.91 2.31
CA LEU A 234 -12.76 -9.06 3.53
C LEU A 234 -12.95 -10.47 4.06
N THR A 235 -11.93 -10.99 4.75
CA THR A 235 -12.03 -12.27 5.48
C THR A 235 -13.15 -12.13 6.53
N GLY A 236 -13.96 -13.17 6.68
CA GLY A 236 -14.97 -13.28 7.76
C GLY A 236 -16.11 -12.28 7.63
N ARG A 237 -16.58 -12.05 6.41
CA ARG A 237 -17.79 -11.21 6.18
C ARG A 237 -18.87 -12.07 5.51
N LYS A 238 -18.72 -13.40 5.59
CA LYS A 238 -19.76 -14.37 5.16
C LYS A 238 -19.97 -15.40 6.28
N ILE A 239 -20.06 -14.95 7.54
CA ILE A 239 -19.99 -15.85 8.73
C ILE A 239 -21.33 -16.59 8.86
N ILE A 240 -22.41 -16.08 8.24
CA ILE A 240 -23.74 -16.77 8.24
C ILE A 240 -23.81 -17.76 7.08
N VAL A 241 -23.33 -17.40 5.89
CA VAL A 241 -23.16 -18.36 4.77
C VAL A 241 -22.28 -19.53 5.24
N ASP A 242 -21.24 -19.23 6.02
CA ASP A 242 -20.24 -20.21 6.53
C ASP A 242 -20.88 -21.14 7.57
N THR A 243 -22.02 -20.78 8.19
CA THR A 243 -22.59 -21.53 9.33
C THR A 243 -23.98 -22.05 8.94
N TYR A 244 -25.06 -21.49 9.49
CA TYR A 244 -26.40 -22.10 9.48
C TYR A 244 -27.44 -21.21 8.80
N GLY A 245 -27.02 -20.21 8.02
CA GLY A 245 -27.89 -19.46 7.11
C GLY A 245 -29.06 -18.79 7.81
N GLY A 246 -28.86 -18.38 9.07
CA GLY A 246 -29.83 -17.54 9.82
C GLY A 246 -30.80 -18.38 10.63
N VAL A 247 -30.68 -19.70 10.54
CA VAL A 247 -31.55 -20.64 11.30
C VAL A 247 -30.94 -20.82 12.69
N GLY A 248 -29.62 -21.01 12.72
CA GLY A 248 -28.85 -21.09 13.96
C GLY A 248 -28.31 -19.72 14.34
N HIS A 249 -28.14 -19.48 15.63
CA HIS A 249 -27.49 -18.28 16.19
C HIS A 249 -26.00 -18.30 15.84
N HIS A 250 -25.33 -17.17 16.09
CA HIS A 250 -23.88 -16.98 15.86
C HIS A 250 -23.28 -16.09 16.97
N GLY A 251 -22.06 -16.38 17.38
CA GLY A 251 -21.36 -15.63 18.45
C GLY A 251 -20.48 -14.52 17.90
N GLY A 252 -20.22 -14.50 16.59
CA GLY A 252 -19.59 -13.36 15.90
C GLY A 252 -18.19 -13.66 15.37
N GLY A 253 -17.58 -14.78 15.78
CA GLY A 253 -16.22 -15.13 15.33
C GLY A 253 -16.22 -15.68 13.93
N ALA A 254 -15.29 -15.23 13.09
CA ALA A 254 -15.05 -15.77 11.74
C ALA A 254 -14.11 -16.98 11.83
N PHE A 255 -14.14 -17.88 10.85
CA PHE A 255 -13.33 -19.13 10.88
C PHE A 255 -12.02 -18.98 10.10
N SER A 256 -12.06 -18.43 8.88
CA SER A 256 -10.95 -18.63 7.89
C SER A 256 -9.70 -17.86 8.31
N GLY A 257 -8.54 -18.50 8.19
CA GLY A 257 -7.22 -17.92 8.47
C GLY A 257 -6.79 -18.15 9.91
N LYS A 258 -7.57 -18.93 10.68
CA LYS A 258 -7.30 -19.14 12.12
C LYS A 258 -6.88 -20.59 12.33
N ASP A 259 -5.80 -20.80 13.08
CA ASP A 259 -5.35 -22.16 13.45
C ASP A 259 -6.29 -22.68 14.52
N PRO A 260 -6.27 -24.00 14.83
CA PRO A 260 -7.17 -24.56 15.83
C PRO A 260 -7.13 -23.96 17.24
N THR A 261 -6.07 -23.29 17.70
CA THR A 261 -6.02 -22.73 19.08
C THR A 261 -7.02 -21.56 19.23
N LYS A 262 -7.45 -20.91 18.15
CA LYS A 262 -8.57 -19.93 18.22
C LYS A 262 -9.85 -20.73 18.43
N VAL A 263 -10.46 -20.60 19.61
CA VAL A 263 -11.68 -21.36 20.00
C VAL A 263 -12.88 -20.89 19.15
N ASP A 264 -12.84 -19.68 18.62
CA ASP A 264 -13.82 -19.19 17.59
C ASP A 264 -14.05 -20.28 16.53
N ARG A 265 -12.97 -20.94 16.10
CA ARG A 265 -13.03 -21.98 15.04
C ARG A 265 -13.26 -23.37 15.66
N SER A 266 -12.34 -23.85 16.49
CA SER A 266 -12.32 -25.25 16.98
C SER A 266 -13.55 -25.57 17.84
N ALA A 267 -13.97 -24.64 18.70
CA ALA A 267 -15.16 -24.81 19.59
C ALA A 267 -16.45 -24.79 18.74
N SER A 268 -16.49 -24.00 17.67
CA SER A 268 -17.67 -23.92 16.75
C SER A 268 -17.84 -25.29 16.08
N TYR A 269 -16.71 -25.93 15.73
CA TYR A 269 -16.68 -27.29 15.14
C TYR A 269 -17.09 -28.30 16.21
N PHE A 270 -16.45 -28.24 17.37
CA PHE A 270 -16.77 -29.11 18.53
C PHE A 270 -18.28 -29.10 18.81
N ALA A 271 -18.89 -27.91 18.85
CA ALA A 271 -20.33 -27.71 19.14
C ALA A 271 -21.20 -28.31 18.03
N ARG A 272 -20.84 -28.11 16.75
CA ARG A 272 -21.53 -28.73 15.60
C ARG A 272 -21.55 -30.24 15.81
N TRP A 273 -20.38 -30.80 16.11
CA TRP A 273 -20.16 -32.26 16.26
C TRP A 273 -21.12 -32.82 17.32
N ILE A 274 -21.30 -32.09 18.41
CA ILE A 274 -22.25 -32.47 19.51
C ILE A 274 -23.66 -32.43 18.91
N ALA A 275 -24.06 -31.26 18.41
CA ALA A 275 -25.43 -30.98 17.92
C ALA A 275 -25.84 -32.05 16.93
N LYS A 276 -25.00 -32.27 15.93
CA LYS A 276 -25.30 -33.25 14.85
C LYS A 276 -25.55 -34.61 15.48
N ASN A 277 -24.72 -35.00 16.43
CA ASN A 277 -24.77 -36.36 17.03
C ASN A 277 -26.02 -36.45 17.93
N VAL A 278 -26.38 -35.38 18.62
CA VAL A 278 -27.60 -35.35 19.46
C VAL A 278 -28.81 -35.64 18.56
N VAL A 279 -28.94 -34.92 17.44
CA VAL A 279 -30.08 -35.12 16.51
C VAL A 279 -30.02 -36.52 15.89
N ALA A 280 -28.84 -36.98 15.46
CA ALA A 280 -28.65 -38.30 14.80
C ALA A 280 -29.10 -39.42 15.73
N ALA A 281 -28.87 -39.28 17.03
CA ALA A 281 -29.18 -40.28 18.08
C ALA A 281 -30.67 -40.23 18.48
N LYS A 282 -31.48 -39.47 17.75
CA LYS A 282 -32.94 -39.30 17.92
C LYS A 282 -33.28 -38.76 19.31
N LEU A 283 -32.43 -37.91 19.90
CA LEU A 283 -32.72 -37.25 21.19
C LEU A 283 -33.53 -35.97 20.96
N ALA A 284 -33.47 -35.39 19.76
CA ALA A 284 -34.16 -34.12 19.43
C ALA A 284 -34.18 -33.92 17.92
N LYS A 285 -35.17 -33.21 17.40
CA LYS A 285 -35.31 -32.93 15.96
C LYS A 285 -34.37 -31.78 15.64
N GLN A 286 -34.15 -30.86 16.58
CA GLN A 286 -33.18 -29.74 16.48
C GLN A 286 -32.40 -29.61 17.78
N CYS A 287 -31.14 -29.20 17.69
CA CYS A 287 -30.22 -29.02 18.85
C CYS A 287 -29.26 -27.87 18.54
N GLU A 288 -29.21 -26.89 19.44
CA GLU A 288 -28.24 -25.77 19.41
C GLU A 288 -27.48 -25.71 20.73
N ILE A 289 -26.16 -25.55 20.65
CA ILE A 289 -25.23 -25.64 21.80
C ILE A 289 -24.38 -24.37 21.83
N GLN A 290 -24.51 -23.57 22.89
CA GLN A 290 -23.72 -22.34 23.09
C GLN A 290 -22.56 -22.67 24.04
N LEU A 291 -21.33 -22.35 23.64
CA LEU A 291 -20.13 -22.38 24.54
C LEU A 291 -19.58 -20.97 24.63
N ALA A 292 -19.31 -20.50 25.85
CA ALA A 292 -18.59 -19.24 26.16
C ALA A 292 -17.19 -19.56 26.68
N PHE A 293 -16.22 -18.68 26.40
CA PHE A 293 -14.78 -18.84 26.73
C PHE A 293 -14.25 -17.63 27.50
N ALA A 294 -13.20 -17.89 28.28
CA ALA A 294 -12.43 -16.91 29.10
C ALA A 294 -10.95 -17.16 28.89
N ILE A 295 -10.13 -16.12 28.80
CA ILE A 295 -8.67 -16.26 28.51
C ILE A 295 -8.02 -17.02 29.68
N GLY A 296 -7.36 -18.14 29.37
CA GLY A 296 -6.58 -18.95 30.31
C GLY A 296 -7.31 -20.20 30.78
N GLN A 297 -8.61 -20.30 30.52
CA GLN A 297 -9.49 -21.39 31.03
C GLN A 297 -9.51 -22.55 30.05
N PRO A 298 -9.11 -23.77 30.47
CA PRO A 298 -9.00 -24.90 29.54
C PRO A 298 -10.34 -25.48 29.05
N GLN A 299 -11.46 -25.24 29.75
CA GLN A 299 -12.81 -25.67 29.29
C GLN A 299 -13.67 -24.42 29.03
N PRO A 300 -14.80 -24.57 28.30
CA PRO A 300 -15.80 -23.50 28.24
C PRO A 300 -16.20 -23.08 29.64
N VAL A 301 -16.37 -21.77 29.83
CA VAL A 301 -16.70 -21.17 31.14
C VAL A 301 -18.23 -21.23 31.32
N ALA A 302 -18.97 -21.50 30.24
CA ALA A 302 -20.44 -21.68 30.28
C ALA A 302 -20.91 -22.49 29.09
N MET A 303 -22.08 -23.09 29.22
CA MET A 303 -22.70 -24.00 28.23
C MET A 303 -24.24 -23.91 28.33
N TYR A 304 -24.90 -23.85 27.18
CA TYR A 304 -26.38 -23.85 27.05
C TYR A 304 -26.80 -24.86 25.96
N VAL A 305 -27.69 -25.81 26.27
CA VAL A 305 -28.26 -26.79 25.30
C VAL A 305 -29.73 -26.44 25.05
N ASN A 306 -30.01 -25.90 23.86
CA ASN A 306 -31.39 -25.58 23.37
C ASN A 306 -31.83 -26.67 22.40
N THR A 307 -33.04 -27.17 22.59
CA THR A 307 -33.60 -28.33 21.87
C THR A 307 -34.97 -27.94 21.28
N PHE A 308 -35.39 -26.67 21.45
CA PHE A 308 -36.56 -26.03 20.83
C PHE A 308 -37.85 -26.87 21.02
N ASN A 309 -38.02 -27.51 22.17
CA ASN A 309 -39.25 -28.29 22.52
C ASN A 309 -39.45 -29.41 21.50
N THR A 310 -38.34 -29.91 20.94
CA THR A 310 -38.31 -31.05 20.00
C THR A 310 -37.63 -32.25 20.64
N ASN A 311 -37.28 -32.17 21.92
CA ASN A 311 -36.61 -33.28 22.65
C ASN A 311 -37.51 -34.50 22.65
N LEU A 312 -36.97 -35.68 22.33
CA LEU A 312 -37.71 -36.96 22.27
C LEU A 312 -37.50 -37.72 23.60
N ILE A 313 -36.65 -37.21 24.49
CA ILE A 313 -36.52 -37.63 25.92
C ILE A 313 -36.30 -36.36 26.78
N ASP A 314 -36.11 -36.52 28.10
CA ASP A 314 -36.01 -35.39 29.06
C ASP A 314 -34.81 -34.50 28.70
N GLU A 315 -35.00 -33.17 28.68
CA GLU A 315 -33.95 -32.14 28.42
C GLU A 315 -32.75 -32.40 29.34
N THR A 316 -33.02 -32.74 30.60
CA THR A 316 -32.01 -32.97 31.66
C THR A 316 -31.13 -34.16 31.30
N LYS A 317 -31.71 -35.23 30.72
CA LYS A 317 -30.97 -36.48 30.38
C LYS A 317 -30.13 -36.24 29.12
N ILE A 318 -30.58 -35.36 28.21
CA ILE A 318 -29.77 -34.98 27.02
C ILE A 318 -28.49 -34.32 27.52
N PHE A 319 -28.61 -33.37 28.46
CA PHE A 319 -27.51 -32.55 29.02
C PHE A 319 -26.51 -33.50 29.71
N GLU A 320 -27.02 -34.42 30.53
CA GLU A 320 -26.23 -35.49 31.19
C GLU A 320 -25.40 -36.23 30.14
N ALA A 321 -26.05 -36.77 29.11
CA ALA A 321 -25.43 -37.64 28.08
C ALA A 321 -24.34 -36.88 27.31
N ILE A 322 -24.53 -35.59 27.08
CA ILE A 322 -23.52 -34.74 26.38
C ILE A 322 -22.28 -34.62 27.29
N LYS A 323 -22.46 -34.28 28.58
CA LYS A 323 -21.35 -34.08 29.57
C LYS A 323 -20.56 -35.40 29.71
N LYS A 324 -21.25 -36.54 29.69
CA LYS A 324 -20.61 -37.87 29.87
C LYS A 324 -19.95 -38.33 28.57
N SER A 325 -20.44 -37.91 27.39
CA SER A 325 -20.03 -38.48 26.08
C SER A 325 -18.87 -37.70 25.44
N PHE A 326 -18.65 -36.44 25.83
CA PHE A 326 -17.64 -35.54 25.18
C PHE A 326 -16.67 -35.00 26.24
N ASN A 327 -15.41 -34.80 25.85
CA ASN A 327 -14.35 -34.12 26.65
C ASN A 327 -14.34 -32.65 26.21
N PHE A 328 -14.56 -31.75 27.16
CA PHE A 328 -14.75 -30.29 26.97
C PHE A 328 -13.41 -29.56 27.10
N ASP A 329 -12.34 -30.30 27.36
CA ASP A 329 -10.95 -29.77 27.33
C ASP A 329 -10.61 -29.37 25.90
N ILE A 330 -10.21 -28.11 25.72
CA ILE A 330 -9.94 -27.49 24.38
C ILE A 330 -8.83 -28.29 23.67
N LYS A 331 -7.69 -28.54 24.32
CA LYS A 331 -6.56 -29.30 23.70
C LYS A 331 -7.07 -30.68 23.26
N THR A 332 -7.89 -31.33 24.09
CA THR A 332 -8.38 -32.71 23.85
C THR A 332 -9.33 -32.73 22.66
N PHE A 333 -10.35 -31.87 22.63
CA PHE A 333 -11.35 -31.92 21.53
C PHE A 333 -10.64 -31.49 20.23
N ILE A 334 -9.64 -30.61 20.28
CA ILE A 334 -8.83 -30.24 19.09
C ILE A 334 -8.24 -31.52 18.51
N ASN A 335 -7.65 -32.37 19.35
CA ASN A 335 -6.96 -33.61 18.93
C ASN A 335 -8.01 -34.64 18.46
N ASP A 336 -9.15 -34.76 19.15
CA ASP A 336 -10.23 -35.72 18.82
C ASP A 336 -10.80 -35.41 17.43
N LEU A 337 -10.79 -34.15 17.00
CA LEU A 337 -11.29 -33.74 15.66
C LEU A 337 -10.13 -33.61 14.66
N ASN A 338 -8.92 -34.07 15.00
CA ASN A 338 -7.75 -34.05 14.09
C ASN A 338 -7.66 -32.70 13.39
N LEU A 339 -7.86 -31.60 14.13
CA LEU A 339 -7.89 -30.24 13.51
C LEU A 339 -6.49 -29.79 13.07
N TRP A 340 -5.42 -30.39 13.62
CA TRP A 340 -4.02 -30.07 13.24
C TRP A 340 -3.70 -30.64 11.85
N THR A 341 -4.44 -31.65 11.38
CA THR A 341 -4.17 -32.36 10.10
C THR A 341 -5.40 -32.29 9.19
N THR A 342 -6.30 -31.32 9.43
CA THR A 342 -7.52 -31.12 8.61
C THR A 342 -7.21 -30.07 7.54
N LYS A 343 -7.68 -30.27 6.31
CA LYS A 343 -7.54 -29.24 5.26
C LYS A 343 -8.70 -28.26 5.38
N TYR A 344 -8.40 -26.95 5.45
CA TYR A 344 -9.41 -25.90 5.72
C TYR A 344 -9.85 -25.21 4.42
N LEU A 345 -9.05 -25.23 3.36
CA LEU A 345 -9.41 -24.52 2.09
C LEU A 345 -10.76 -25.06 1.61
N PRO A 346 -11.01 -26.39 1.65
CA PRO A 346 -12.27 -26.92 1.14
C PRO A 346 -13.53 -26.38 1.83
N VAL A 347 -13.44 -25.92 3.09
CA VAL A 347 -14.62 -25.37 3.83
C VAL A 347 -14.67 -23.84 3.69
N ALA A 348 -13.76 -23.23 2.92
CA ALA A 348 -13.77 -21.76 2.68
C ALA A 348 -14.82 -21.40 1.62
N THR A 349 -15.41 -22.37 0.95
CA THR A 349 -16.58 -22.19 0.04
C THR A 349 -17.68 -23.16 0.45
N TYR A 350 -18.93 -22.72 0.41
CA TYR A 350 -20.15 -23.57 0.46
C TYR A 350 -20.41 -24.05 1.90
N GLY A 351 -19.81 -23.39 2.88
CA GLY A 351 -20.13 -23.59 4.31
C GLY A 351 -19.20 -24.59 4.98
N HIS A 352 -19.16 -24.56 6.32
CA HIS A 352 -18.24 -25.38 7.14
C HIS A 352 -18.96 -26.64 7.62
N PHE A 353 -20.29 -26.71 7.46
CA PHE A 353 -21.13 -27.72 8.11
C PHE A 353 -22.01 -28.45 7.08
N GLY A 354 -22.35 -29.69 7.45
CA GLY A 354 -23.07 -30.68 6.63
C GLY A 354 -22.45 -30.83 5.26
N ARG A 355 -21.19 -31.24 5.18
CA ARG A 355 -20.56 -31.34 3.85
C ARG A 355 -20.41 -32.82 3.52
N ASP A 356 -21.51 -33.42 3.06
CA ASP A 356 -21.56 -34.86 2.67
C ASP A 356 -20.61 -35.09 1.47
N ASP A 357 -20.20 -34.02 0.79
CA ASP A 357 -19.23 -33.97 -0.34
C ASP A 357 -17.77 -33.90 0.17
N LEU A 358 -17.54 -33.70 1.48
CA LEU A 358 -16.18 -33.69 2.10
C LEU A 358 -16.06 -34.81 3.13
N ASP A 359 -15.06 -34.77 4.00
CA ASP A 359 -14.77 -35.80 5.05
C ASP A 359 -14.36 -35.12 6.37
N LEU A 360 -15.16 -34.20 6.88
CA LEU A 360 -14.83 -33.39 8.09
C LEU A 360 -15.13 -34.22 9.34
N SER A 361 -14.17 -34.29 10.25
CA SER A 361 -14.25 -35.00 11.56
C SER A 361 -15.51 -34.55 12.33
N TRP A 362 -15.82 -33.26 12.32
CA TRP A 362 -16.93 -32.71 13.16
C TRP A 362 -18.29 -33.05 12.55
N GLU A 363 -18.33 -33.65 11.35
CA GLU A 363 -19.58 -34.11 10.70
C GLU A 363 -19.77 -35.63 10.89
N LYS A 364 -18.91 -36.30 11.65
CA LYS A 364 -18.99 -37.78 11.80
C LYS A 364 -20.01 -38.11 12.88
N LEU A 365 -20.88 -39.07 12.60
CA LEU A 365 -21.90 -39.59 13.53
C LEU A 365 -21.29 -40.72 14.39
N ASN A 366 -20.14 -40.46 15.00
CA ASN A 366 -19.33 -41.47 15.76
C ASN A 366 -19.54 -41.26 17.27
N LYS A 367 -20.56 -40.51 17.68
CA LYS A 367 -20.92 -40.32 19.11
C LYS A 367 -22.38 -40.71 19.36
N VAL A 368 -23.07 -41.32 18.40
CA VAL A 368 -24.52 -41.68 18.61
C VAL A 368 -24.56 -42.82 19.64
N GLU A 369 -23.74 -43.85 19.47
CA GLU A 369 -23.60 -45.00 20.41
C GLU A 369 -23.42 -44.47 21.84
N ASP A 370 -22.54 -43.49 22.03
CA ASP A 370 -22.16 -42.98 23.37
C ASP A 370 -23.34 -42.20 23.99
N LEU A 371 -23.99 -41.32 23.23
CA LEU A 371 -25.16 -40.52 23.67
C LEU A 371 -26.33 -41.45 24.05
N ILE A 372 -26.63 -42.47 23.24
CA ILE A 372 -27.76 -43.41 23.51
C ILE A 372 -27.46 -44.10 24.85
N LYS A 373 -26.31 -44.77 24.96
CA LYS A 373 -25.94 -45.45 26.23
C LYS A 373 -26.02 -44.43 27.38
N ASN A 374 -25.41 -43.25 27.25
CA ASN A 374 -25.26 -42.29 28.38
C ASN A 374 -26.54 -41.48 28.63
N SER A 375 -27.69 -41.84 28.03
CA SER A 375 -28.99 -41.13 28.22
C SER A 375 -29.93 -41.98 29.06
N LYS A 376 -29.35 -42.87 29.89
CA LYS A 376 -30.05 -43.98 30.62
C LYS A 376 -30.84 -44.77 29.58
N HIS A 377 -30.26 -44.91 28.38
CA HIS A 377 -30.91 -45.40 27.14
C HIS A 377 -32.15 -44.52 26.82
N LYS B 4 -28.61 -25.88 34.73
CA LYS B 4 -28.80 -24.39 34.65
C LYS B 4 -28.77 -23.91 33.18
N LYS B 5 -29.56 -22.88 32.88
CA LYS B 5 -29.63 -22.22 31.54
C LYS B 5 -28.80 -20.93 31.58
N ILE B 6 -27.59 -20.93 31.00
CA ILE B 6 -26.62 -19.79 31.11
C ILE B 6 -26.34 -19.22 29.70
N ILE B 7 -26.94 -18.08 29.39
CA ILE B 7 -26.73 -17.30 28.14
C ILE B 7 -25.63 -16.27 28.43
N THR B 8 -24.75 -16.00 27.45
CA THR B 8 -23.64 -15.04 27.63
C THR B 8 -23.47 -14.17 26.37
N SER B 9 -23.17 -12.88 26.55
CA SER B 9 -22.94 -11.89 25.46
C SER B 9 -21.70 -11.06 25.80
N GLU B 10 -21.16 -10.33 24.81
CA GLU B 10 -19.92 -9.53 25.01
C GLU B 10 -20.15 -8.13 24.47
N SER B 11 -19.26 -7.20 24.81
CA SER B 11 -19.12 -5.88 24.16
C SER B 11 -17.61 -5.62 23.99
N VAL B 12 -17.23 -4.61 23.20
CA VAL B 12 -15.81 -4.18 23.08
C VAL B 12 -15.80 -2.65 23.10
N GLY B 13 -14.64 -2.11 23.51
CA GLY B 13 -14.43 -0.68 23.69
C GLY B 13 -14.06 -0.01 22.38
N ALA B 14 -13.93 1.32 22.42
CA ALA B 14 -13.64 2.21 21.28
C ALA B 14 -12.22 1.94 20.74
N GLY B 15 -11.31 1.45 21.61
CA GLY B 15 -9.89 1.17 21.30
C GLY B 15 -9.67 -0.21 20.72
N HIS B 16 -10.70 -1.04 20.65
CA HIS B 16 -10.63 -2.41 20.08
C HIS B 16 -10.43 -2.22 18.58
N PRO B 17 -9.52 -2.95 17.92
CA PRO B 17 -9.19 -2.66 16.54
C PRO B 17 -10.39 -2.89 15.59
N ASP B 18 -11.18 -3.94 15.79
CA ASP B 18 -12.40 -4.24 14.99
C ASP B 18 -13.28 -2.98 15.11
N LYS B 19 -13.39 -2.35 16.28
CA LYS B 19 -14.33 -1.20 16.49
C LYS B 19 -13.70 0.13 16.02
N ILE B 20 -12.38 0.27 16.04
CA ILE B 20 -11.68 1.44 15.43
C ILE B 20 -12.15 1.50 13.96
N CYS B 21 -12.11 0.38 13.24
CA CYS B 21 -12.49 0.28 11.82
C CYS B 21 -13.96 0.66 11.64
N ASP B 22 -14.87 0.16 12.49
CA ASP B 22 -16.31 0.50 12.41
C ASP B 22 -16.46 2.00 12.60
N GLN B 23 -15.70 2.57 13.55
CA GLN B 23 -15.76 4.03 13.85
C GLN B 23 -15.29 4.82 12.63
N ILE B 24 -14.18 4.45 12.03
CA ILE B 24 -13.62 5.17 10.85
C ILE B 24 -14.62 5.04 9.69
N SER B 25 -15.17 3.86 9.47
CA SER B 25 -16.19 3.60 8.42
C SER B 25 -17.37 4.57 8.59
N ASP B 26 -17.90 4.71 9.79
CA ASP B 26 -19.13 5.51 10.02
C ASP B 26 -18.79 6.99 10.07
N ALA B 27 -17.57 7.37 10.47
CA ALA B 27 -17.18 8.80 10.55
C ALA B 27 -17.13 9.37 9.13
N ILE B 28 -16.60 8.58 8.19
CA ILE B 28 -16.48 8.91 6.74
C ILE B 28 -17.88 9.02 6.17
N LEU B 29 -18.77 8.08 6.51
CA LEU B 29 -20.20 8.13 6.10
C LEU B 29 -20.82 9.45 6.63
N ASP B 30 -20.66 9.76 7.93
CA ASP B 30 -21.26 10.98 8.55
C ASP B 30 -20.75 12.24 7.86
N GLU B 31 -19.47 12.25 7.50
CA GLU B 31 -18.78 13.39 6.83
C GLU B 31 -19.44 13.61 5.45
N CYS B 32 -19.78 12.53 4.76
CA CYS B 32 -20.40 12.57 3.42
C CYS B 32 -21.84 13.07 3.56
N LEU B 33 -22.63 12.51 4.48
CA LEU B 33 -24.08 12.81 4.63
C LEU B 33 -24.28 14.23 5.16
N SER B 34 -23.30 14.78 5.89
CA SER B 34 -23.28 16.20 6.30
C SER B 34 -23.51 17.09 5.09
N GLN B 35 -22.74 16.85 4.02
CA GLN B 35 -22.60 17.77 2.87
C GLN B 35 -23.57 17.38 1.74
N ASP B 36 -23.82 16.09 1.56
CA ASP B 36 -24.61 15.50 0.44
C ASP B 36 -25.48 14.37 0.99
N GLN B 37 -26.78 14.62 1.17
CA GLN B 37 -27.75 13.64 1.70
C GLN B 37 -28.07 12.58 0.64
N ASN B 38 -27.52 12.69 -0.58
CA ASN B 38 -27.67 11.64 -1.62
C ASN B 38 -26.42 10.80 -1.80
N SER B 39 -25.46 10.88 -0.89
CA SER B 39 -24.17 10.14 -0.96
C SER B 39 -24.43 8.63 -0.97
N ARG B 40 -23.71 7.90 -1.81
CA ARG B 40 -23.59 6.42 -1.77
C ARG B 40 -22.23 6.07 -1.18
N VAL B 41 -22.22 5.37 -0.04
CA VAL B 41 -20.97 5.10 0.73
C VAL B 41 -20.95 3.62 1.08
N ALA B 42 -19.90 2.91 0.68
CA ALA B 42 -19.64 1.50 1.06
C ALA B 42 -18.16 1.42 1.43
N CYS B 43 -17.83 1.90 2.63
CA CYS B 43 -16.45 2.19 3.05
C CYS B 43 -16.01 1.16 4.09
N GLU B 44 -14.95 0.42 3.78
CA GLU B 44 -14.39 -0.67 4.59
C GLU B 44 -13.00 -0.27 5.05
N VAL B 45 -12.57 -0.71 6.22
CA VAL B 45 -11.23 -0.35 6.78
C VAL B 45 -10.54 -1.60 7.31
N LEU B 46 -9.25 -1.75 6.97
CA LEU B 46 -8.34 -2.77 7.55
C LEU B 46 -7.32 -2.02 8.44
N ALA B 47 -7.22 -2.45 9.70
CA ALA B 47 -6.20 -1.94 10.64
C ALA B 47 -5.28 -3.10 10.97
N CYS B 48 -4.09 -3.12 10.39
CA CYS B 48 -3.13 -4.24 10.54
C CYS B 48 -1.81 -3.70 11.06
N ASN B 49 -1.53 -3.91 12.34
CA ASN B 49 -0.31 -3.45 13.05
C ASN B 49 -0.30 -1.91 13.01
N ARG B 50 0.49 -1.31 12.13
CA ARG B 50 0.69 0.15 12.10
C ARG B 50 0.34 0.67 10.70
N LEU B 51 -0.40 -0.13 9.93
CA LEU B 51 -0.97 0.26 8.60
C LEU B 51 -2.48 0.20 8.69
N ILE B 52 -3.13 1.29 8.30
CA ILE B 52 -4.61 1.39 8.17
C ILE B 52 -4.92 1.65 6.70
N VAL B 53 -5.67 0.75 6.07
CA VAL B 53 -6.12 0.86 4.66
C VAL B 53 -7.62 1.18 4.68
N ILE B 54 -7.99 2.34 4.16
CA ILE B 54 -9.42 2.72 3.95
C ILE B 54 -9.78 2.42 2.51
N ALA B 55 -10.84 1.66 2.28
CA ALA B 55 -11.22 1.17 0.94
C ALA B 55 -12.73 1.34 0.75
N GLY B 56 -13.22 1.02 -0.44
CA GLY B 56 -14.64 0.99 -0.74
C GLY B 56 -15.00 1.95 -1.84
N GLU B 57 -16.28 2.25 -1.93
CA GLU B 57 -16.94 2.81 -3.13
C GLU B 57 -17.73 4.01 -2.62
N ILE B 58 -17.38 5.23 -3.02
CA ILE B 58 -18.11 6.45 -2.60
C ILE B 58 -18.52 7.24 -3.84
N THR B 59 -19.80 7.65 -3.88
CA THR B 59 -20.36 8.64 -4.82
C THR B 59 -20.93 9.80 -3.99
N THR B 60 -20.32 11.00 -4.08
CA THR B 60 -20.65 12.16 -3.22
C THR B 60 -20.21 13.48 -3.86
N HIS B 61 -20.98 14.55 -3.66
CA HIS B 61 -20.57 15.96 -3.93
C HIS B 61 -19.73 16.52 -2.77
N ALA B 62 -19.60 15.79 -1.67
CA ALA B 62 -18.95 16.26 -0.43
C ALA B 62 -17.44 16.25 -0.59
N TYR B 63 -16.74 17.27 -0.08
CA TYR B 63 -15.27 17.24 0.09
C TYR B 63 -14.99 16.39 1.35
N VAL B 64 -14.30 15.26 1.20
CA VAL B 64 -13.93 14.32 2.30
C VAL B 64 -12.47 13.91 2.15
N ASP B 65 -11.70 14.11 3.21
CA ASP B 65 -10.31 13.60 3.35
C ASP B 65 -10.46 12.40 4.29
N VAL B 66 -10.47 11.21 3.69
CA VAL B 66 -10.75 9.93 4.38
C VAL B 66 -9.64 9.69 5.40
N VAL B 67 -8.39 9.99 5.06
CA VAL B 67 -7.21 9.84 5.96
C VAL B 67 -7.33 10.80 7.15
N LYS B 68 -7.60 12.07 6.89
CA LYS B 68 -7.82 13.12 7.93
C LYS B 68 -8.93 12.65 8.88
N THR B 69 -10.04 12.15 8.34
CA THR B 69 -11.20 11.65 9.14
C THR B 69 -10.76 10.47 10.01
N ALA B 70 -9.93 9.60 9.48
CA ALA B 70 -9.41 8.42 10.21
C ALA B 70 -8.59 8.88 11.41
N TRP B 71 -7.71 9.87 11.21
CA TRP B 71 -6.89 10.44 12.31
C TRP B 71 -7.80 11.08 13.37
N GLU B 72 -8.93 11.67 12.99
CA GLU B 72 -9.89 12.30 13.95
C GLU B 72 -10.51 11.25 14.88
N ILE B 73 -10.55 9.98 14.47
CA ILE B 73 -11.05 8.86 15.32
C ILE B 73 -9.90 8.30 16.18
N ILE B 74 -8.70 8.23 15.60
CA ILE B 74 -7.53 7.55 16.20
C ILE B 74 -6.97 8.41 17.32
N LYS B 75 -6.73 9.70 17.06
CA LYS B 75 -5.94 10.57 17.98
C LYS B 75 -6.59 10.62 19.36
N PRO B 76 -7.92 10.83 19.51
CA PRO B 76 -8.56 10.81 20.83
C PRO B 76 -8.38 9.53 21.65
N LEU B 77 -8.08 8.39 21.00
CA LEU B 77 -7.82 7.11 21.70
C LEU B 77 -6.40 7.09 22.25
N GLY B 78 -5.57 8.11 22.00
CA GLY B 78 -4.25 8.30 22.65
C GLY B 78 -3.07 8.20 21.68
N TYR B 79 -3.31 7.83 20.41
CA TYR B 79 -2.27 7.67 19.36
C TYR B 79 -1.94 9.05 18.77
N ASP B 80 -0.75 9.18 18.17
CA ASP B 80 -0.26 10.41 17.50
C ASP B 80 0.13 10.08 16.05
N GLU B 81 0.60 11.07 15.29
CA GLU B 81 0.95 10.93 13.85
C GLU B 81 2.09 9.92 13.65
N ASN B 82 2.82 9.53 14.70
CA ASN B 82 4.01 8.63 14.62
C ASN B 82 3.60 7.16 14.70
N ASP B 83 2.35 6.85 15.02
CA ASP B 83 1.93 5.47 15.37
C ASP B 83 1.48 4.72 14.12
N PHE B 84 0.88 5.39 13.13
CA PHE B 84 0.28 4.74 11.94
C PHE B 84 0.70 5.41 10.65
N THR B 85 0.72 4.57 9.61
CA THR B 85 0.60 4.95 8.19
C THR B 85 -0.85 4.70 7.80
N ILE B 86 -1.54 5.68 7.25
CA ILE B 86 -2.97 5.55 6.88
C ILE B 86 -3.10 5.87 5.39
N ILE B 87 -3.57 4.90 4.59
CA ILE B 87 -3.70 5.06 3.12
C ILE B 87 -5.12 4.71 2.68
N SER B 88 -5.56 5.35 1.60
CA SER B 88 -6.88 5.15 0.95
C SER B 88 -6.72 4.47 -0.41
N ASN B 89 -7.50 3.44 -0.70
CA ASN B 89 -7.78 2.96 -2.09
C ASN B 89 -9.28 3.13 -2.38
N VAL B 90 -9.94 4.06 -1.71
CA VAL B 90 -11.38 4.39 -1.94
C VAL B 90 -11.55 4.91 -3.37
N ASN B 91 -12.53 4.39 -4.09
CA ASN B 91 -12.90 4.81 -5.48
C ASN B 91 -14.00 5.85 -5.38
N LYS B 92 -13.63 7.13 -5.43
CA LYS B 92 -14.46 8.34 -5.11
C LYS B 92 -14.96 8.95 -6.43
N GLN B 93 -16.23 9.36 -6.52
CA GLN B 93 -16.81 9.97 -7.75
C GLN B 93 -17.87 11.03 -7.40
N SER B 94 -18.30 11.82 -8.39
CA SER B 94 -19.49 12.70 -8.36
C SER B 94 -20.59 12.13 -9.26
N VAL B 95 -21.78 12.74 -9.24
CA VAL B 95 -22.96 12.42 -10.09
C VAL B 95 -23.06 13.47 -11.21
N LEU B 108 -31.24 3.19 -10.47
CA LEU B 108 -31.67 1.88 -9.92
C LEU B 108 -32.89 2.11 -9.02
N ILE B 109 -33.86 1.18 -9.08
CA ILE B 109 -35.14 1.16 -8.29
C ILE B 109 -35.10 -0.05 -7.34
N GLY B 110 -35.43 0.16 -6.06
CA GLY B 110 -35.60 -0.91 -5.06
C GLY B 110 -34.28 -1.34 -4.47
N ALA B 111 -34.26 -2.48 -3.79
CA ALA B 111 -33.06 -3.04 -3.12
C ALA B 111 -31.88 -3.08 -4.10
N GLY B 112 -30.68 -2.76 -3.59
CA GLY B 112 -29.42 -2.83 -4.34
C GLY B 112 -28.68 -4.15 -4.14
N ASP B 113 -29.16 -5.01 -3.24
CA ASP B 113 -28.52 -6.31 -2.91
C ASP B 113 -29.60 -7.35 -2.57
N GLN B 114 -29.26 -8.63 -2.75
CA GLN B 114 -30.03 -9.75 -2.16
C GLN B 114 -29.60 -9.83 -0.69
N GLY B 115 -30.34 -10.58 0.14
CA GLY B 115 -29.89 -10.85 1.51
C GLY B 115 -31.02 -10.94 2.51
N ILE B 116 -30.68 -11.29 3.75
CA ILE B 116 -31.65 -11.47 4.85
C ILE B 116 -31.19 -10.56 5.99
N VAL B 117 -32.15 -9.97 6.71
CA VAL B 117 -31.89 -9.23 7.98
C VAL B 117 -32.83 -9.76 9.06
N PHE B 118 -32.51 -9.51 10.32
CA PHE B 118 -33.32 -9.93 11.49
C PHE B 118 -33.43 -8.74 12.47
N GLY B 119 -34.66 -8.37 12.82
CA GLY B 119 -34.97 -7.47 13.95
C GLY B 119 -35.39 -8.27 15.16
N TYR B 120 -35.03 -7.85 16.36
CA TYR B 120 -35.29 -8.61 17.62
C TYR B 120 -35.59 -7.64 18.75
N ALA B 121 -36.50 -8.04 19.65
CA ALA B 121 -36.84 -7.26 20.86
C ALA B 121 -37.36 -8.21 21.93
N CYS B 122 -37.17 -7.85 23.19
CA CYS B 122 -37.68 -8.62 24.37
C CYS B 122 -37.96 -7.63 25.50
N ASP B 123 -38.48 -8.10 26.63
CA ASP B 123 -38.96 -7.24 27.73
C ASP B 123 -38.07 -7.35 28.97
N GLU B 124 -36.84 -7.83 28.86
CA GLU B 124 -35.93 -8.07 30.02
C GLU B 124 -35.38 -6.74 30.54
N THR B 125 -35.31 -5.70 29.70
CA THR B 125 -34.67 -4.41 30.07
C THR B 125 -35.52 -3.24 29.58
N PRO B 126 -35.36 -2.04 30.20
CA PRO B 126 -35.98 -0.82 29.66
C PRO B 126 -35.62 -0.59 28.18
N GLN B 127 -34.47 -1.10 27.73
CA GLN B 127 -33.96 -0.97 26.34
C GLN B 127 -34.71 -1.92 25.39
N TYR B 128 -35.56 -2.80 25.91
CA TYR B 128 -36.20 -3.93 25.19
C TYR B 128 -35.12 -4.75 24.48
N MET B 129 -34.03 -5.05 25.19
CA MET B 129 -32.86 -5.84 24.72
C MET B 129 -32.54 -6.95 25.71
N PRO B 130 -31.83 -8.02 25.29
CA PRO B 130 -31.33 -9.03 26.20
C PRO B 130 -30.45 -8.43 27.29
N LEU B 131 -30.61 -8.92 28.51
CA LEU B 131 -29.88 -8.42 29.71
C LEU B 131 -28.38 -8.61 29.50
N THR B 132 -27.96 -9.73 28.90
CA THR B 132 -26.53 -10.06 28.68
C THR B 132 -25.87 -8.89 27.94
N SER B 133 -26.44 -8.46 26.80
CA SER B 133 -26.00 -7.30 25.97
C SER B 133 -25.92 -6.05 26.83
N VAL B 134 -27.05 -5.65 27.42
CA VAL B 134 -27.14 -4.35 28.13
C VAL B 134 -26.01 -4.32 29.15
N LEU B 135 -25.87 -5.36 29.99
CA LEU B 135 -24.87 -5.33 31.08
C LEU B 135 -23.48 -5.21 30.46
N ALA B 136 -23.22 -5.92 29.37
CA ALA B 136 -21.88 -5.95 28.74
C ALA B 136 -21.52 -4.53 28.22
N HIS B 137 -22.44 -3.88 27.52
CA HIS B 137 -22.26 -2.52 26.99
C HIS B 137 -22.04 -1.56 28.17
N GLU B 138 -22.91 -1.59 29.18
CA GLU B 138 -22.96 -0.63 30.31
C GLU B 138 -21.64 -0.63 31.09
N LEU B 139 -21.09 -1.81 31.33
CA LEU B 139 -19.77 -2.03 31.97
C LEU B 139 -18.74 -1.18 31.21
N LEU B 140 -18.62 -1.35 29.91
CA LEU B 140 -17.56 -0.69 29.12
C LEU B 140 -17.85 0.82 29.05
N LYS B 141 -19.11 1.25 28.93
CA LYS B 141 -19.42 2.69 28.87
C LYS B 141 -18.99 3.39 30.18
N GLU B 142 -19.22 2.76 31.33
CA GLU B 142 -18.91 3.32 32.67
C GLU B 142 -17.39 3.36 32.83
N ILE B 143 -16.69 2.28 32.46
CA ILE B 143 -15.20 2.26 32.49
C ILE B 143 -14.68 3.41 31.61
N GLU B 144 -15.25 3.62 30.43
CA GLU B 144 -14.81 4.65 29.44
C GLU B 144 -15.15 6.03 30.02
N ARG B 145 -16.32 6.21 30.61
CA ARG B 145 -16.68 7.51 31.22
C ARG B 145 -15.63 7.83 32.30
N GLN B 146 -15.25 6.84 33.12
CA GLN B 146 -14.30 7.02 34.24
C GLN B 146 -12.88 7.29 33.73
N ARG B 147 -12.52 6.71 32.58
CA ARG B 147 -11.20 6.94 31.92
C ARG B 147 -11.13 8.41 31.53
N ARG B 148 -12.19 8.93 30.89
CA ARG B 148 -12.29 10.33 30.36
C ARG B 148 -12.27 11.37 31.49
N SER B 149 -12.88 11.08 32.64
CA SER B 149 -12.97 12.00 33.80
C SER B 149 -11.79 11.79 34.77
N LYS B 150 -10.90 10.85 34.45
CA LYS B 150 -9.71 10.45 35.28
C LYS B 150 -10.15 10.01 36.69
N GLU B 151 -11.36 9.45 36.80
CA GLU B 151 -11.88 8.69 37.97
C GLU B 151 -11.18 7.33 38.05
N PHE B 152 -10.88 6.74 36.90
CA PHE B 152 -10.12 5.46 36.79
C PHE B 152 -8.87 5.78 35.98
N ILE B 153 -7.71 5.85 36.63
CA ILE B 153 -6.43 6.26 35.99
C ILE B 153 -5.65 5.02 35.49
N LYS B 154 -4.64 5.28 34.67
CA LYS B 154 -3.64 4.29 34.17
C LYS B 154 -4.34 3.15 33.40
N ILE B 155 -5.43 3.47 32.68
CA ILE B 155 -6.04 2.53 31.69
C ILE B 155 -6.13 3.21 30.31
N GLN B 156 -6.38 2.42 29.28
CA GLN B 156 -6.47 2.87 27.87
C GLN B 156 -7.81 2.40 27.31
N ALA B 157 -8.03 2.61 26.02
CA ALA B 157 -9.34 2.60 25.39
C ALA B 157 -9.67 1.20 24.85
N ASP B 158 -8.69 0.33 24.58
CA ASP B 158 -8.99 -1.07 24.14
C ASP B 158 -9.49 -1.84 25.38
N MET B 159 -10.72 -2.36 25.33
CA MET B 159 -11.31 -3.16 26.43
C MET B 159 -12.39 -4.10 25.87
N LYS B 160 -12.72 -5.13 26.64
CA LYS B 160 -13.72 -6.16 26.29
C LYS B 160 -14.51 -6.49 27.55
N SER B 161 -15.79 -6.77 27.43
CA SER B 161 -16.62 -7.28 28.55
C SER B 161 -17.32 -8.53 28.06
N GLN B 162 -17.72 -9.39 28.99
CA GLN B 162 -18.50 -10.60 28.67
C GLN B 162 -19.33 -10.93 29.92
N VAL B 163 -20.64 -11.01 29.76
CA VAL B 163 -21.60 -11.18 30.89
C VAL B 163 -22.42 -12.43 30.64
N SER B 164 -22.38 -13.38 31.57
CA SER B 164 -23.15 -14.64 31.60
C SER B 164 -24.30 -14.48 32.57
N ILE B 165 -25.52 -14.73 32.13
CA ILE B 165 -26.72 -14.63 33.00
C ILE B 165 -27.39 -16.01 33.08
N ASP B 166 -27.81 -16.36 34.28
CA ASP B 166 -28.48 -17.63 34.63
C ASP B 166 -30.00 -17.41 34.55
N TYR B 167 -30.66 -17.99 33.53
CA TYR B 167 -32.11 -17.86 33.25
C TYR B 167 -32.87 -19.12 33.69
N SER B 168 -32.36 -19.86 34.69
CA SER B 168 -32.93 -21.15 35.16
C SER B 168 -34.31 -20.91 35.76
N ASN B 169 -34.54 -19.73 36.33
CA ASN B 169 -35.76 -19.40 37.12
C ASN B 169 -36.45 -18.19 36.50
N SER B 170 -37.64 -17.89 37.02
CA SER B 170 -38.47 -16.69 36.71
C SER B 170 -37.57 -15.45 36.68
N THR B 171 -36.71 -15.32 37.72
CA THR B 171 -35.83 -14.16 37.99
C THR B 171 -34.42 -14.48 37.46
N PRO B 172 -33.89 -13.68 36.51
CA PRO B 172 -32.50 -13.82 36.12
C PRO B 172 -31.51 -13.47 37.24
N LEU B 173 -30.50 -14.32 37.45
CA LEU B 173 -29.28 -14.06 38.25
C LEU B 173 -28.14 -13.72 37.30
N ILE B 174 -27.18 -12.88 37.71
CA ILE B 174 -25.85 -12.77 37.05
C ILE B 174 -24.98 -13.94 37.54
N GLU B 175 -24.38 -14.67 36.62
CA GLU B 175 -23.51 -15.82 36.92
C GLU B 175 -22.06 -15.32 36.96
N THR B 176 -21.64 -14.64 35.89
CA THR B 176 -20.26 -14.11 35.71
C THR B 176 -20.28 -12.77 34.96
N MET B 177 -19.47 -11.82 35.40
CA MET B 177 -19.05 -10.63 34.62
C MET B 177 -17.55 -10.80 34.39
N LEU B 178 -17.12 -10.67 33.15
CA LEU B 178 -15.70 -10.71 32.76
C LEU B 178 -15.38 -9.37 32.16
N VAL B 179 -14.22 -8.80 32.53
CA VAL B 179 -13.70 -7.56 31.90
C VAL B 179 -12.21 -7.75 31.57
N SER B 180 -11.78 -7.27 30.41
CA SER B 180 -10.36 -7.09 30.03
C SER B 180 -10.14 -5.63 29.64
N ILE B 181 -9.27 -4.91 30.35
CA ILE B 181 -8.97 -3.47 30.05
C ILE B 181 -7.47 -3.29 29.90
N GLN B 182 -7.06 -2.72 28.76
CA GLN B 182 -5.70 -2.24 28.46
C GLN B 182 -5.27 -1.29 29.58
N HIS B 183 -4.09 -1.56 30.16
CA HIS B 183 -3.55 -0.80 31.31
C HIS B 183 -2.13 -0.33 30.98
N ASP B 184 -1.70 0.71 31.68
CA ASP B 184 -0.33 1.26 31.60
C ASP B 184 0.62 0.25 32.25
N GLU B 185 1.88 0.23 31.81
CA GLU B 185 2.97 -0.66 32.34
C GLU B 185 2.98 -0.61 33.87
N ASP B 186 2.85 0.59 34.45
CA ASP B 186 3.15 0.87 35.87
C ASP B 186 1.88 0.96 36.71
N TYR B 187 0.80 0.28 36.33
CA TYR B 187 -0.48 0.26 37.07
C TYR B 187 -0.33 -0.49 38.39
N ASP B 188 -1.25 -0.25 39.32
CA ASP B 188 -1.38 -0.99 40.60
C ASP B 188 -2.53 -2.00 40.41
N VAL B 189 -2.23 -3.31 40.40
CA VAL B 189 -3.21 -4.41 40.21
C VAL B 189 -4.36 -4.26 41.23
N GLU B 190 -4.01 -4.03 42.48
CA GLU B 190 -4.98 -4.01 43.60
C GLU B 190 -5.97 -2.88 43.36
N TYR B 191 -5.48 -1.69 42.97
CA TYR B 191 -6.30 -0.51 42.58
C TYR B 191 -7.21 -0.89 41.41
N PHE B 192 -6.63 -1.42 40.34
CA PHE B 192 -7.29 -1.76 39.07
C PHE B 192 -8.43 -2.75 39.33
N ASN B 193 -8.16 -3.81 40.11
CA ASN B 193 -9.15 -4.89 40.40
C ASN B 193 -10.29 -4.32 41.26
N LYS B 194 -9.97 -3.43 42.21
CA LYS B 194 -10.96 -2.76 43.11
C LYS B 194 -11.87 -1.87 42.25
N LYS B 195 -11.30 -1.13 41.30
CA LYS B 195 -12.05 -0.21 40.41
C LYS B 195 -13.03 -1.03 39.57
N VAL B 196 -12.54 -2.09 38.91
CA VAL B 196 -13.39 -2.99 38.06
C VAL B 196 -14.49 -3.65 38.91
N SER B 197 -14.19 -4.20 40.10
CA SER B 197 -15.18 -4.88 40.99
C SER B 197 -16.34 -3.94 41.29
N ALA B 198 -16.02 -2.72 41.71
CA ALA B 198 -16.96 -1.66 42.14
C ALA B 198 -17.82 -1.25 40.93
N ILE B 199 -17.22 -1.19 39.75
CA ILE B 199 -17.97 -0.87 38.50
C ILE B 199 -18.95 -2.01 38.18
N MET B 200 -18.53 -3.26 38.36
CA MET B 200 -19.38 -4.47 38.13
C MET B 200 -20.58 -4.47 39.08
N GLU B 201 -20.33 -4.16 40.34
CA GLU B 201 -21.37 -4.10 41.41
C GLU B 201 -22.31 -2.93 41.11
N GLN B 202 -21.79 -1.82 40.60
CA GLN B 202 -22.58 -0.59 40.30
C GLN B 202 -23.57 -0.92 39.18
N ILE B 203 -23.11 -1.57 38.11
CA ILE B 203 -23.95 -1.97 36.94
C ILE B 203 -25.02 -2.98 37.38
N ALA B 204 -24.65 -3.99 38.16
CA ALA B 204 -25.59 -4.95 38.79
C ALA B 204 -26.67 -4.18 39.56
N LYS B 205 -26.30 -3.29 40.49
CA LYS B 205 -27.25 -2.53 41.34
C LYS B 205 -28.20 -1.71 40.46
N LYS B 206 -27.68 -1.20 39.34
CA LYS B 206 -28.43 -0.31 38.42
C LYS B 206 -29.60 -1.06 37.75
N TYR B 207 -29.46 -2.37 37.47
CA TYR B 207 -30.52 -3.24 36.88
C TYR B 207 -31.15 -4.12 37.97
N ASN B 208 -30.96 -3.78 39.25
CA ASN B 208 -31.59 -4.42 40.43
C ASN B 208 -31.32 -5.93 40.43
N LEU B 209 -30.07 -6.33 40.18
CA LEU B 209 -29.66 -7.75 40.09
C LEU B 209 -28.82 -8.12 41.30
N ASN B 210 -28.50 -9.40 41.42
CA ASN B 210 -27.62 -9.94 42.48
C ASN B 210 -26.22 -9.32 42.33
N THR B 211 -25.48 -9.32 43.43
CA THR B 211 -24.24 -8.56 43.67
C THR B 211 -23.11 -9.57 43.90
N ASN B 212 -23.49 -10.82 44.20
CA ASN B 212 -22.56 -11.93 44.48
C ASN B 212 -22.56 -12.80 43.24
N PHE B 213 -21.75 -12.43 42.27
CA PHE B 213 -21.43 -13.24 41.06
C PHE B 213 -19.90 -13.40 40.98
N LYS B 214 -19.44 -14.25 40.08
CA LYS B 214 -18.00 -14.47 39.76
C LYS B 214 -17.48 -13.26 38.98
N LYS B 215 -16.36 -12.68 39.41
CA LYS B 215 -15.71 -11.51 38.76
C LYS B 215 -14.37 -11.97 38.18
N ILE B 216 -14.21 -11.87 36.87
CA ILE B 216 -12.98 -12.28 36.14
C ILE B 216 -12.37 -11.02 35.51
N ILE B 217 -11.24 -10.57 36.03
CA ILE B 217 -10.65 -9.24 35.73
C ILE B 217 -9.26 -9.45 35.13
N ASN B 218 -9.09 -9.05 33.87
CA ASN B 218 -7.81 -9.18 33.14
C ASN B 218 -7.21 -10.58 33.44
N SER B 219 -7.86 -11.65 32.94
CA SER B 219 -7.49 -13.07 33.24
C SER B 219 -6.22 -13.43 32.46
N SER B 220 -5.96 -12.75 31.34
CA SER B 220 -4.73 -12.93 30.51
C SER B 220 -3.48 -12.65 31.35
N GLY B 221 -3.61 -11.86 32.43
CA GLY B 221 -2.49 -11.54 33.35
C GLY B 221 -1.74 -10.28 32.94
N ARG B 222 -1.92 -9.77 31.71
CA ARG B 222 -1.16 -8.60 31.16
C ARG B 222 -1.79 -8.13 29.85
N PHE B 223 -2.05 -6.83 29.74
CA PHE B 223 -2.72 -6.18 28.59
C PHE B 223 -2.17 -4.77 28.46
N VAL B 224 -0.92 -4.61 28.04
CA VAL B 224 -0.29 -3.28 27.79
C VAL B 224 -0.46 -2.91 26.32
N ILE B 225 -0.13 -3.83 25.41
CA ILE B 225 -0.28 -3.59 23.95
C ILE B 225 -1.75 -3.89 23.58
N GLY B 226 -2.30 -3.06 22.71
CA GLY B 226 -3.72 -3.11 22.34
C GLY B 226 -3.95 -2.40 21.04
N GLY B 227 -5.21 -2.13 20.71
CA GLY B 227 -5.58 -1.58 19.39
C GLY B 227 -5.11 -2.51 18.27
N PRO B 228 -4.71 -1.95 17.08
CA PRO B 228 -4.21 -2.77 15.98
C PRO B 228 -2.77 -3.28 16.16
N ILE B 229 -2.02 -2.75 17.16
CA ILE B 229 -0.57 -3.02 17.31
C ILE B 229 -0.44 -4.54 17.46
N GLY B 230 0.39 -5.16 16.63
CA GLY B 230 0.66 -6.60 16.64
C GLY B 230 -0.59 -7.44 16.45
N ASP B 231 -1.62 -6.85 15.83
CA ASP B 231 -2.96 -7.44 15.69
C ASP B 231 -3.59 -7.01 14.35
N THR B 232 -4.85 -7.40 14.11
CA THR B 232 -5.69 -6.92 13.00
C THR B 232 -7.07 -6.51 13.50
N GLY B 233 -7.65 -5.50 12.84
CA GLY B 233 -9.08 -5.14 12.91
C GLY B 233 -9.62 -4.95 11.48
N LEU B 234 -10.91 -5.19 11.30
CA LEU B 234 -11.59 -4.95 10.01
C LEU B 234 -12.99 -4.43 10.31
N THR B 235 -13.55 -3.65 9.39
CA THR B 235 -14.97 -3.22 9.44
C THR B 235 -15.83 -4.48 9.45
N GLY B 236 -16.90 -4.47 10.27
CA GLY B 236 -17.97 -5.49 10.27
C GLY B 236 -17.49 -6.84 10.75
N ARG B 237 -16.64 -6.85 11.78
CA ARG B 237 -16.21 -8.14 12.42
C ARG B 237 -16.67 -8.17 13.88
N LYS B 238 -17.65 -7.35 14.21
CA LYS B 238 -18.32 -7.31 15.54
C LYS B 238 -19.83 -7.23 15.30
N ILE B 239 -20.35 -8.06 14.37
CA ILE B 239 -21.75 -7.92 13.89
C ILE B 239 -22.71 -8.45 14.95
N ILE B 240 -22.23 -9.28 15.90
CA ILE B 240 -23.07 -9.79 17.02
C ILE B 240 -23.04 -8.78 18.17
N VAL B 241 -21.88 -8.23 18.52
CA VAL B 241 -21.79 -7.11 19.48
C VAL B 241 -22.71 -5.97 19.01
N ASP B 242 -22.72 -5.71 17.69
CA ASP B 242 -23.47 -4.61 17.04
C ASP B 242 -24.98 -4.87 17.13
N THR B 243 -25.42 -6.10 17.30
CA THR B 243 -26.85 -6.49 17.21
C THR B 243 -27.37 -7.02 18.54
N TYR B 244 -27.61 -8.33 18.66
CA TYR B 244 -28.38 -8.90 19.80
C TYR B 244 -27.57 -9.90 20.65
N GLY B 245 -26.25 -9.90 20.55
CA GLY B 245 -25.36 -10.63 21.46
C GLY B 245 -25.65 -12.13 21.50
N GLY B 246 -26.11 -12.69 20.38
CA GLY B 246 -26.29 -14.15 20.19
C GLY B 246 -27.69 -14.61 20.55
N VAL B 247 -28.54 -13.71 21.04
CA VAL B 247 -29.92 -14.04 21.46
C VAL B 247 -30.82 -14.00 20.23
N GLY B 248 -30.65 -12.97 19.42
CA GLY B 248 -31.29 -12.82 18.11
C GLY B 248 -30.45 -13.43 17.02
N HIS B 249 -31.11 -13.96 15.98
CA HIS B 249 -30.45 -14.45 14.75
C HIS B 249 -29.83 -13.27 14.00
N HIS B 250 -29.02 -13.59 12.98
CA HIS B 250 -28.30 -12.61 12.13
C HIS B 250 -28.27 -13.10 10.68
N GLY B 251 -28.39 -12.18 9.72
CA GLY B 251 -28.38 -12.45 8.28
C GLY B 251 -26.99 -12.37 7.66
N GLY B 252 -26.04 -11.75 8.36
CA GLY B 252 -24.63 -11.70 7.95
C GLY B 252 -24.15 -10.30 7.55
N GLY B 253 -25.07 -9.36 7.31
CA GLY B 253 -24.73 -7.99 6.87
C GLY B 253 -24.12 -7.14 7.99
N ALA B 254 -23.02 -6.46 7.70
CA ALA B 254 -22.38 -5.49 8.61
C ALA B 254 -23.01 -4.12 8.36
N PHE B 255 -23.01 -3.23 9.35
CA PHE B 255 -23.71 -1.93 9.27
C PHE B 255 -22.74 -0.80 8.89
N SER B 256 -21.57 -0.71 9.54
CA SER B 256 -20.77 0.53 9.55
C SER B 256 -20.19 0.80 8.14
N GLY B 257 -20.25 2.06 7.71
CA GLY B 257 -19.68 2.55 6.45
C GLY B 257 -20.68 2.49 5.32
N LYS B 258 -21.93 2.11 5.60
CA LYS B 258 -22.95 1.91 4.55
C LYS B 258 -24.02 2.99 4.67
N ASP B 259 -24.35 3.64 3.55
CA ASP B 259 -25.45 4.63 3.49
C ASP B 259 -26.77 3.85 3.58
N PRO B 260 -27.90 4.54 3.86
CA PRO B 260 -29.20 3.88 3.96
C PRO B 260 -29.67 3.00 2.80
N THR B 261 -29.19 3.18 1.56
CA THR B 261 -29.70 2.37 0.39
C THR B 261 -29.25 0.91 0.52
N LYS B 262 -28.19 0.61 1.29
CA LYS B 262 -27.83 -0.79 1.62
C LYS B 262 -28.88 -1.32 2.59
N VAL B 263 -29.70 -2.28 2.15
CA VAL B 263 -30.82 -2.83 2.97
C VAL B 263 -30.25 -3.65 4.14
N ASP B 264 -29.03 -4.17 4.02
CA ASP B 264 -28.27 -4.76 5.16
C ASP B 264 -28.38 -3.86 6.38
N ARG B 265 -28.28 -2.53 6.21
CA ARG B 265 -28.35 -1.56 7.33
C ARG B 265 -29.79 -1.11 7.60
N SER B 266 -30.43 -0.47 6.62
CA SER B 266 -31.74 0.20 6.83
C SER B 266 -32.84 -0.81 7.19
N ALA B 267 -32.86 -1.99 6.57
CA ALA B 267 -33.87 -3.04 6.82
C ALA B 267 -33.67 -3.64 8.21
N SER B 268 -32.41 -3.76 8.66
CA SER B 268 -32.07 -4.29 10.00
C SER B 268 -32.64 -3.33 11.05
N TYR B 269 -32.56 -2.03 10.79
CA TYR B 269 -33.14 -0.95 11.64
C TYR B 269 -34.66 -1.03 11.57
N PHE B 270 -35.21 -1.02 10.35
CA PHE B 270 -36.66 -1.14 10.12
C PHE B 270 -37.24 -2.30 10.93
N ALA B 271 -36.59 -3.47 10.89
CA ALA B 271 -37.05 -4.72 11.55
C ALA B 271 -36.97 -4.57 13.08
N ARG B 272 -35.89 -3.99 13.61
CA ARG B 272 -35.76 -3.68 15.05
C ARG B 272 -36.98 -2.85 15.48
N TRP B 273 -37.24 -1.78 14.72
CA TRP B 273 -38.31 -0.79 15.01
C TRP B 273 -39.67 -1.51 15.14
N ILE B 274 -39.91 -2.49 14.25
CA ILE B 274 -41.15 -3.32 14.31
C ILE B 274 -41.11 -4.11 15.59
N ALA B 275 -40.09 -4.94 15.76
CA ALA B 275 -39.96 -5.90 16.89
C ALA B 275 -40.16 -5.16 18.20
N LYS B 276 -39.44 -4.07 18.41
CA LYS B 276 -39.50 -3.29 19.66
C LYS B 276 -40.93 -2.85 19.91
N ASN B 277 -41.61 -2.40 18.87
CA ASN B 277 -42.97 -1.80 19.00
C ASN B 277 -43.97 -2.93 19.25
N VAL B 278 -43.75 -4.10 18.64
CA VAL B 278 -44.61 -5.31 18.89
C VAL B 278 -44.55 -5.63 20.40
N VAL B 279 -43.35 -5.74 20.96
CA VAL B 279 -43.16 -6.07 22.40
C VAL B 279 -43.72 -4.94 23.26
N ALA B 280 -43.45 -3.68 22.93
CA ALA B 280 -43.89 -2.51 23.74
C ALA B 280 -45.43 -2.47 23.83
N ALA B 281 -46.12 -2.90 22.77
CA ALA B 281 -47.60 -2.91 22.66
C ALA B 281 -48.19 -4.13 23.38
N LYS B 282 -47.35 -4.88 24.10
CA LYS B 282 -47.70 -6.10 24.90
C LYS B 282 -48.34 -7.17 24.01
N LEU B 283 -47.96 -7.30 22.75
CA LEU B 283 -48.44 -8.38 21.84
C LEU B 283 -47.59 -9.63 22.01
N ALA B 284 -46.37 -9.48 22.50
CA ALA B 284 -45.44 -10.60 22.75
C ALA B 284 -44.35 -10.15 23.72
N LYS B 285 -43.78 -11.10 24.46
CA LYS B 285 -42.68 -10.83 25.43
C LYS B 285 -41.40 -10.78 24.62
N GLN B 286 -41.33 -11.55 23.53
CA GLN B 286 -40.21 -11.53 22.54
C GLN B 286 -40.79 -11.54 21.12
N CYS B 287 -40.10 -10.86 20.20
CA CYS B 287 -40.47 -10.78 18.77
C CYS B 287 -39.20 -10.72 17.93
N GLU B 288 -39.09 -11.60 16.93
CA GLU B 288 -38.04 -11.58 15.89
C GLU B 288 -38.67 -11.57 14.50
N ILE B 289 -38.12 -10.73 13.63
CA ILE B 289 -38.66 -10.46 12.27
C ILE B 289 -37.54 -10.69 11.26
N GLN B 290 -37.72 -11.65 10.36
CA GLN B 290 -36.78 -11.91 9.23
C GLN B 290 -37.35 -11.22 7.99
N LEU B 291 -36.55 -10.40 7.31
CA LEU B 291 -36.86 -9.83 5.97
C LEU B 291 -35.78 -10.31 5.01
N ALA B 292 -36.19 -10.84 3.87
CA ALA B 292 -35.34 -11.21 2.72
C ALA B 292 -35.55 -10.22 1.58
N PHE B 293 -34.49 -9.96 0.80
CA PHE B 293 -34.46 -8.97 -0.31
C PHE B 293 -33.98 -9.59 -1.62
N ALA B 294 -34.38 -8.97 -2.73
CA ALA B 294 -33.99 -9.31 -4.11
C ALA B 294 -33.70 -8.02 -4.88
N ILE B 295 -32.68 -8.02 -5.75
CA ILE B 295 -32.25 -6.78 -6.47
C ILE B 295 -33.39 -6.36 -7.40
N GLY B 296 -33.85 -5.12 -7.26
CA GLY B 296 -34.85 -4.47 -8.14
C GLY B 296 -36.24 -4.46 -7.52
N GLN B 297 -36.43 -5.16 -6.39
CA GLN B 297 -37.76 -5.32 -5.72
C GLN B 297 -37.92 -4.24 -4.68
N PRO B 298 -38.96 -3.38 -4.77
CA PRO B 298 -39.12 -2.26 -3.83
C PRO B 298 -39.49 -2.64 -2.38
N GLN B 299 -40.04 -3.84 -2.15
CA GLN B 299 -40.36 -4.37 -0.79
C GLN B 299 -39.55 -5.63 -0.52
N PRO B 300 -39.51 -6.09 0.76
CA PRO B 300 -38.99 -7.41 1.06
C PRO B 300 -39.71 -8.47 0.22
N VAL B 301 -38.96 -9.46 -0.23
CA VAL B 301 -39.44 -10.57 -1.09
C VAL B 301 -40.01 -11.67 -0.17
N ALA B 302 -39.73 -11.60 1.14
CA ALA B 302 -40.26 -12.55 2.15
C ALA B 302 -40.18 -11.93 3.54
N MET B 303 -41.03 -12.41 4.45
CA MET B 303 -41.11 -11.96 5.85
C MET B 303 -41.52 -13.15 6.73
N TYR B 304 -40.87 -13.30 7.89
CA TYR B 304 -41.18 -14.31 8.94
C TYR B 304 -41.27 -13.60 10.30
N VAL B 305 -42.40 -13.77 11.00
CA VAL B 305 -42.63 -13.20 12.36
C VAL B 305 -42.61 -14.34 13.39
N ASN B 306 -41.56 -14.38 14.21
CA ASN B 306 -41.38 -15.38 15.30
C ASN B 306 -41.62 -14.65 16.62
N THR B 307 -42.40 -15.26 17.49
CA THR B 307 -42.87 -14.66 18.76
C THR B 307 -42.55 -15.61 19.93
N PHE B 308 -41.87 -16.73 19.64
CA PHE B 308 -41.34 -17.74 20.62
C PHE B 308 -42.40 -18.17 21.64
N ASN B 309 -43.64 -18.34 21.19
CA ASN B 309 -44.78 -18.86 22.00
C ASN B 309 -45.00 -17.95 23.21
N THR B 310 -44.69 -16.66 23.06
CA THR B 310 -44.90 -15.60 24.08
C THR B 310 -45.96 -14.61 23.59
N ASN B 311 -46.62 -14.90 22.47
CA ASN B 311 -47.68 -14.02 21.92
C ASN B 311 -48.83 -13.91 22.92
N LEU B 312 -49.33 -12.70 23.17
CA LEU B 312 -50.48 -12.44 24.06
C LEU B 312 -51.78 -12.41 23.24
N ILE B 313 -51.65 -12.41 21.91
CA ILE B 313 -52.77 -12.51 20.93
C ILE B 313 -52.37 -13.50 19.84
N ASP B 314 -53.26 -13.80 18.91
CA ASP B 314 -53.04 -14.82 17.85
C ASP B 314 -51.83 -14.40 16.99
N GLU B 315 -50.91 -15.32 16.66
CA GLU B 315 -49.71 -15.07 15.80
C GLU B 315 -50.15 -14.44 14.47
N THR B 316 -51.26 -14.91 13.92
CA THR B 316 -51.86 -14.45 12.64
C THR B 316 -52.28 -12.98 12.74
N LYS B 317 -52.83 -12.55 13.87
CA LYS B 317 -53.31 -11.16 14.06
C LYS B 317 -52.12 -10.22 14.31
N ILE B 318 -51.04 -10.72 14.89
CA ILE B 318 -49.79 -9.92 15.06
C ILE B 318 -49.28 -9.59 13.65
N PHE B 319 -49.22 -10.58 12.77
CA PHE B 319 -48.72 -10.47 11.37
C PHE B 319 -49.58 -9.45 10.62
N GLU B 320 -50.90 -9.57 10.73
CA GLU B 320 -51.88 -8.61 10.17
C GLU B 320 -51.53 -7.19 10.63
N ALA B 321 -51.43 -6.96 11.94
CA ALA B 321 -51.24 -5.62 12.54
C ALA B 321 -49.91 -5.01 12.08
N ILE B 322 -48.88 -5.83 11.88
CA ILE B 322 -47.55 -5.37 11.39
C ILE B 322 -47.70 -4.87 9.95
N LYS B 323 -48.34 -5.66 9.07
CA LYS B 323 -48.51 -5.31 7.62
C LYS B 323 -49.35 -4.05 7.50
N LYS B 324 -50.37 -3.87 8.36
CA LYS B 324 -51.28 -2.68 8.33
C LYS B 324 -50.58 -1.45 8.96
N SER B 325 -49.66 -1.62 9.89
CA SER B 325 -49.12 -0.51 10.72
C SER B 325 -47.83 0.08 10.13
N PHE B 326 -47.11 -0.64 9.27
CA PHE B 326 -45.79 -0.22 8.75
C PHE B 326 -45.80 -0.20 7.22
N ASN B 327 -45.02 0.71 6.62
CA ASN B 327 -44.77 0.79 5.16
C ASN B 327 -43.53 -0.03 4.80
N PHE B 328 -43.65 -1.07 3.97
CA PHE B 328 -42.60 -2.05 3.65
C PHE B 328 -41.81 -1.62 2.41
N ASP B 329 -42.22 -0.51 1.82
CA ASP B 329 -41.47 0.15 0.73
C ASP B 329 -40.12 0.65 1.27
N ILE B 330 -39.01 0.21 0.68
CA ILE B 330 -37.63 0.47 1.20
C ILE B 330 -37.37 1.98 1.20
N LYS B 331 -37.64 2.68 0.10
CA LYS B 331 -37.44 4.15 0.01
C LYS B 331 -38.25 4.84 1.12
N THR B 332 -39.48 4.39 1.36
CA THR B 332 -40.42 5.01 2.34
C THR B 332 -39.91 4.77 3.76
N PHE B 333 -39.57 3.54 4.16
CA PHE B 333 -39.13 3.27 5.55
C PHE B 333 -37.80 3.98 5.79
N ILE B 334 -36.96 4.12 4.77
CA ILE B 334 -35.69 4.93 4.89
C ILE B 334 -36.06 6.34 5.34
N ASN B 335 -37.05 6.95 4.69
CA ASN B 335 -37.49 8.35 4.97
C ASN B 335 -38.21 8.41 6.33
N ASP B 336 -39.05 7.42 6.67
CA ASP B 336 -39.80 7.33 7.95
C ASP B 336 -38.82 7.27 9.12
N LEU B 337 -37.64 6.68 8.96
CA LEU B 337 -36.62 6.58 10.05
C LEU B 337 -35.57 7.69 9.93
N ASN B 338 -35.80 8.70 9.08
CA ASN B 338 -34.89 9.86 8.91
C ASN B 338 -33.45 9.37 8.83
N LEU B 339 -33.19 8.32 8.06
CA LEU B 339 -31.84 7.70 7.99
C LEU B 339 -30.85 8.61 7.23
N TRP B 340 -31.33 9.55 6.41
CA TRP B 340 -30.43 10.45 5.62
C TRP B 340 -29.87 11.56 6.53
N THR B 341 -30.52 11.80 7.66
CA THR B 341 -30.15 12.88 8.63
C THR B 341 -29.84 12.28 10.00
N THR B 342 -29.54 10.99 10.10
CA THR B 342 -29.14 10.29 11.34
C THR B 342 -27.62 10.26 11.41
N LYS B 343 -27.04 10.52 12.58
CA LYS B 343 -25.59 10.38 12.81
C LYS B 343 -25.30 8.92 13.15
N TYR B 344 -24.35 8.29 12.45
CA TYR B 344 -24.07 6.83 12.58
C TYR B 344 -22.85 6.56 13.48
N LEU B 345 -21.95 7.54 13.66
CA LEU B 345 -20.72 7.30 14.48
C LEU B 345 -21.15 6.87 15.88
N PRO B 346 -22.18 7.49 16.51
CA PRO B 346 -22.59 7.10 17.87
C PRO B 346 -22.95 5.62 18.04
N VAL B 347 -23.43 4.94 16.99
CA VAL B 347 -23.85 3.50 17.06
C VAL B 347 -22.68 2.59 16.63
N ALA B 348 -21.50 3.15 16.31
CA ALA B 348 -20.30 2.36 15.93
C ALA B 348 -19.62 1.80 17.19
N THR B 349 -20.02 2.25 18.39
CA THR B 349 -19.61 1.66 19.68
C THR B 349 -20.86 1.29 20.48
N TYR B 350 -20.85 0.12 21.17
CA TYR B 350 -21.81 -0.23 22.25
C TYR B 350 -23.16 -0.67 21.63
N GLY B 351 -23.16 -1.00 20.34
CA GLY B 351 -24.32 -1.64 19.67
C GLY B 351 -25.24 -0.65 18.99
N HIS B 352 -26.07 -1.11 18.06
CA HIS B 352 -26.95 -0.27 17.21
C HIS B 352 -28.36 -0.20 17.81
N PHE B 353 -28.67 -1.03 18.81
CA PHE B 353 -30.05 -1.20 19.31
C PHE B 353 -30.13 -0.99 20.81
N GLY B 354 -31.33 -0.62 21.26
CA GLY B 354 -31.69 -0.24 22.64
C GLY B 354 -30.72 0.78 23.18
N ARG B 355 -30.66 1.96 22.59
CA ARG B 355 -29.67 2.94 23.09
C ARG B 355 -30.45 4.05 23.79
N ASP B 356 -30.85 3.79 25.04
CA ASP B 356 -31.60 4.76 25.87
C ASP B 356 -30.72 6.00 26.15
N ASP B 357 -29.40 5.90 25.88
CA ASP B 357 -28.40 7.00 25.95
C ASP B 357 -28.35 7.81 24.64
N LEU B 358 -29.02 7.37 23.58
CA LEU B 358 -29.09 8.11 22.28
C LEU B 358 -30.55 8.52 21.96
N ASP B 359 -30.84 8.82 20.69
CA ASP B 359 -32.15 9.30 20.15
C ASP B 359 -32.37 8.67 18.76
N LEU B 360 -32.26 7.37 18.62
CA LEU B 360 -32.35 6.66 17.31
C LEU B 360 -33.83 6.48 16.96
N SER B 361 -34.21 6.88 15.74
CA SER B 361 -35.59 6.76 15.18
C SER B 361 -36.10 5.32 15.34
N TRP B 362 -35.28 4.32 15.10
CA TRP B 362 -35.72 2.90 15.09
C TRP B 362 -35.93 2.38 16.52
N GLU B 363 -35.60 3.17 17.54
CA GLU B 363 -35.84 2.84 18.97
C GLU B 363 -37.10 3.54 19.51
N LYS B 364 -37.81 4.29 18.68
CA LYS B 364 -38.97 5.10 19.14
C LYS B 364 -40.20 4.20 19.25
N LEU B 365 -40.91 4.29 20.37
CA LEU B 365 -42.16 3.51 20.62
C LEU B 365 -43.37 4.30 20.10
N ASN B 366 -43.29 4.72 18.83
CA ASN B 366 -44.30 5.59 18.16
C ASN B 366 -45.20 4.74 17.24
N LYS B 367 -45.18 3.43 17.37
CA LYS B 367 -46.06 2.52 16.58
C LYS B 367 -46.87 1.61 17.50
N VAL B 368 -46.87 1.86 18.80
CA VAL B 368 -47.64 1.03 19.79
C VAL B 368 -49.13 1.27 19.50
N GLU B 369 -49.55 2.55 19.44
CA GLU B 369 -50.96 2.95 19.19
C GLU B 369 -51.45 2.26 17.91
N ASP B 370 -50.63 2.22 16.85
CA ASP B 370 -51.04 1.69 15.52
C ASP B 370 -51.22 0.16 15.58
N LEU B 371 -50.28 -0.55 16.20
CA LEU B 371 -50.33 -2.02 16.38
C LEU B 371 -51.53 -2.44 17.24
N ILE B 372 -51.80 -1.74 18.34
CA ILE B 372 -52.95 -2.05 19.24
C ILE B 372 -54.23 -1.91 18.41
N LYS B 373 -54.48 -0.74 17.82
CA LYS B 373 -55.67 -0.51 16.96
C LYS B 373 -55.75 -1.64 15.92
N ASN B 374 -54.66 -1.88 15.16
CA ASN B 374 -54.69 -2.77 13.96
C ASN B 374 -54.61 -4.25 14.35
N SER B 375 -54.78 -4.61 15.63
CA SER B 375 -54.84 -6.01 16.12
C SER B 375 -56.25 -6.48 16.48
N LYS B 376 -57.30 -5.62 16.50
CA LYS B 376 -58.71 -5.97 16.92
C LYS B 376 -59.46 -6.67 15.78
N TYR C 3 39.34 37.68 -7.93
CA TYR C 3 38.18 36.75 -8.16
C TYR C 3 38.66 35.28 -8.16
N LYS C 4 38.32 34.55 -7.11
CA LYS C 4 38.87 33.20 -6.77
C LYS C 4 38.05 32.10 -7.47
N LYS C 5 38.68 30.98 -7.81
CA LYS C 5 38.09 29.83 -8.54
C LYS C 5 37.71 28.72 -7.54
N ILE C 6 36.41 28.59 -7.22
CA ILE C 6 35.91 27.82 -6.06
C ILE C 6 34.97 26.73 -6.56
N ILE C 7 35.47 25.49 -6.58
CA ILE C 7 34.70 24.24 -6.86
C ILE C 7 34.16 23.72 -5.52
N THR C 8 32.98 23.09 -5.51
CA THR C 8 32.28 22.62 -4.30
C THR C 8 31.64 21.25 -4.58
N SER C 9 31.70 20.31 -3.64
CA SER C 9 31.01 18.97 -3.68
C SER C 9 30.35 18.70 -2.33
N GLU C 10 29.43 17.74 -2.27
CA GLU C 10 28.77 17.34 -1.00
C GLU C 10 28.87 15.83 -0.82
N SER C 11 28.60 15.36 0.39
CA SER C 11 28.32 13.94 0.69
C SER C 11 27.10 13.90 1.60
N VAL C 12 26.51 12.72 1.81
CA VAL C 12 25.42 12.54 2.83
C VAL C 12 25.72 11.30 3.64
N GLY C 13 25.18 11.27 4.86
CA GLY C 13 25.40 10.21 5.84
C GLY C 13 24.49 9.04 5.58
N ALA C 14 24.67 7.98 6.37
CA ALA C 14 23.98 6.68 6.22
C ALA C 14 22.50 6.83 6.57
N GLY C 15 22.14 7.81 7.39
CA GLY C 15 20.77 8.07 7.90
C GLY C 15 20.01 9.06 7.03
N HIS C 16 20.63 9.57 5.98
CA HIS C 16 19.94 10.42 4.96
C HIS C 16 18.97 9.51 4.22
N PRO C 17 17.71 9.94 3.99
CA PRO C 17 16.71 9.02 3.47
C PRO C 17 17.05 8.50 2.07
N ASP C 18 17.56 9.37 1.19
CA ASP C 18 18.00 8.98 -0.19
C ASP C 18 19.03 7.84 0.00
N LYS C 19 19.93 7.90 0.99
CA LYS C 19 21.01 6.88 1.14
C LYS C 19 20.51 5.62 1.87
N ILE C 20 19.51 5.75 2.76
CA ILE C 20 18.88 4.54 3.38
C ILE C 20 18.38 3.65 2.23
N CYS C 21 17.70 4.24 1.25
CA CYS C 21 17.13 3.52 0.09
C CYS C 21 18.24 2.85 -0.73
N ASP C 22 19.34 3.55 -1.00
CA ASP C 22 20.48 2.95 -1.75
C ASP C 22 21.02 1.76 -0.94
N GLN C 23 21.08 1.92 0.39
CA GLN C 23 21.58 0.84 1.30
C GLN C 23 20.68 -0.40 1.19
N ILE C 24 19.37 -0.19 1.30
CA ILE C 24 18.38 -1.31 1.25
C ILE C 24 18.46 -1.97 -0.13
N SER C 25 18.52 -1.18 -1.20
CA SER C 25 18.63 -1.67 -2.59
C SER C 25 19.84 -2.61 -2.72
N ASP C 26 21.00 -2.22 -2.22
CA ASP C 26 22.25 -3.00 -2.43
C ASP C 26 22.31 -4.15 -1.44
N ALA C 27 21.69 -4.04 -0.26
CA ALA C 27 21.69 -5.15 0.74
C ALA C 27 20.92 -6.35 0.18
N ILE C 28 19.79 -6.07 -0.48
CA ILE C 28 18.90 -7.07 -1.15
C ILE C 28 19.67 -7.71 -2.30
N LEU C 29 20.36 -6.90 -3.10
CA LEU C 29 21.24 -7.38 -4.19
C LEU C 29 22.31 -8.31 -3.60
N ASP C 30 23.02 -7.89 -2.55
CA ASP C 30 24.12 -8.68 -1.91
C ASP C 30 23.57 -10.02 -1.43
N GLU C 31 22.36 -10.00 -0.86
CA GLU C 31 21.69 -11.22 -0.31
C GLU C 31 21.43 -12.20 -1.47
N CYS C 32 21.05 -11.69 -2.64
CA CYS C 32 20.74 -12.50 -3.84
C CYS C 32 22.04 -13.09 -4.39
N LEU C 33 23.09 -12.26 -4.56
CA LEU C 33 24.36 -12.66 -5.23
C LEU C 33 25.14 -13.63 -4.31
N SER C 34 24.92 -13.57 -2.99
CA SER C 34 25.46 -14.55 -2.01
C SER C 34 25.11 -15.96 -2.47
N GLN C 35 23.84 -16.18 -2.77
CA GLN C 35 23.21 -17.52 -2.94
C GLN C 35 23.22 -17.92 -4.44
N ASP C 36 23.03 -16.96 -5.33
CA ASP C 36 22.84 -17.19 -6.79
C ASP C 36 23.61 -16.10 -7.56
N GLN C 37 24.76 -16.48 -8.12
CA GLN C 37 25.64 -15.55 -8.86
C GLN C 37 25.05 -15.26 -10.25
N ASN C 38 23.92 -15.86 -10.61
CA ASN C 38 23.22 -15.56 -11.90
C ASN C 38 21.98 -14.69 -11.67
N SER C 39 21.80 -14.13 -10.46
CA SER C 39 20.60 -13.34 -10.09
C SER C 39 20.48 -12.13 -11.02
N ARG C 40 19.27 -11.82 -11.47
CA ARG C 40 18.91 -10.51 -12.08
C ARG C 40 18.16 -9.69 -11.04
N VAL C 41 18.68 -8.53 -10.65
CA VAL C 41 18.09 -7.69 -9.56
C VAL C 41 18.00 -6.25 -10.07
N ALA C 42 16.80 -5.67 -10.04
CA ALA C 42 16.55 -4.24 -10.33
C ALA C 42 15.58 -3.72 -9.26
N CYS C 43 16.12 -3.45 -8.08
CA CYS C 43 15.36 -3.27 -6.83
C CYS C 43 15.44 -1.81 -6.41
N GLU C 44 14.28 -1.16 -6.33
CA GLU C 44 14.15 0.29 -6.06
C GLU C 44 13.38 0.43 -4.75
N VAL C 45 13.65 1.47 -3.96
CA VAL C 45 12.99 1.65 -2.63
C VAL C 45 12.51 3.10 -2.50
N LEU C 46 11.28 3.28 -2.01
CA LEU C 46 10.71 4.58 -1.61
C LEU C 46 10.57 4.57 -0.09
N ALA C 47 11.16 5.57 0.56
CA ALA C 47 11.00 5.80 2.01
C ALA C 47 10.24 7.12 2.15
N CYS C 48 8.93 7.05 2.44
CA CYS C 48 8.07 8.25 2.53
C CYS C 48 7.41 8.28 3.90
N ASN C 49 7.93 9.17 4.77
CA ASN C 49 7.47 9.37 6.17
C ASN C 49 7.71 8.05 6.91
N ARG C 50 6.66 7.25 7.14
CA ARG C 50 6.75 6.04 7.99
C ARG C 50 6.34 4.80 7.18
N LEU C 51 6.36 4.94 5.85
CA LEU C 51 6.08 3.84 4.88
C LEU C 51 7.30 3.66 4.00
N ILE C 52 7.79 2.43 3.94
CA ILE C 52 8.91 2.00 3.04
C ILE C 52 8.34 0.98 2.07
N VAL C 53 8.38 1.30 0.78
CA VAL C 53 7.94 0.40 -0.32
C VAL C 53 9.20 -0.09 -1.04
N ILE C 54 9.45 -1.38 -1.00
CA ILE C 54 10.51 -2.06 -1.80
C ILE C 54 9.87 -2.61 -3.07
N ALA C 55 10.42 -2.26 -4.22
CA ALA C 55 9.83 -2.62 -5.53
C ALA C 55 10.92 -3.10 -6.48
N GLY C 56 10.52 -3.51 -7.68
CA GLY C 56 11.45 -3.87 -8.76
C GLY C 56 11.29 -5.32 -9.20
N GLU C 57 12.31 -5.81 -9.88
CA GLU C 57 12.24 -7.00 -10.76
C GLU C 57 13.41 -7.89 -10.36
N ILE C 58 13.13 -9.07 -9.78
CA ILE C 58 14.19 -10.00 -9.31
C ILE C 58 13.91 -11.38 -9.90
N THR C 59 14.96 -11.96 -10.51
CA THR C 59 15.04 -13.39 -10.92
C THR C 59 16.20 -14.03 -10.16
N THR C 60 15.90 -14.98 -9.25
CA THR C 60 16.89 -15.57 -8.33
C THR C 60 16.43 -16.94 -7.82
N HIS C 61 17.37 -17.86 -7.61
CA HIS C 61 17.17 -19.14 -6.85
C HIS C 61 17.33 -18.86 -5.35
N ALA C 62 17.74 -17.66 -4.95
CA ALA C 62 18.07 -17.31 -3.55
C ALA C 62 16.79 -17.13 -2.74
N TYR C 63 16.77 -17.60 -1.49
CA TYR C 63 15.75 -17.22 -0.49
C TYR C 63 16.10 -15.83 0.02
N VAL C 64 15.21 -14.86 -0.22
CA VAL C 64 15.38 -13.44 0.24
C VAL C 64 14.06 -12.95 0.83
N ASP C 65 14.14 -12.46 2.07
CA ASP C 65 13.05 -11.71 2.75
C ASP C 65 13.46 -10.25 2.66
N VAL C 66 12.88 -9.57 1.69
CA VAL C 66 13.20 -8.19 1.29
C VAL C 66 12.88 -7.24 2.46
N VAL C 67 11.75 -7.47 3.13
CA VAL C 67 11.30 -6.69 4.32
C VAL C 67 12.30 -6.89 5.48
N LYS C 68 12.63 -8.14 5.79
CA LYS C 68 13.61 -8.51 6.84
C LYS C 68 14.93 -7.83 6.56
N THR C 69 15.40 -7.85 5.31
CA THR C 69 16.69 -7.24 4.89
C THR C 69 16.63 -5.73 5.15
N ALA C 70 15.48 -5.10 4.85
CA ALA C 70 15.30 -3.65 5.01
C ALA C 70 15.45 -3.29 6.50
N TRP C 71 14.82 -4.05 7.39
CA TRP C 71 14.89 -3.84 8.85
C TRP C 71 16.34 -4.01 9.35
N GLU C 72 17.12 -4.90 8.75
CA GLU C 72 18.55 -5.14 9.15
C GLU C 72 19.39 -3.89 8.83
N ILE C 73 18.96 -3.04 7.89
CA ILE C 73 19.66 -1.76 7.53
C ILE C 73 19.17 -0.63 8.44
N ILE C 74 17.88 -0.64 8.75
CA ILE C 74 17.17 0.46 9.47
C ILE C 74 17.55 0.41 10.94
N LYS C 75 17.47 -0.77 11.57
CA LYS C 75 17.57 -0.90 13.06
C LYS C 75 18.88 -0.31 13.57
N PRO C 76 20.06 -0.63 12.97
CA PRO C 76 21.32 -0.03 13.43
C PRO C 76 21.39 1.50 13.38
N LEU C 77 20.55 2.15 12.58
CA LEU C 77 20.49 3.63 12.50
C LEU C 77 19.68 4.20 13.66
N GLY C 78 19.09 3.35 14.52
CA GLY C 78 18.45 3.75 15.79
C GLY C 78 16.93 3.56 15.81
N TYR C 79 16.32 3.21 14.67
CA TYR C 79 14.86 2.99 14.53
C TYR C 79 14.53 1.58 15.03
N ASP C 80 13.27 1.37 15.43
CA ASP C 80 12.73 0.08 15.95
C ASP C 80 11.49 -0.30 15.12
N GLU C 81 10.85 -1.44 15.44
CA GLU C 81 9.73 -2.00 14.64
C GLU C 81 8.51 -1.07 14.69
N ASN C 82 8.48 -0.08 15.59
CA ASN C 82 7.32 0.83 15.78
C ASN C 82 7.40 2.02 14.83
N ASP C 83 8.53 2.25 14.16
CA ASP C 83 8.78 3.52 13.42
C ASP C 83 8.30 3.42 11.97
N PHE C 84 8.31 2.24 11.35
CA PHE C 84 7.94 2.05 9.93
C PHE C 84 6.96 0.88 9.75
N THR C 85 6.16 1.02 8.69
CA THR C 85 5.50 -0.08 7.94
C THR C 85 6.37 -0.33 6.70
N ILE C 86 6.79 -1.56 6.44
CA ILE C 86 7.68 -1.88 5.28
C ILE C 86 7.00 -2.93 4.43
N ILE C 87 6.74 -2.64 3.15
CA ILE C 87 5.98 -3.54 2.23
C ILE C 87 6.74 -3.70 0.93
N SER C 88 6.56 -4.86 0.30
CA SER C 88 7.19 -5.25 -0.97
C SER C 88 6.13 -5.37 -2.06
N ASN C 89 6.39 -4.76 -3.21
CA ASN C 89 5.70 -5.06 -4.49
C ASN C 89 6.71 -5.62 -5.48
N VAL C 90 7.83 -6.17 -4.99
CA VAL C 90 8.88 -6.80 -5.84
C VAL C 90 8.29 -8.01 -6.56
N ASN C 91 8.53 -8.09 -7.86
CA ASN C 91 8.06 -9.19 -8.75
C ASN C 91 9.21 -10.22 -8.83
N LYS C 92 9.10 -11.28 -8.02
CA LYS C 92 10.15 -12.30 -7.76
C LYS C 92 9.89 -13.53 -8.64
N GLN C 93 10.93 -14.14 -9.21
CA GLN C 93 10.81 -15.34 -10.10
C GLN C 93 12.03 -16.25 -9.92
N SER C 94 11.92 -17.49 -10.39
CA SER C 94 13.04 -18.43 -10.68
C SER C 94 13.10 -18.64 -12.21
N VAL C 95 14.11 -19.36 -12.70
CA VAL C 95 14.20 -19.88 -14.09
C VAL C 95 13.88 -21.39 -14.07
N LEU C 108 19.14 -12.42 -21.76
CA LEU C 108 20.38 -12.78 -22.50
C LEU C 108 21.42 -11.67 -22.27
N ILE C 109 22.63 -11.86 -22.85
CA ILE C 109 23.81 -10.94 -22.74
C ILE C 109 24.09 -10.21 -24.10
N GLY C 110 25.07 -9.28 -24.13
CA GLY C 110 24.94 -7.98 -24.85
C GLY C 110 24.14 -7.03 -23.98
N ALA C 111 24.34 -5.71 -24.11
CA ALA C 111 23.69 -4.69 -23.25
C ALA C 111 22.16 -4.91 -23.23
N GLY C 112 21.52 -4.73 -22.08
CA GLY C 112 20.06 -4.88 -21.88
C GLY C 112 19.33 -3.54 -21.93
N ASP C 113 20.07 -2.44 -22.07
CA ASP C 113 19.54 -1.07 -22.20
C ASP C 113 20.45 -0.25 -23.11
N GLN C 114 19.89 0.81 -23.68
CA GLN C 114 20.65 1.93 -24.27
C GLN C 114 21.12 2.82 -23.12
N GLY C 115 22.05 3.73 -23.38
CA GLY C 115 22.49 4.72 -22.38
C GLY C 115 23.96 5.07 -22.50
N ILE C 116 24.38 6.05 -21.71
CA ILE C 116 25.76 6.58 -21.70
C ILE C 116 26.25 6.50 -20.25
N VAL C 117 27.53 6.18 -20.06
CA VAL C 117 28.22 6.25 -18.74
C VAL C 117 29.52 7.05 -18.89
N PHE C 118 30.07 7.50 -17.78
CA PHE C 118 31.30 8.34 -17.72
C PHE C 118 32.19 7.79 -16.60
N GLY C 119 33.44 7.48 -16.93
CA GLY C 119 34.51 7.24 -15.95
C GLY C 119 35.37 8.49 -15.85
N TYR C 120 35.88 8.78 -14.66
CA TYR C 120 36.68 10.01 -14.41
C TYR C 120 37.78 9.69 -13.41
N ALA C 121 38.94 10.31 -13.62
CA ALA C 121 40.08 10.21 -12.69
C ALA C 121 40.93 11.47 -12.80
N CYS C 122 41.61 11.83 -11.72
CA CYS C 122 42.54 12.98 -11.66
C CYS C 122 43.60 12.66 -10.61
N ASP C 123 44.58 13.53 -10.41
CA ASP C 123 45.78 13.23 -9.57
C ASP C 123 45.80 14.13 -8.34
N GLU C 124 44.66 14.71 -7.93
CA GLU C 124 44.61 15.67 -6.78
C GLU C 124 44.77 14.93 -5.43
N THR C 125 44.46 13.64 -5.38
CA THR C 125 44.44 12.82 -4.14
C THR C 125 45.05 11.44 -4.40
N PRO C 126 45.53 10.75 -3.34
CA PRO C 126 45.93 9.34 -3.47
C PRO C 126 44.80 8.46 -4.05
N GLN C 127 43.55 8.87 -3.86
CA GLN C 127 42.34 8.15 -4.37
C GLN C 127 42.15 8.36 -5.88
N TYR C 128 42.95 9.23 -6.50
CA TYR C 128 42.78 9.69 -7.90
C TYR C 128 41.35 10.22 -8.10
N MET C 129 40.89 11.03 -7.14
CA MET C 129 39.53 11.66 -7.12
C MET C 129 39.66 13.14 -6.83
N PRO C 130 38.66 13.96 -7.21
CA PRO C 130 38.65 15.37 -6.85
C PRO C 130 38.71 15.58 -5.34
N LEU C 131 39.47 16.57 -4.90
CA LEU C 131 39.69 16.87 -3.46
C LEU C 131 38.34 17.22 -2.81
N THR C 132 37.45 17.94 -3.50
CA THR C 132 36.13 18.36 -2.94
C THR C 132 35.38 17.11 -2.47
N SER C 133 35.23 16.10 -3.33
CA SER C 133 34.60 14.78 -3.04
C SER C 133 35.26 14.13 -1.84
N VAL C 134 36.57 13.88 -1.93
CA VAL C 134 37.29 13.10 -0.90
C VAL C 134 37.00 13.76 0.45
N LEU C 135 37.21 15.07 0.55
CA LEU C 135 37.11 15.75 1.87
C LEU C 135 35.66 15.62 2.36
N ALA C 136 34.67 15.74 1.47
CA ALA C 136 33.24 15.72 1.87
C ALA C 136 32.90 14.35 2.47
N HIS C 137 33.29 13.28 1.78
CA HIS C 137 33.07 11.90 2.26
C HIS C 137 33.79 11.70 3.61
N GLU C 138 35.08 12.05 3.69
CA GLU C 138 35.98 11.74 4.84
C GLU C 138 35.42 12.35 6.13
N LEU C 139 34.94 13.58 6.04
CA LEU C 139 34.26 14.32 7.14
C LEU C 139 33.16 13.43 7.72
N LEU C 140 32.23 13.01 6.86
CA LEU C 140 31.03 12.28 7.30
C LEU C 140 31.44 10.89 7.82
N LYS C 141 32.41 10.22 7.19
CA LYS C 141 32.85 8.86 7.64
C LYS C 141 33.38 8.95 9.07
N GLU C 142 34.17 9.97 9.37
CA GLU C 142 34.83 10.12 10.69
C GLU C 142 33.75 10.47 11.74
N ILE C 143 32.85 11.38 11.41
CA ILE C 143 31.70 11.73 12.30
C ILE C 143 30.90 10.44 12.60
N GLU C 144 30.63 9.61 11.58
CA GLU C 144 29.82 8.37 11.69
C GLU C 144 30.62 7.34 12.49
N ARG C 145 31.92 7.23 12.27
CA ARG C 145 32.74 6.28 13.06
C ARG C 145 32.62 6.67 14.54
N GLN C 146 32.72 7.98 14.83
CA GLN C 146 32.73 8.51 16.23
C GLN C 146 31.35 8.34 16.86
N ARG C 147 30.27 8.42 16.06
CA ARG C 147 28.89 8.21 16.55
C ARG C 147 28.77 6.75 17.03
N ARG C 148 29.24 5.80 16.23
CA ARG C 148 29.13 4.34 16.49
C ARG C 148 30.00 3.92 17.69
N SER C 149 31.14 4.56 17.92
CA SER C 149 32.07 4.26 19.04
C SER C 149 31.74 5.07 20.29
N LYS C 150 30.73 5.95 20.20
CA LYS C 150 30.28 6.90 21.27
C LYS C 150 31.45 7.79 21.72
N GLU C 151 32.38 8.08 20.80
CA GLU C 151 33.41 9.15 20.90
C GLU C 151 32.75 10.52 20.75
N PHE C 152 31.71 10.60 19.92
CA PHE C 152 30.89 11.81 19.71
C PHE C 152 29.47 11.40 20.08
N ILE C 153 28.99 11.82 21.24
CA ILE C 153 27.66 11.40 21.78
C ILE C 153 26.58 12.40 21.37
N LYS C 154 25.32 11.99 21.57
CA LYS C 154 24.12 12.83 21.38
C LYS C 154 24.01 13.31 19.92
N ILE C 155 24.47 12.52 18.95
CA ILE C 155 24.19 12.75 17.49
C ILE C 155 23.57 11.48 16.87
N GLN C 156 22.96 11.61 15.70
CA GLN C 156 22.23 10.55 14.99
C GLN C 156 22.77 10.45 13.57
N ALA C 157 22.17 9.63 12.72
CA ALA C 157 22.81 9.04 11.52
C ALA C 157 22.60 9.93 10.29
N ASP C 158 21.54 10.72 10.25
CA ASP C 158 21.25 11.65 9.14
C ASP C 158 22.25 12.81 9.23
N MET C 159 23.03 13.01 8.16
CA MET C 159 24.07 14.05 8.04
C MET C 159 24.20 14.52 6.60
N LYS C 160 24.71 15.73 6.39
CA LYS C 160 25.18 16.23 5.07
C LYS C 160 26.52 16.95 5.29
N SER C 161 27.42 16.91 4.30
CA SER C 161 28.65 17.74 4.30
C SER C 161 28.68 18.47 2.97
N GLN C 162 29.42 19.58 2.91
CA GLN C 162 29.70 20.31 1.65
C GLN C 162 31.07 20.97 1.81
N VAL C 163 31.98 20.70 0.88
CA VAL C 163 33.37 21.21 0.92
C VAL C 163 33.63 22.03 -0.34
N SER C 164 34.03 23.28 -0.14
CA SER C 164 34.41 24.25 -1.19
C SER C 164 35.93 24.37 -1.18
N ILE C 165 36.56 24.20 -2.33
CA ILE C 165 38.04 24.32 -2.45
C ILE C 165 38.37 25.43 -3.44
N ASP C 166 39.34 26.27 -3.08
CA ASP C 166 39.88 27.42 -3.86
C ASP C 166 41.06 26.92 -4.71
N TYR C 167 40.87 26.79 -6.03
CA TYR C 167 41.88 26.27 -7.00
C TYR C 167 42.56 27.42 -7.76
N SER C 168 42.63 28.63 -7.18
CA SER C 168 43.16 29.85 -7.85
C SER C 168 44.65 29.67 -8.13
N ASN C 169 45.36 28.91 -7.30
CA ASN C 169 46.84 28.79 -7.34
C ASN C 169 47.23 27.31 -7.52
N SER C 170 48.53 27.08 -7.76
CA SER C 170 49.17 25.75 -7.89
C SER C 170 48.69 24.85 -6.74
N THR C 171 48.69 25.40 -5.52
CA THR C 171 48.37 24.72 -4.24
C THR C 171 46.91 24.99 -3.88
N PRO C 172 46.05 23.96 -3.79
CA PRO C 172 44.65 24.18 -3.38
C PRO C 172 44.57 24.60 -1.92
N LEU C 173 43.77 25.63 -1.63
CA LEU C 173 43.28 25.99 -0.27
C LEU C 173 41.88 25.39 -0.07
N ILE C 174 41.56 24.99 1.15
CA ILE C 174 40.15 24.75 1.58
C ILE C 174 39.54 26.12 1.89
N GLU C 175 38.37 26.39 1.32
CA GLU C 175 37.68 27.69 1.50
C GLU C 175 36.66 27.50 2.61
N THR C 176 35.83 26.47 2.50
CA THR C 176 34.74 26.14 3.47
C THR C 176 34.60 24.61 3.64
N MET C 177 34.45 24.17 4.87
CA MET C 177 33.86 22.86 5.23
C MET C 177 32.54 23.15 5.93
N LEU C 178 31.45 22.61 5.40
CA LEU C 178 30.10 22.82 5.96
C LEU C 178 29.62 21.43 6.35
N VAL C 179 28.93 21.33 7.47
CA VAL C 179 28.33 20.06 7.96
C VAL C 179 26.95 20.38 8.55
N SER C 180 25.99 19.48 8.36
CA SER C 180 24.71 19.37 9.12
C SER C 180 24.59 17.97 9.72
N ILE C 181 24.50 17.87 11.05
CA ILE C 181 24.38 16.56 11.77
C ILE C 181 23.14 16.58 12.66
N GLN C 182 22.25 15.60 12.47
CA GLN C 182 21.11 15.27 13.34
C GLN C 182 21.64 15.08 14.76
N HIS C 183 21.03 15.77 15.74
CA HIS C 183 21.45 15.77 17.16
C HIS C 183 20.24 15.46 18.05
N ASP C 184 20.50 15.02 19.27
CA ASP C 184 19.48 14.76 20.32
C ASP C 184 18.95 16.12 20.78
N GLU C 185 17.69 16.14 21.22
CA GLU C 185 16.97 17.34 21.73
C GLU C 185 17.86 18.07 22.77
N ASP C 186 18.52 17.31 23.65
CA ASP C 186 19.17 17.76 24.91
C ASP C 186 20.69 17.89 24.74
N TYR C 187 21.20 18.13 23.54
CA TYR C 187 22.66 18.13 23.25
C TYR C 187 23.30 19.40 23.82
N ASP C 188 24.62 19.39 24.00
CA ASP C 188 25.43 20.57 24.42
C ASP C 188 26.08 21.15 23.14
N VAL C 189 25.66 22.35 22.73
CA VAL C 189 26.13 22.98 21.46
C VAL C 189 27.65 23.19 21.53
N GLU C 190 28.15 23.60 22.69
CA GLU C 190 29.59 23.94 22.88
C GLU C 190 30.40 22.67 22.61
N TYR C 191 29.99 21.54 23.20
CA TYR C 191 30.61 20.20 22.99
C TYR C 191 30.52 19.83 21.50
N PHE C 192 29.32 19.90 20.91
CA PHE C 192 29.02 19.52 19.50
C PHE C 192 29.93 20.30 18.53
N ASN C 193 30.03 21.62 18.72
CA ASN C 193 30.80 22.54 17.83
C ASN C 193 32.30 22.24 17.96
N LYS C 194 32.77 21.94 19.18
CA LYS C 194 34.19 21.60 19.48
C LYS C 194 34.53 20.29 18.77
N LYS C 195 33.62 19.30 18.85
CA LYS C 195 33.83 17.96 18.25
C LYS C 195 33.94 18.13 16.73
N VAL C 196 32.99 18.83 16.11
CA VAL C 196 32.97 19.06 14.62
C VAL C 196 34.22 19.81 14.18
N SER C 197 34.63 20.88 14.89
CA SER C 197 35.80 21.72 14.50
C SER C 197 37.05 20.87 14.43
N ALA C 198 37.27 20.07 15.47
CA ALA C 198 38.47 19.22 15.65
C ALA C 198 38.49 18.13 14.57
N ILE C 199 37.32 17.60 14.21
CA ILE C 199 37.20 16.58 13.13
C ILE C 199 37.55 17.24 11.78
N MET C 200 37.10 18.47 11.54
CA MET C 200 37.38 19.20 10.28
C MET C 200 38.88 19.48 10.17
N GLU C 201 39.52 19.89 11.27
CA GLU C 201 40.98 20.17 11.33
C GLU C 201 41.76 18.87 11.11
N GLN C 202 41.27 17.74 11.64
CA GLN C 202 41.90 16.40 11.53
C GLN C 202 41.95 16.01 10.05
N ILE C 203 40.81 16.11 9.35
CA ILE C 203 40.67 15.77 7.90
C ILE C 203 41.59 16.66 7.06
N ALA C 204 41.57 17.98 7.29
CA ALA C 204 42.48 18.95 6.67
C ALA C 204 43.93 18.49 6.83
N LYS C 205 44.38 18.24 8.07
CA LYS C 205 45.80 17.88 8.35
C LYS C 205 46.16 16.58 7.62
N LYS C 206 45.20 15.68 7.49
CA LYS C 206 45.43 14.34 6.87
C LYS C 206 45.75 14.48 5.36
N TYR C 207 45.20 15.48 4.65
CA TYR C 207 45.54 15.77 3.21
C TYR C 207 46.51 16.95 3.09
N ASN C 208 47.19 17.30 4.19
CA ASN C 208 48.26 18.33 4.27
C ASN C 208 47.76 19.67 3.72
N LEU C 209 46.55 20.08 4.13
CA LEU C 209 45.89 21.32 3.64
C LEU C 209 45.86 22.35 4.76
N ASN C 210 45.46 23.57 4.41
CA ASN C 210 45.31 24.70 5.35
C ASN C 210 44.24 24.33 6.39
N THR C 211 44.29 25.03 7.52
CA THR C 211 43.57 24.75 8.78
C THR C 211 42.64 25.94 9.07
N ASN C 212 42.80 27.02 8.31
CA ASN C 212 42.25 28.38 8.58
C ASN C 212 40.97 28.66 7.78
N PHE C 213 40.31 27.62 7.28
CA PHE C 213 39.07 27.73 6.46
C PHE C 213 37.88 28.11 7.34
N LYS C 214 36.80 28.53 6.68
CA LYS C 214 35.48 28.86 7.28
C LYS C 214 34.81 27.53 7.66
N LYS C 215 34.32 27.43 8.90
CA LYS C 215 33.62 26.25 9.41
C LYS C 215 32.15 26.61 9.65
N ILE C 216 31.24 25.93 8.96
CA ILE C 216 29.77 26.15 9.04
C ILE C 216 29.17 24.87 9.60
N ILE C 217 28.64 24.95 10.83
CA ILE C 217 28.17 23.76 11.61
C ILE C 217 26.69 23.94 11.90
N ASN C 218 25.84 23.09 11.34
CA ASN C 218 24.37 23.09 11.61
C ASN C 218 23.86 24.54 11.56
N SER C 219 23.88 25.19 10.38
CA SER C 219 23.51 26.62 10.21
C SER C 219 21.99 26.77 10.31
N SER C 220 21.25 25.70 10.01
CA SER C 220 19.75 25.65 10.15
C SER C 220 19.35 25.92 11.60
N GLY C 221 20.24 25.67 12.57
CA GLY C 221 20.05 26.04 14.00
C GLY C 221 19.39 24.94 14.82
N ARG C 222 18.81 23.92 14.18
CA ARG C 222 18.07 22.83 14.87
C ARG C 222 17.80 21.66 13.91
N PHE C 223 18.20 20.45 14.31
CA PHE C 223 18.16 19.25 13.44
C PHE C 223 17.93 18.04 14.34
N VAL C 224 16.69 17.86 14.86
CA VAL C 224 16.34 16.71 15.74
C VAL C 224 15.68 15.61 14.92
N ILE C 225 14.69 15.96 14.08
CA ILE C 225 13.98 15.00 13.18
C ILE C 225 14.85 14.78 11.95
N GLY C 226 14.90 13.54 11.46
CA GLY C 226 15.73 13.19 10.29
C GLY C 226 15.21 11.94 9.60
N GLY C 227 16.04 11.37 8.75
CA GLY C 227 15.72 10.17 7.97
C GLY C 227 14.48 10.43 7.10
N PRO C 228 13.62 9.42 6.85
CA PRO C 228 12.39 9.60 6.08
C PRO C 228 11.26 10.36 6.80
N ILE C 229 11.36 10.55 8.12
CA ILE C 229 10.25 11.13 8.94
C ILE C 229 9.96 12.51 8.36
N GLY C 230 8.71 12.77 7.99
CA GLY C 230 8.25 14.07 7.46
C GLY C 230 8.94 14.44 6.17
N ASP C 231 9.49 13.44 5.47
CA ASP C 231 10.37 13.63 4.29
C ASP C 231 10.18 12.44 3.33
N THR C 232 10.96 12.42 2.23
CA THR C 232 11.02 11.29 1.29
C THR C 232 12.48 10.97 0.96
N GLY C 233 12.76 9.70 0.73
CA GLY C 233 13.99 9.20 0.12
C GLY C 233 13.66 8.18 -0.96
N LEU C 234 14.52 8.07 -1.97
CA LEU C 234 14.31 7.14 -3.10
C LEU C 234 15.69 6.60 -3.50
N THR C 235 15.73 5.38 -4.00
CA THR C 235 16.95 4.80 -4.63
C THR C 235 17.36 5.71 -5.80
N GLY C 236 18.66 5.94 -5.93
CA GLY C 236 19.28 6.61 -7.09
C GLY C 236 18.91 8.07 -7.18
N ARG C 237 18.87 8.76 -6.05
CA ARG C 237 18.67 10.22 -6.00
C ARG C 237 19.89 10.83 -5.31
N LYS C 238 21.02 10.13 -5.29
CA LYS C 238 22.33 10.70 -4.88
C LYS C 238 23.40 10.27 -5.89
N ILE C 239 23.10 10.45 -7.18
CA ILE C 239 23.93 9.82 -8.27
C ILE C 239 25.23 10.64 -8.43
N ILE C 240 25.25 11.89 -7.96
CA ILE C 240 26.46 12.75 -8.02
C ILE C 240 27.30 12.51 -6.75
N VAL C 241 26.68 12.42 -5.58
CA VAL C 241 27.39 11.99 -4.35
C VAL C 241 28.06 10.62 -4.59
N ASP C 242 27.37 9.75 -5.33
CA ASP C 242 27.82 8.36 -5.64
C ASP C 242 29.01 8.38 -6.60
N THR C 243 29.24 9.46 -7.35
CA THR C 243 30.21 9.45 -8.47
C THR C 243 31.33 10.48 -8.20
N TYR C 244 31.33 11.62 -8.89
CA TYR C 244 32.51 12.53 -8.92
C TYR C 244 32.18 13.93 -8.40
N GLY C 245 31.04 14.09 -7.71
CA GLY C 245 30.72 15.33 -6.99
C GLY C 245 30.68 16.55 -7.89
N GLY C 246 30.29 16.37 -9.17
CA GLY C 246 30.02 17.47 -10.11
C GLY C 246 31.23 17.83 -10.93
N VAL C 247 32.38 17.18 -10.66
CA VAL C 247 33.65 17.48 -11.38
C VAL C 247 33.65 16.67 -12.68
N GLY C 248 33.24 15.40 -12.60
CA GLY C 248 33.01 14.53 -13.76
C GLY C 248 31.58 14.64 -14.26
N HIS C 249 31.38 14.40 -15.55
CA HIS C 249 30.04 14.31 -16.18
C HIS C 249 29.35 13.03 -15.68
N HIS C 250 28.05 12.90 -15.99
CA HIS C 250 27.20 11.74 -15.60
C HIS C 250 26.20 11.44 -16.72
N GLY C 251 25.90 10.15 -16.95
CA GLY C 251 24.98 9.70 -18.00
C GLY C 251 23.56 9.50 -17.50
N GLY C 252 23.34 9.48 -16.19
CA GLY C 252 22.00 9.56 -15.57
C GLY C 252 21.59 8.29 -14.82
N GLY C 253 22.33 7.19 -15.02
CA GLY C 253 22.01 5.90 -14.42
C GLY C 253 22.40 5.85 -12.97
N ALA C 254 21.51 5.34 -12.11
CA ALA C 254 21.79 5.04 -10.69
C ALA C 254 22.43 3.65 -10.59
N PHE C 255 23.21 3.38 -9.56
CA PHE C 255 23.95 2.11 -9.39
C PHE C 255 23.18 1.14 -8.47
N SER C 256 22.69 1.59 -7.32
CA SER C 256 22.28 0.68 -6.22
C SER C 256 21.06 -0.14 -6.61
N GLY C 257 21.09 -1.44 -6.27
CA GLY C 257 19.98 -2.39 -6.47
C GLY C 257 20.06 -3.07 -7.81
N LYS C 258 21.11 -2.83 -8.58
CA LYS C 258 21.24 -3.38 -9.96
C LYS C 258 22.37 -4.41 -9.97
N ASP C 259 22.11 -5.57 -10.56
CA ASP C 259 23.14 -6.61 -10.76
C ASP C 259 24.07 -6.15 -11.86
N PRO C 260 25.25 -6.79 -12.03
CA PRO C 260 26.20 -6.36 -13.05
C PRO C 260 25.71 -6.31 -14.51
N THR C 261 24.64 -7.01 -14.92
CA THR C 261 24.18 -7.01 -16.35
C THR C 261 23.62 -5.63 -16.73
N LYS C 262 23.18 -4.81 -15.77
CA LYS C 262 22.83 -3.40 -16.05
C LYS C 262 24.12 -2.66 -16.33
N VAL C 263 24.34 -2.22 -17.57
CA VAL C 263 25.59 -1.54 -17.99
C VAL C 263 25.68 -0.15 -17.33
N ASP C 264 24.55 0.46 -16.95
CA ASP C 264 24.54 1.66 -16.08
C ASP C 264 25.55 1.52 -14.93
N ARG C 265 25.63 0.33 -14.33
CA ARG C 265 26.52 0.07 -13.18
C ARG C 265 27.89 -0.45 -13.65
N SER C 266 27.93 -1.61 -14.32
CA SER C 266 29.19 -2.32 -14.64
C SER C 266 30.08 -1.49 -15.60
N ALA C 267 29.50 -0.82 -16.59
CA ALA C 267 30.23 0.03 -17.54
C ALA C 267 30.77 1.29 -16.85
N SER C 268 30.04 1.84 -15.88
CA SER C 268 30.47 3.02 -15.10
C SER C 268 31.73 2.63 -14.30
N TYR C 269 31.76 1.41 -13.77
CA TYR C 269 32.92 0.85 -13.05
C TYR C 269 34.05 0.60 -14.05
N PHE C 270 33.76 -0.09 -15.14
CA PHE C 270 34.74 -0.37 -16.23
C PHE C 270 35.44 0.93 -16.65
N ALA C 271 34.68 2.00 -16.87
CA ALA C 271 35.19 3.32 -17.33
C ALA C 271 36.06 3.97 -16.25
N ARG C 272 35.64 3.92 -14.98
CA ARG C 272 36.46 4.41 -13.83
C ARG C 272 37.82 3.70 -13.90
N TRP C 273 37.79 2.38 -14.02
CA TRP C 273 38.98 1.50 -13.99
C TRP C 273 39.96 1.94 -15.08
N ILE C 274 39.46 2.30 -16.26
CA ILE C 274 40.31 2.79 -17.39
C ILE C 274 40.90 4.13 -16.95
N ALA C 275 40.03 5.09 -16.62
CA ALA C 275 40.40 6.49 -16.31
C ALA C 275 41.48 6.48 -15.24
N LYS C 276 41.24 5.79 -14.14
CA LYS C 276 42.17 5.75 -13.00
C LYS C 276 43.52 5.24 -13.47
N ASN C 277 43.53 4.21 -14.30
CA ASN C 277 44.78 3.55 -14.76
C ASN C 277 45.51 4.46 -15.73
N VAL C 278 44.76 5.18 -16.58
CA VAL C 278 45.37 6.16 -17.53
C VAL C 278 46.14 7.19 -16.71
N VAL C 279 45.52 7.79 -15.69
CA VAL C 279 46.18 8.84 -14.87
C VAL C 279 47.35 8.22 -14.09
N ALA C 280 47.17 7.04 -13.49
CA ALA C 280 48.21 6.39 -12.66
C ALA C 280 49.48 6.12 -13.49
N ALA C 281 49.30 5.80 -14.78
CA ALA C 281 50.39 5.46 -15.73
C ALA C 281 51.09 6.73 -16.26
N LYS C 282 50.73 7.90 -15.73
CA LYS C 282 51.26 9.25 -16.10
C LYS C 282 51.05 9.52 -17.60
N LEU C 283 49.94 9.07 -18.18
CA LEU C 283 49.57 9.44 -19.57
C LEU C 283 48.81 10.77 -19.56
N ALA C 284 48.20 11.16 -18.43
CA ALA C 284 47.44 12.41 -18.31
C ALA C 284 47.22 12.75 -16.83
N LYS C 285 47.02 14.03 -16.50
CA LYS C 285 46.75 14.46 -15.10
CA LYS C 285 46.75 14.45 -15.11
C LYS C 285 45.27 14.21 -14.83
N GLN C 286 44.42 14.34 -15.87
CA GLN C 286 42.97 14.03 -15.80
C GLN C 286 42.54 13.24 -17.03
N CYS C 287 41.56 12.36 -16.87
CA CYS C 287 41.01 11.49 -17.94
C CYS C 287 39.53 11.23 -17.66
N GLU C 288 38.69 11.51 -18.65
CA GLU C 288 37.22 11.24 -18.65
C GLU C 288 36.87 10.42 -19.90
N ILE C 289 36.12 9.35 -19.70
CA ILE C 289 35.83 8.33 -20.74
C ILE C 289 34.32 8.16 -20.81
N GLN C 290 33.73 8.50 -21.96
CA GLN C 290 32.27 8.29 -22.22
C GLN C 290 32.13 6.99 -23.02
N LEU C 291 31.27 6.08 -22.54
CA LEU C 291 30.82 4.87 -23.27
C LEU C 291 29.31 4.99 -23.47
N ALA C 292 28.86 4.78 -24.70
CA ALA C 292 27.45 4.65 -25.10
C ALA C 292 27.14 3.18 -25.43
N PHE C 293 25.90 2.76 -25.15
CA PHE C 293 25.39 1.38 -25.30
C PHE C 293 24.09 1.35 -26.12
N ALA C 294 23.85 0.20 -26.73
CA ALA C 294 22.67 -0.13 -27.55
C ALA C 294 22.26 -1.56 -27.22
N ILE C 295 20.94 -1.83 -27.21
CA ILE C 295 20.39 -3.15 -26.82
C ILE C 295 20.89 -4.19 -27.83
N GLY C 296 21.58 -5.23 -27.35
CA GLY C 296 22.01 -6.42 -28.10
C GLY C 296 23.45 -6.35 -28.55
N GLN C 297 24.11 -5.20 -28.38
CA GLN C 297 25.51 -4.97 -28.82
C GLN C 297 26.46 -5.38 -27.69
N PRO C 298 27.38 -6.32 -27.92
CA PRO C 298 28.23 -6.85 -26.85
C PRO C 298 29.34 -5.88 -26.39
N GLN C 299 29.69 -4.86 -27.19
CA GLN C 299 30.67 -3.80 -26.78
C GLN C 299 29.96 -2.45 -26.70
N PRO C 300 30.57 -1.42 -26.09
CA PRO C 300 30.09 -0.05 -26.27
C PRO C 300 30.01 0.29 -27.76
N VAL C 301 28.98 1.02 -28.15
CA VAL C 301 28.71 1.40 -29.56
C VAL C 301 29.51 2.68 -29.88
N ALA C 302 30.00 3.36 -28.84
CA ALA C 302 30.81 4.60 -28.99
C ALA C 302 31.66 4.82 -27.76
N MET C 303 32.79 5.49 -27.96
CA MET C 303 33.76 5.85 -26.91
C MET C 303 34.35 7.25 -27.23
N TYR C 304 34.44 8.09 -26.20
CA TYR C 304 35.13 9.41 -26.24
C TYR C 304 36.12 9.50 -25.08
N VAL C 305 37.39 9.78 -25.36
CA VAL C 305 38.47 9.96 -24.36
C VAL C 305 38.85 11.44 -24.29
N ASN C 306 38.46 12.11 -23.21
CA ASN C 306 38.83 13.50 -22.88
C ASN C 306 39.95 13.48 -21.85
N THR C 307 40.99 14.26 -22.11
CA THR C 307 42.24 14.29 -21.33
C THR C 307 42.55 15.74 -20.92
N PHE C 308 41.65 16.69 -21.27
CA PHE C 308 41.63 18.11 -20.81
C PHE C 308 42.99 18.79 -21.06
N ASN C 309 43.66 18.48 -22.17
CA ASN C 309 44.95 19.13 -22.58
C ASN C 309 46.00 18.91 -21.48
N THR C 310 45.88 17.80 -20.73
CA THR C 310 46.83 17.37 -19.67
C THR C 310 47.57 16.10 -20.09
N ASN C 311 47.37 15.65 -21.34
CA ASN C 311 48.03 14.45 -21.88
C ASN C 311 49.54 14.65 -21.89
N LEU C 312 50.29 13.64 -21.43
CA LEU C 312 51.77 13.68 -21.40
C LEU C 312 52.34 13.05 -22.68
N ILE C 313 51.49 12.40 -23.50
CA ILE C 313 51.82 11.97 -24.89
C ILE C 313 50.60 12.24 -25.80
N ASP C 314 50.65 11.89 -27.08
CA ASP C 314 49.60 12.27 -28.08
C ASP C 314 48.27 11.62 -27.70
N GLU C 315 47.17 12.39 -27.77
CA GLU C 315 45.77 11.95 -27.55
C GLU C 315 45.48 10.65 -28.31
N THR C 316 45.93 10.54 -29.55
CA THR C 316 45.65 9.37 -30.43
C THR C 316 46.37 8.12 -29.89
N LYS C 317 47.55 8.26 -29.29
CA LYS C 317 48.33 7.10 -28.76
C LYS C 317 47.73 6.65 -27.43
N ILE C 318 47.13 7.56 -26.67
CA ILE C 318 46.40 7.20 -25.42
C ILE C 318 45.23 6.29 -25.81
N PHE C 319 44.48 6.69 -26.84
CA PHE C 319 43.27 5.99 -27.36
C PHE C 319 43.69 4.60 -27.81
N GLU C 320 44.76 4.50 -28.60
CA GLU C 320 45.38 3.22 -29.05
C GLU C 320 45.63 2.33 -27.83
N ALA C 321 46.38 2.82 -26.84
CA ALA C 321 46.81 2.05 -25.65
C ALA C 321 45.61 1.54 -24.83
N ILE C 322 44.53 2.31 -24.76
CA ILE C 322 43.29 1.91 -24.05
C ILE C 322 42.66 0.74 -24.81
N LYS C 323 42.48 0.86 -26.13
CA LYS C 323 41.84 -0.17 -27.00
C LYS C 323 42.64 -1.48 -26.91
N LYS C 324 43.98 -1.40 -26.87
CA LYS C 324 44.88 -2.58 -26.83
C LYS C 324 44.94 -3.18 -25.43
N SER C 325 44.75 -2.39 -24.37
CA SER C 325 45.02 -2.82 -22.97
C SER C 325 43.76 -3.40 -22.29
N PHE C 326 42.56 -3.09 -22.77
CA PHE C 326 41.28 -3.50 -22.11
C PHE C 326 40.42 -4.30 -23.10
N ASN C 327 39.64 -5.25 -22.57
CA ASN C 327 38.58 -5.98 -23.33
C ASN C 327 37.26 -5.26 -23.09
N PHE C 328 36.65 -4.81 -24.19
CA PHE C 328 35.44 -3.95 -24.23
C PHE C 328 34.18 -4.81 -24.30
N ASP C 329 34.35 -6.12 -24.37
CA ASP C 329 33.22 -7.09 -24.26
C ASP C 329 32.61 -6.99 -22.87
N ILE C 330 31.31 -6.72 -22.79
CA ILE C 330 30.58 -6.45 -21.51
C ILE C 330 30.67 -7.69 -20.62
N LYS C 331 30.35 -8.88 -21.13
CA LYS C 331 30.43 -10.15 -20.34
C LYS C 331 31.85 -10.30 -19.78
N THR C 332 32.87 -10.02 -20.61
CA THR C 332 34.29 -10.23 -20.24
C THR C 332 34.71 -9.20 -19.16
N PHE C 333 34.45 -7.90 -19.33
CA PHE C 333 34.90 -6.89 -18.34
C PHE C 333 34.13 -7.13 -17.02
N ILE C 334 32.89 -7.61 -17.08
CA ILE C 334 32.11 -7.97 -15.86
C ILE C 334 32.92 -9.03 -15.08
N ASN C 335 33.42 -10.06 -15.77
CA ASN C 335 34.18 -11.17 -15.15
CA ASN C 335 34.19 -11.18 -15.17
C ASN C 335 35.56 -10.67 -14.69
N ASP C 336 36.23 -9.82 -15.49
CA ASP C 336 37.57 -9.26 -15.17
C ASP C 336 37.51 -8.42 -13.88
N LEU C 337 36.37 -7.80 -13.59
CA LEU C 337 36.19 -6.97 -12.36
C LEU C 337 35.52 -7.79 -11.25
N ASN C 338 35.37 -9.11 -11.41
CA ASN C 338 34.75 -9.99 -10.39
C ASN C 338 33.49 -9.33 -9.82
N LEU C 339 32.64 -8.78 -10.67
CA LEU C 339 31.42 -8.04 -10.23
C LEU C 339 30.37 -9.01 -9.68
N TRP C 340 30.42 -10.29 -10.02
CA TRP C 340 29.44 -11.31 -9.57
C TRP C 340 29.73 -11.69 -8.10
N THR C 341 30.96 -11.44 -7.64
CA THR C 341 31.41 -11.82 -6.28
C THR C 341 31.84 -10.57 -5.50
N THR C 342 31.44 -9.38 -5.91
CA THR C 342 31.75 -8.10 -5.24
C THR C 342 30.59 -7.76 -4.30
N LYS C 343 30.89 -7.28 -3.09
CA LYS C 343 29.88 -6.80 -2.12
C LYS C 343 29.58 -5.33 -2.46
N TYR C 344 28.31 -4.98 -2.65
CA TYR C 344 27.87 -3.65 -3.14
C TYR C 344 27.41 -2.76 -1.98
N LEU C 345 27.01 -3.32 -0.83
CA LEU C 345 26.48 -2.48 0.29
C LEU C 345 27.56 -1.48 0.69
N PRO C 346 28.86 -1.86 0.78
CA PRO C 346 29.89 -0.91 1.20
C PRO C 346 30.01 0.35 0.32
N VAL C 347 29.60 0.30 -0.96
CA VAL C 347 29.68 1.47 -1.88
C VAL C 347 28.35 2.23 -1.91
N ALA C 348 27.34 1.80 -1.12
CA ALA C 348 26.02 2.48 -1.04
C ALA C 348 26.12 3.71 -0.11
N THR C 349 27.23 3.88 0.60
CA THR C 349 27.57 5.12 1.33
C THR C 349 28.97 5.58 0.90
N TYR C 350 29.14 6.90 0.75
CA TYR C 350 30.47 7.56 0.71
C TYR C 350 31.11 7.38 -0.68
N GLY C 351 30.30 7.03 -1.68
CA GLY C 351 30.73 7.03 -3.08
C GLY C 351 31.20 5.66 -3.55
N HIS C 352 31.19 5.44 -4.87
CA HIS C 352 31.54 4.16 -5.51
C HIS C 352 33.01 4.19 -5.95
N PHE C 353 33.66 5.35 -5.91
CA PHE C 353 35.01 5.54 -6.50
C PHE C 353 35.99 6.12 -5.50
N GLY C 354 37.26 5.79 -5.75
CA GLY C 354 38.42 6.12 -4.91
C GLY C 354 38.19 5.71 -3.48
N ARG C 355 38.04 4.43 -3.21
CA ARG C 355 37.74 4.03 -1.83
C ARG C 355 38.98 3.34 -1.29
N ASP C 356 39.97 4.12 -0.87
CA ASP C 356 41.25 3.60 -0.31
C ASP C 356 40.96 2.84 1.00
N ASP C 357 39.75 2.99 1.57
CA ASP C 357 39.23 2.24 2.75
C ASP C 357 38.61 0.90 2.34
N LEU C 358 38.40 0.63 1.03
CA LEU C 358 37.86 -0.66 0.51
C LEU C 358 38.88 -1.31 -0.41
N ASP C 359 38.50 -2.38 -1.12
CA ASP C 359 39.40 -3.06 -2.11
C ASP C 359 38.59 -3.46 -3.35
N LEU C 360 38.00 -2.46 -4.01
CA LEU C 360 37.16 -2.60 -5.23
C LEU C 360 38.07 -2.89 -6.44
N SER C 361 37.73 -3.90 -7.22
CA SER C 361 38.42 -4.31 -8.48
C SER C 361 38.64 -3.11 -9.43
N TRP C 362 37.65 -2.24 -9.57
CA TRP C 362 37.72 -1.12 -10.55
C TRP C 362 38.63 0.01 -10.04
N GLU C 363 39.12 -0.07 -8.80
CA GLU C 363 40.09 0.89 -8.22
C GLU C 363 41.53 0.34 -8.30
N LYS C 364 41.75 -0.84 -8.88
CA LYS C 364 43.09 -1.49 -8.90
C LYS C 364 43.93 -0.88 -10.02
N LEU C 365 45.16 -0.49 -9.71
CA LEU C 365 46.13 0.05 -10.69
C LEU C 365 46.92 -1.10 -11.35
N ASN C 366 46.19 -2.08 -11.87
CA ASN C 366 46.74 -3.35 -12.42
C ASN C 366 46.73 -3.30 -13.94
N LYS C 367 46.55 -2.11 -14.54
CA LYS C 367 46.63 -1.93 -16.02
C LYS C 367 47.66 -0.86 -16.38
N VAL C 368 48.47 -0.37 -15.43
CA VAL C 368 49.44 0.73 -15.74
C VAL C 368 50.54 0.13 -16.62
N GLU C 369 51.09 -1.04 -16.24
CA GLU C 369 52.13 -1.75 -17.03
C GLU C 369 51.65 -1.92 -18.48
N ASP C 370 50.39 -2.31 -18.68
CA ASP C 370 49.84 -2.60 -20.05
C ASP C 370 49.70 -1.30 -20.85
N LEU C 371 49.17 -0.23 -20.26
CA LEU C 371 49.02 1.11 -20.91
C LEU C 371 50.38 1.68 -21.30
N ILE C 372 51.38 1.62 -20.41
CA ILE C 372 52.76 2.15 -20.70
C ILE C 372 53.31 1.38 -21.92
N LYS C 373 53.39 0.06 -21.83
CA LYS C 373 53.84 -0.81 -22.96
C LYS C 373 53.06 -0.39 -24.22
N ASN C 374 51.72 -0.39 -24.17
CA ASN C 374 50.87 -0.27 -25.38
C ASN C 374 50.75 1.18 -25.85
N SER C 375 51.55 2.12 -25.34
CA SER C 375 51.60 3.55 -25.79
C SER C 375 52.88 3.79 -26.61
N LYS C 376 53.31 2.73 -27.31
CA LYS C 376 54.62 2.53 -27.99
C LYS C 376 55.75 3.03 -27.09
N HIS C 377 55.65 2.76 -25.77
CA HIS C 377 56.65 3.07 -24.70
C HIS C 377 56.95 4.57 -24.66
N LYS D 4 38.11 9.56 -34.35
CA LYS D 4 36.85 10.39 -34.36
C LYS D 4 36.43 10.76 -32.94
N LYS D 5 35.83 11.94 -32.77
CA LYS D 5 35.22 12.42 -31.49
C LYS D 5 33.71 12.22 -31.56
N ILE D 6 33.17 11.22 -30.86
CA ILE D 6 31.71 10.88 -30.89
C ILE D 6 31.08 11.10 -29.51
N ILE D 7 30.34 12.21 -29.37
CA ILE D 7 29.47 12.51 -28.18
C ILE D 7 28.09 11.94 -28.45
N THR D 8 27.41 11.43 -27.41
CA THR D 8 26.04 10.83 -27.56
C THR D 8 25.17 11.27 -26.38
N SER D 9 23.89 11.54 -26.65
CA SER D 9 22.85 11.89 -25.63
C SER D 9 21.59 11.06 -25.89
N GLU D 10 20.69 10.98 -24.91
CA GLU D 10 19.42 10.23 -25.04
C GLU D 10 18.26 11.13 -24.63
N SER D 11 17.06 10.76 -25.00
CA SER D 11 15.80 11.30 -24.42
C SER D 11 14.89 10.10 -24.15
N VAL D 12 13.78 10.32 -23.42
CA VAL D 12 12.73 9.30 -23.24
C VAL D 12 11.36 9.97 -23.43
N GLY D 13 10.37 9.16 -23.79
CA GLY D 13 9.03 9.62 -24.14
C GLY D 13 8.18 9.79 -22.90
N ALA D 14 6.96 10.28 -23.09
CA ALA D 14 5.96 10.56 -22.04
C ALA D 14 5.53 9.27 -21.33
N GLY D 15 5.62 8.10 -21.98
CA GLY D 15 5.15 6.79 -21.49
C GLY D 15 6.26 6.01 -20.83
N HIS D 16 7.46 6.56 -20.80
CA HIS D 16 8.60 5.97 -20.02
C HIS D 16 8.23 6.11 -18.56
N PRO D 17 8.41 5.06 -17.73
CA PRO D 17 7.89 5.09 -16.37
C PRO D 17 8.56 6.19 -15.52
N ASP D 18 9.88 6.38 -15.66
CA ASP D 18 10.64 7.46 -14.95
C ASP D 18 9.91 8.78 -15.31
N LYS D 19 9.46 9.00 -16.54
CA LYS D 19 8.87 10.31 -16.97
C LYS D 19 7.39 10.42 -16.61
N ILE D 20 6.68 9.29 -16.52
CA ILE D 20 5.28 9.29 -15.99
C ILE D 20 5.32 9.93 -14.59
N CYS D 21 6.26 9.49 -13.76
CA CYS D 21 6.43 9.94 -12.36
C CYS D 21 6.76 11.45 -12.34
N ASP D 22 7.68 11.92 -13.20
CA ASP D 22 8.01 13.37 -13.29
C ASP D 22 6.74 14.13 -13.66
N GLN D 23 5.95 13.58 -14.58
CA GLN D 23 4.71 14.24 -15.07
C GLN D 23 3.72 14.36 -13.91
N ILE D 24 3.50 13.28 -13.17
CA ILE D 24 2.51 13.27 -12.05
C ILE D 24 3.01 14.25 -10.98
N SER D 25 4.31 14.22 -10.63
CA SER D 25 4.93 15.14 -9.64
C SER D 25 4.63 16.59 -10.03
N ASP D 26 4.85 16.99 -11.29
CA ASP D 26 4.72 18.41 -11.70
C ASP D 26 3.24 18.77 -11.90
N ALA D 27 2.38 17.82 -12.25
CA ALA D 27 0.93 18.11 -12.43
C ALA D 27 0.30 18.50 -11.09
N ILE D 28 0.69 17.78 -10.02
CA ILE D 28 0.26 18.00 -8.61
C ILE D 28 0.78 19.36 -8.16
N LEU D 29 2.05 19.67 -8.47
CA LEU D 29 2.65 21.01 -8.21
C LEU D 29 1.80 22.08 -8.91
N ASP D 30 1.54 21.93 -10.21
CA ASP D 30 0.79 22.93 -11.03
C ASP D 30 -0.61 23.15 -10.44
N GLU D 31 -1.24 22.07 -9.99
CA GLU D 31 -2.60 22.07 -9.40
C GLU D 31 -2.58 22.92 -8.12
N CYS D 32 -1.52 22.81 -7.31
CA CYS D 32 -1.35 23.56 -6.04
C CYS D 32 -1.10 25.04 -6.35
N LEU D 33 -0.15 25.34 -7.24
CA LEU D 33 0.29 26.74 -7.53
C LEU D 33 -0.82 27.49 -8.28
N SER D 34 -1.72 26.79 -8.98
CA SER D 34 -2.93 27.38 -9.59
C SER D 34 -3.69 28.17 -8.53
N GLN D 35 -3.94 27.53 -7.39
CA GLN D 35 -4.92 27.96 -6.36
C GLN D 35 -4.21 28.77 -5.27
N ASP D 36 -2.96 28.42 -4.93
CA ASP D 36 -2.18 29.00 -3.80
C ASP D 36 -0.73 29.20 -4.26
N GLN D 37 -0.35 30.44 -4.54
CA GLN D 37 1.01 30.78 -5.03
C GLN D 37 2.02 30.73 -3.87
N ASN D 38 1.59 30.46 -2.63
CA ASN D 38 2.53 30.26 -1.49
C ASN D 38 2.68 28.76 -1.12
N SER D 39 2.19 27.85 -1.97
CA SER D 39 2.23 26.38 -1.70
C SER D 39 3.68 25.92 -1.53
N ARG D 40 3.94 25.04 -0.56
CA ARG D 40 5.20 24.26 -0.47
C ARG D 40 4.90 22.83 -0.93
N VAL D 41 5.58 22.36 -1.98
CA VAL D 41 5.32 21.03 -2.58
C VAL D 41 6.66 20.32 -2.78
N ALA D 42 6.81 19.14 -2.21
CA ALA D 42 7.94 18.20 -2.41
C ALA D 42 7.35 16.80 -2.63
N CYS D 43 6.81 16.58 -3.82
CA CYS D 43 5.96 15.44 -4.18
C CYS D 43 6.75 14.48 -5.06
N GLU D 44 6.90 13.25 -4.60
CA GLU D 44 7.67 12.18 -5.27
C GLU D 44 6.72 11.05 -5.65
N VAL D 45 6.98 10.33 -6.72
CA VAL D 45 6.10 9.22 -7.17
C VAL D 45 6.93 7.99 -7.48
N LEU D 46 6.49 6.81 -7.02
CA LEU D 46 7.01 5.48 -7.42
C LEU D 46 5.95 4.81 -8.31
N ALA D 47 6.35 4.36 -9.48
CA ALA D 47 5.50 3.55 -10.38
C ALA D 47 6.16 2.17 -10.47
N CYS D 48 5.63 1.19 -9.75
CA CYS D 48 6.19 -0.17 -9.70
C CYS D 48 5.14 -1.17 -10.18
N ASN D 49 5.30 -1.69 -11.41
CA ASN D 49 4.41 -2.69 -12.04
C ASN D 49 3.02 -2.05 -12.16
N ARG D 50 2.06 -2.39 -11.29
CA ARG D 50 0.66 -1.91 -11.44
C ARG D 50 0.25 -1.12 -10.19
N LEU D 51 1.24 -0.69 -9.41
CA LEU D 51 1.07 0.15 -8.19
C LEU D 51 1.82 1.47 -8.39
N ILE D 52 1.11 2.57 -8.21
CA ILE D 52 1.67 3.95 -8.20
C ILE D 52 1.46 4.51 -6.79
N VAL D 53 2.56 4.87 -6.14
CA VAL D 53 2.61 5.48 -4.79
C VAL D 53 2.98 6.95 -4.97
N ILE D 54 2.07 7.86 -4.66
CA ILE D 54 2.35 9.33 -4.63
C ILE D 54 2.69 9.69 -3.18
N ALA D 55 3.84 10.32 -2.96
CA ALA D 55 4.34 10.61 -1.60
C ALA D 55 4.87 12.05 -1.53
N GLY D 56 5.27 12.46 -0.33
CA GLY D 56 5.99 13.71 -0.09
C GLY D 56 5.22 14.63 0.82
N GLU D 57 5.57 15.90 0.78
CA GLU D 57 5.25 16.90 1.82
C GLU D 57 4.57 18.07 1.08
N ILE D 58 3.29 18.33 1.39
CA ILE D 58 2.58 19.50 0.78
C ILE D 58 1.99 20.37 1.89
N THR D 59 2.20 21.68 1.77
CA THR D 59 1.52 22.76 2.55
C THR D 59 0.80 23.68 1.55
N THR D 60 -0.54 23.72 1.55
CA THR D 60 -1.35 24.42 0.53
C THR D 60 -2.78 24.71 1.04
N HIS D 61 -3.36 25.84 0.62
CA HIS D 61 -4.81 26.16 0.75
C HIS D 61 -5.60 25.50 -0.38
N ALA D 62 -4.93 24.92 -1.38
CA ALA D 62 -5.54 24.41 -2.63
C ALA D 62 -6.28 23.10 -2.34
N TYR D 63 -7.45 22.90 -2.96
CA TYR D 63 -8.11 21.57 -3.05
C TYR D 63 -7.34 20.77 -4.11
N VAL D 64 -6.74 19.64 -3.70
CA VAL D 64 -5.98 18.74 -4.60
C VAL D 64 -6.36 17.30 -4.33
N ASP D 65 -6.82 16.59 -5.37
CA ASP D 65 -6.99 15.12 -5.36
C ASP D 65 -5.80 14.59 -6.17
N VAL D 66 -4.78 14.16 -5.44
CA VAL D 66 -3.46 13.71 -5.96
C VAL D 66 -3.69 12.48 -6.85
N VAL D 67 -4.55 11.57 -6.45
CA VAL D 67 -4.89 10.32 -7.21
C VAL D 67 -5.61 10.71 -8.50
N LYS D 68 -6.65 11.54 -8.42
CA LYS D 68 -7.41 12.07 -9.58
C LYS D 68 -6.43 12.72 -10.57
N THR D 69 -5.50 13.55 -10.08
CA THR D 69 -4.49 14.25 -10.91
C THR D 69 -3.62 13.21 -11.60
N ALA D 70 -3.23 12.14 -10.92
CA ALA D 70 -2.37 11.07 -11.46
C ALA D 70 -3.11 10.39 -12.62
N TRP D 71 -4.38 10.08 -12.47
CA TRP D 71 -5.21 9.44 -13.53
C TRP D 71 -5.31 10.38 -14.74
N GLU D 72 -5.37 11.70 -14.53
CA GLU D 72 -5.45 12.71 -15.63
C GLU D 72 -4.16 12.67 -16.47
N ILE D 73 -3.03 12.22 -15.91
CA ILE D 73 -1.73 12.10 -16.62
C ILE D 73 -1.64 10.74 -17.31
N ILE D 74 -2.16 9.71 -16.66
CA ILE D 74 -2.02 8.29 -17.08
C ILE D 74 -2.94 8.05 -18.28
N LYS D 75 -4.21 8.45 -18.21
CA LYS D 75 -5.24 8.06 -19.21
C LYS D 75 -4.82 8.47 -20.62
N PRO D 76 -4.39 9.73 -20.87
CA PRO D 76 -3.92 10.12 -22.21
C PRO D 76 -2.78 9.27 -22.79
N LEU D 77 -2.00 8.59 -21.96
CA LEU D 77 -0.88 7.71 -22.42
C LEU D 77 -1.43 6.36 -22.87
N GLY D 78 -2.74 6.11 -22.73
CA GLY D 78 -3.43 4.91 -23.25
C GLY D 78 -3.96 3.96 -22.18
N TYR D 79 -3.63 4.18 -20.91
CA TYR D 79 -4.07 3.34 -19.75
C TYR D 79 -5.47 3.77 -19.31
N ASP D 80 -6.19 2.88 -18.63
CA ASP D 80 -7.58 3.04 -18.12
C ASP D 80 -7.58 2.66 -16.62
N GLU D 81 -8.74 2.75 -15.95
CA GLU D 81 -8.86 2.53 -14.47
C GLU D 81 -8.55 1.08 -14.10
N ASN D 82 -8.45 0.16 -15.06
CA ASN D 82 -8.18 -1.29 -14.81
C ASN D 82 -6.68 -1.57 -14.73
N ASP D 83 -5.82 -0.62 -15.06
CA ASP D 83 -4.38 -0.91 -15.28
C ASP D 83 -3.59 -0.69 -13.99
N PHE D 84 -4.01 0.25 -13.14
CA PHE D 84 -3.24 0.63 -11.92
C PHE D 84 -4.13 0.67 -10.68
N THR D 85 -3.46 0.44 -9.56
CA THR D 85 -3.83 0.89 -8.20
C THR D 85 -3.00 2.14 -7.92
N ILE D 86 -3.61 3.25 -7.54
CA ILE D 86 -2.88 4.51 -7.24
C ILE D 86 -3.20 4.93 -5.81
N ILE D 87 -2.19 5.03 -4.94
CA ILE D 87 -2.39 5.40 -3.51
C ILE D 87 -1.45 6.54 -3.14
N SER D 88 -1.90 7.35 -2.18
CA SER D 88 -1.17 8.52 -1.66
C SER D 88 -0.71 8.26 -0.21
N ASN D 89 0.55 8.54 0.09
CA ASN D 89 1.01 8.76 1.49
C ASN D 89 1.51 10.20 1.62
N VAL D 90 1.02 11.10 0.77
CA VAL D 90 1.36 12.55 0.81
C VAL D 90 0.82 13.13 2.12
N ASN D 91 1.68 13.86 2.83
CA ASN D 91 1.36 14.48 4.14
C ASN D 91 0.99 15.93 3.85
N LYS D 92 -0.32 16.21 3.78
CA LYS D 92 -0.97 17.48 3.34
C LYS D 92 -1.27 18.35 4.58
N GLN D 93 -1.08 19.66 4.49
CA GLN D 93 -1.37 20.62 5.59
C GLN D 93 -1.90 21.94 5.00
N SER D 94 -2.48 22.77 5.88
CA SER D 94 -2.78 24.21 5.66
C SER D 94 -1.85 25.06 6.54
N VAL D 95 -1.89 26.38 6.36
CA VAL D 95 -1.00 27.37 7.06
C VAL D 95 -1.82 28.08 8.13
N ILE D 109 14.02 34.62 4.86
CA ILE D 109 14.56 33.24 4.81
C ILE D 109 15.17 33.01 3.42
N GLY D 110 16.42 32.56 3.39
CA GLY D 110 17.11 32.14 2.17
C GLY D 110 16.97 30.64 1.96
N ALA D 111 18.02 30.01 1.41
CA ALA D 111 18.00 28.61 0.96
C ALA D 111 17.46 27.70 2.08
N GLY D 112 16.67 26.68 1.73
CA GLY D 112 16.17 25.66 2.65
C GLY D 112 17.05 24.40 2.67
N ASP D 113 18.05 24.33 1.81
CA ASP D 113 18.95 23.16 1.66
C ASP D 113 20.35 23.64 1.28
N GLN D 114 21.35 22.83 1.63
CA GLN D 114 22.71 22.92 1.07
C GLN D 114 22.64 22.26 -0.31
N GLY D 115 23.65 22.45 -1.15
CA GLY D 115 23.76 21.75 -2.43
C GLY D 115 24.43 22.56 -3.50
N ILE D 116 24.66 21.93 -4.63
CA ILE D 116 25.28 22.55 -5.82
C ILE D 116 24.31 22.37 -6.99
N VAL D 117 24.23 23.38 -7.87
CA VAL D 117 23.51 23.27 -9.17
C VAL D 117 24.46 23.71 -10.30
N PHE D 118 24.13 23.35 -11.54
CA PHE D 118 24.92 23.73 -12.74
C PHE D 118 23.99 24.24 -13.84
N GLY D 119 24.27 25.43 -14.34
CA GLY D 119 23.66 25.97 -15.57
C GLY D 119 24.64 25.83 -16.71
N TYR D 120 24.19 25.54 -17.92
CA TYR D 120 25.05 25.30 -19.11
C TYR D 120 24.38 25.86 -20.36
N ALA D 121 25.21 26.38 -21.27
CA ALA D 121 24.77 26.91 -22.58
C ALA D 121 25.92 26.78 -23.58
N CYS D 122 25.59 26.63 -24.85
CA CYS D 122 26.56 26.58 -25.97
C CYS D 122 25.89 27.15 -27.21
N ASP D 123 26.60 27.26 -28.33
CA ASP D 123 26.11 27.98 -29.55
C ASP D 123 25.90 26.99 -30.71
N GLU D 124 25.75 25.68 -30.46
CA GLU D 124 25.58 24.64 -31.51
C GLU D 124 24.18 24.73 -32.15
N THR D 125 23.19 25.27 -31.45
CA THR D 125 21.76 25.29 -31.89
C THR D 125 21.13 26.64 -31.57
N PRO D 126 20.04 27.03 -32.28
CA PRO D 126 19.25 28.20 -31.88
C PRO D 126 18.77 28.12 -30.41
N GLN D 127 18.64 26.90 -29.85
CA GLN D 127 18.21 26.65 -28.46
C GLN D 127 19.36 26.95 -27.48
N TYR D 128 20.56 27.25 -27.96
CA TYR D 128 21.80 27.35 -27.16
C TYR D 128 21.96 26.08 -26.32
N MET D 129 21.76 24.91 -26.94
CA MET D 129 21.86 23.56 -26.31
C MET D 129 22.73 22.66 -27.17
N PRO D 130 23.34 21.59 -26.59
CA PRO D 130 24.08 20.62 -27.37
C PRO D 130 23.21 19.97 -28.45
N LEU D 131 23.79 19.74 -29.61
CA LEU D 131 23.06 19.18 -30.79
C LEU D 131 22.58 17.76 -30.46
N THR D 132 23.37 16.97 -29.71
CA THR D 132 23.00 15.58 -29.34
C THR D 132 21.64 15.62 -28.63
N SER D 133 21.50 16.46 -27.59
CA SER D 133 20.24 16.67 -26.81
C SER D 133 19.08 17.06 -27.73
N VAL D 134 19.26 18.14 -28.46
CA VAL D 134 18.14 18.74 -29.25
C VAL D 134 17.63 17.61 -30.15
N LEU D 135 18.51 16.93 -30.91
CA LEU D 135 18.04 15.93 -31.89
C LEU D 135 17.31 14.81 -31.13
N ALA D 136 17.79 14.41 -29.96
CA ALA D 136 17.22 13.27 -29.19
C ALA D 136 15.78 13.60 -28.77
N HIS D 137 15.60 14.79 -28.20
CA HIS D 137 14.28 15.28 -27.76
C HIS D 137 13.34 15.38 -28.97
N GLU D 138 13.79 16.03 -30.06
CA GLU D 138 12.97 16.42 -31.23
C GLU D 138 12.39 15.16 -31.89
N LEU D 139 13.20 14.11 -31.97
CA LEU D 139 12.80 12.78 -32.49
C LEU D 139 11.54 12.32 -31.74
N LEU D 140 11.65 12.27 -30.41
CA LEU D 140 10.57 11.69 -29.57
C LEU D 140 9.36 12.63 -29.59
N LYS D 141 9.55 13.96 -29.61
CA LYS D 141 8.39 14.90 -29.62
C LYS D 141 7.57 14.69 -30.89
N GLU D 142 8.23 14.51 -32.03
CA GLU D 142 7.57 14.38 -33.34
C GLU D 142 6.85 13.03 -33.38
N ILE D 143 7.50 11.96 -32.93
CA ILE D 143 6.87 10.61 -32.85
C ILE D 143 5.58 10.73 -31.99
N GLU D 144 5.68 11.41 -30.85
CA GLU D 144 4.55 11.56 -29.89
C GLU D 144 3.47 12.47 -30.52
N ARG D 145 3.84 13.54 -31.21
CA ARG D 145 2.86 14.42 -31.87
C ARG D 145 2.08 13.58 -32.88
N GLN D 146 2.77 12.73 -33.64
CA GLN D 146 2.16 11.88 -34.69
C GLN D 146 1.26 10.80 -34.06
N ARG D 147 1.63 10.29 -32.89
CA ARG D 147 0.81 9.30 -32.15
C ARG D 147 -0.53 9.95 -31.77
N ARG D 148 -0.49 11.16 -31.24
CA ARG D 148 -1.68 11.91 -30.74
C ARG D 148 -2.59 12.34 -31.89
N SER D 149 -2.06 12.64 -33.08
CA SER D 149 -2.85 13.05 -34.28
C SER D 149 -3.25 11.84 -35.13
N LYS D 150 -2.83 10.64 -34.73
CA LYS D 150 -3.04 9.34 -35.44
C LYS D 150 -2.47 9.42 -36.87
N GLU D 151 -1.40 10.20 -37.06
CA GLU D 151 -0.50 10.18 -38.24
C GLU D 151 0.38 8.92 -38.18
N PHE D 152 0.77 8.48 -36.99
CA PHE D 152 1.58 7.26 -36.74
C PHE D 152 0.73 6.40 -35.80
N ILE D 153 0.07 5.36 -36.32
CA ILE D 153 -0.83 4.48 -35.52
C ILE D 153 -0.09 3.23 -35.06
N LYS D 154 -0.75 2.43 -34.21
CA LYS D 154 -0.24 1.13 -33.70
C LYS D 154 1.10 1.30 -32.97
N ILE D 155 1.32 2.45 -32.32
CA ILE D 155 2.44 2.66 -31.36
C ILE D 155 1.85 3.18 -30.04
N GLN D 156 2.66 3.14 -28.99
CA GLN D 156 2.27 3.55 -27.63
C GLN D 156 3.27 4.62 -27.19
N ALA D 157 3.17 5.03 -25.94
CA ALA D 157 3.76 6.28 -25.43
C ALA D 157 5.19 6.04 -24.91
N ASP D 158 5.53 4.82 -24.50
CA ASP D 158 6.89 4.51 -24.00
C ASP D 158 7.83 4.45 -25.19
N MET D 159 8.86 5.29 -25.19
CA MET D 159 9.91 5.32 -26.25
C MET D 159 11.20 5.90 -25.68
N LYS D 160 12.30 5.59 -26.36
CA LYS D 160 13.65 6.11 -26.00
C LYS D 160 14.35 6.50 -27.30
N SER D 161 15.18 7.53 -27.29
CA SER D 161 16.03 7.92 -28.44
C SER D 161 17.45 8.03 -27.94
N GLN D 162 18.40 7.88 -28.83
CA GLN D 162 19.84 8.07 -28.52
C GLN D 162 20.52 8.55 -29.81
N VAL D 163 21.16 9.71 -29.75
CA VAL D 163 21.75 10.40 -30.91
C VAL D 163 23.24 10.57 -30.65
N SER D 164 24.06 10.04 -31.55
CA SER D 164 25.54 10.15 -31.54
C SER D 164 25.91 11.17 -32.61
N ILE D 165 26.73 12.14 -32.26
CA ILE D 165 27.22 13.14 -33.23
C ILE D 165 28.74 13.09 -33.26
N ASP D 166 29.29 13.15 -34.48
CA ASP D 166 30.73 13.12 -34.80
C ASP D 166 31.22 14.57 -34.87
N TYR D 167 32.01 15.02 -33.88
CA TYR D 167 32.55 16.40 -33.73
C TYR D 167 34.00 16.48 -34.19
N SER D 168 34.46 15.59 -35.09
CA SER D 168 35.87 15.50 -35.53
C SER D 168 36.27 16.77 -36.27
N ASN D 169 35.32 17.40 -36.96
CA ASN D 169 35.58 18.54 -37.88
C ASN D 169 34.78 19.76 -37.44
N SER D 170 35.09 20.90 -38.06
CA SER D 170 34.37 22.19 -37.97
C SER D 170 32.86 21.96 -37.96
N THR D 171 32.38 21.14 -38.90
CA THR D 171 30.95 20.85 -39.20
C THR D 171 30.58 19.54 -38.52
N PRO D 172 29.64 19.52 -37.54
CA PRO D 172 29.19 18.25 -36.96
C PRO D 172 28.43 17.38 -37.99
N LEU D 173 28.79 16.09 -38.04
CA LEU D 173 28.04 15.01 -38.74
C LEU D 173 27.20 14.26 -37.73
N ILE D 174 26.02 13.78 -38.12
CA ILE D 174 25.25 12.76 -37.35
C ILE D 174 25.87 11.41 -37.66
N GLU D 175 26.19 10.63 -36.63
CA GLU D 175 26.82 9.28 -36.75
C GLU D 175 25.69 8.27 -36.71
N THR D 176 24.84 8.36 -35.68
CA THR D 176 23.72 7.42 -35.40
C THR D 176 22.53 8.16 -34.79
N MET D 177 21.34 7.85 -35.27
CA MET D 177 20.06 8.09 -34.57
C MET D 177 19.51 6.72 -34.22
N LEU D 178 19.27 6.48 -32.94
CA LEU D 178 18.70 5.21 -32.47
C LEU D 178 17.37 5.54 -31.83
N VAL D 179 16.36 4.72 -32.09
CA VAL D 179 15.03 4.85 -31.45
C VAL D 179 14.55 3.45 -31.02
N SER D 180 13.85 3.38 -29.88
CA SER D 180 13.02 2.23 -29.44
C SER D 180 11.62 2.75 -29.12
N ILE D 181 10.59 2.25 -29.81
CA ILE D 181 9.17 2.67 -29.60
C ILE D 181 8.30 1.44 -29.34
N GLN D 182 7.58 1.47 -28.22
CA GLN D 182 6.51 0.53 -27.86
C GLN D 182 5.48 0.50 -29.00
N HIS D 183 5.16 -0.69 -29.50
CA HIS D 183 4.25 -0.94 -30.64
C HIS D 183 3.19 -1.97 -30.23
N ASP D 184 2.07 -1.98 -30.97
CA ASP D 184 0.97 -2.95 -30.78
C ASP D 184 1.47 -4.32 -31.26
N GLU D 185 0.88 -5.39 -30.72
CA GLU D 185 1.14 -6.79 -31.12
C GLU D 185 1.07 -6.92 -32.65
N ASP D 186 0.07 -6.28 -33.27
CA ASP D 186 -0.37 -6.54 -34.66
C ASP D 186 0.15 -5.45 -35.61
N TYR D 187 1.26 -4.80 -35.30
CA TYR D 187 1.81 -3.69 -36.11
C TYR D 187 2.39 -4.23 -37.41
N ASP D 188 2.53 -3.37 -38.42
CA ASP D 188 3.21 -3.65 -39.71
C ASP D 188 4.62 -3.04 -39.60
N VAL D 189 5.66 -3.88 -39.56
CA VAL D 189 7.07 -3.42 -39.35
C VAL D 189 7.46 -2.47 -40.49
N GLU D 190 7.06 -2.79 -41.72
CA GLU D 190 7.42 -2.00 -42.92
C GLU D 190 6.88 -0.58 -42.76
N TYR D 191 5.60 -0.46 -42.37
CA TYR D 191 4.95 0.84 -42.05
C TYR D 191 5.72 1.57 -40.93
N PHE D 192 5.94 0.89 -39.82
CA PHE D 192 6.60 1.43 -38.59
C PHE D 192 8.00 1.96 -38.94
N ASN D 193 8.80 1.18 -39.68
CA ASN D 193 10.19 1.52 -40.06
C ASN D 193 10.18 2.73 -40.99
N LYS D 194 9.22 2.79 -41.93
CA LYS D 194 9.05 3.91 -42.90
C LYS D 194 8.72 5.20 -42.13
N LYS D 195 7.82 5.11 -41.15
CA LYS D 195 7.40 6.27 -40.32
C LYS D 195 8.61 6.82 -39.55
N VAL D 196 9.34 5.94 -38.85
CA VAL D 196 10.53 6.32 -38.05
C VAL D 196 11.62 6.93 -38.95
N SER D 197 11.93 6.31 -40.10
CA SER D 197 13.01 6.74 -41.02
C SER D 197 12.77 8.17 -41.48
N ALA D 198 11.52 8.44 -41.90
CA ALA D 198 11.07 9.73 -42.44
C ALA D 198 11.16 10.80 -41.36
N ILE D 199 10.81 10.45 -40.13
CA ILE D 199 10.91 11.38 -38.98
C ILE D 199 12.38 11.69 -38.72
N MET D 200 13.28 10.69 -38.77
CA MET D 200 14.73 10.88 -38.50
C MET D 200 15.33 11.81 -39.58
N GLU D 201 14.96 11.60 -40.83
CA GLU D 201 15.45 12.41 -41.99
C GLU D 201 14.91 13.82 -41.88
N GLN D 202 13.67 13.98 -41.42
CA GLN D 202 12.98 15.30 -41.27
C GLN D 202 13.74 16.12 -40.24
N ILE D 203 14.04 15.55 -39.07
CA ILE D 203 14.78 16.21 -37.95
C ILE D 203 16.20 16.60 -38.42
N ALA D 204 16.92 15.68 -39.07
CA ALA D 204 18.24 15.96 -39.67
C ALA D 204 18.13 17.18 -40.60
N LYS D 205 17.21 17.17 -41.56
CA LYS D 205 17.08 18.27 -42.57
C LYS D 205 16.76 19.59 -41.86
N LYS D 206 16.01 19.52 -40.77
CA LYS D 206 15.57 20.72 -39.98
C LYS D 206 16.79 21.44 -39.36
N TYR D 207 17.86 20.72 -38.95
CA TYR D 207 19.12 21.33 -38.43
C TYR D 207 20.21 21.35 -39.52
N ASN D 208 19.83 21.16 -40.79
CA ASN D 208 20.70 21.19 -41.99
C ASN D 208 21.93 20.31 -41.82
N LEU D 209 21.69 19.07 -41.41
CA LEU D 209 22.75 18.08 -41.14
C LEU D 209 22.71 17.00 -42.22
N ASN D 210 23.70 16.12 -42.22
CA ASN D 210 23.79 14.97 -43.14
C ASN D 210 22.58 14.04 -42.91
N THR D 211 22.29 13.23 -43.91
CA THR D 211 21.07 12.42 -44.09
C THR D 211 21.49 10.96 -44.17
N ASN D 212 22.79 10.70 -44.26
CA ASN D 212 23.43 9.37 -44.55
C ASN D 212 23.84 8.62 -43.27
N PHE D 213 23.33 9.02 -42.09
CA PHE D 213 23.67 8.41 -40.79
C PHE D 213 23.04 7.02 -40.66
N LYS D 214 23.55 6.25 -39.69
CA LYS D 214 23.05 4.90 -39.37
C LYS D 214 21.73 5.07 -38.61
N LYS D 215 20.68 4.35 -39.03
CA LYS D 215 19.34 4.44 -38.43
C LYS D 215 19.04 3.08 -37.79
N ILE D 216 18.88 3.07 -36.47
CA ILE D 216 18.74 1.83 -35.66
C ILE D 216 17.37 1.91 -35.00
N ILE D 217 16.43 1.09 -35.46
CA ILE D 217 14.99 1.24 -35.14
C ILE D 217 14.54 -0.05 -34.45
N ASN D 218 14.15 0.04 -33.19
CA ASN D 218 13.68 -1.12 -32.40
C ASN D 218 14.64 -2.30 -32.64
N SER D 219 15.90 -2.18 -32.21
CA SER D 219 16.96 -3.21 -32.39
C SER D 219 16.68 -4.38 -31.43
N SER D 220 15.98 -4.10 -30.32
CA SER D 220 15.47 -5.05 -29.31
C SER D 220 14.66 -6.15 -30.00
N GLY D 221 14.02 -5.86 -31.14
CA GLY D 221 13.30 -6.84 -31.98
C GLY D 221 11.82 -6.98 -31.63
N ARG D 222 11.41 -6.54 -30.43
CA ARG D 222 10.00 -6.67 -29.94
C ARG D 222 9.80 -5.84 -28.68
N PHE D 223 8.79 -4.97 -28.66
CA PHE D 223 8.56 -3.95 -27.61
C PHE D 223 7.06 -3.72 -27.50
N VAL D 224 6.33 -4.68 -26.92
CA VAL D 224 4.85 -4.61 -26.71
C VAL D 224 4.56 -4.11 -25.30
N ILE D 225 5.21 -4.69 -24.30
CA ILE D 225 5.08 -4.33 -22.85
C ILE D 225 5.97 -3.12 -22.60
N GLY D 226 5.50 -2.15 -21.81
CA GLY D 226 6.22 -0.89 -21.55
C GLY D 226 5.60 -0.16 -20.39
N GLY D 227 5.95 1.11 -20.19
CA GLY D 227 5.53 1.90 -19.03
C GLY D 227 6.06 1.26 -17.75
N PRO D 228 5.31 1.34 -16.63
CA PRO D 228 5.70 0.66 -15.40
C PRO D 228 5.51 -0.87 -15.39
N ILE D 229 4.79 -1.43 -16.35
CA ILE D 229 4.40 -2.88 -16.36
C ILE D 229 5.69 -3.69 -16.35
N GLY D 230 5.85 -4.57 -15.36
CA GLY D 230 7.04 -5.42 -15.16
C GLY D 230 8.33 -4.61 -15.00
N ASP D 231 8.20 -3.36 -14.60
CA ASP D 231 9.29 -2.36 -14.49
C ASP D 231 9.06 -1.42 -13.30
N THR D 232 9.95 -0.46 -13.11
CA THR D 232 9.83 0.62 -12.09
C THR D 232 10.15 1.97 -12.74
N GLY D 233 9.46 2.99 -12.27
CA GLY D 233 9.79 4.41 -12.50
C GLY D 233 9.75 5.18 -11.19
N LEU D 234 10.53 6.23 -11.10
CA LEU D 234 10.56 7.11 -9.90
C LEU D 234 10.74 8.54 -10.37
N THR D 235 10.22 9.48 -9.59
CA THR D 235 10.51 10.91 -9.82
C THR D 235 12.03 11.14 -9.73
N GLY D 236 12.58 11.95 -10.63
CA GLY D 236 13.97 12.41 -10.56
C GLY D 236 14.98 11.32 -10.85
N ARG D 237 14.67 10.44 -11.78
CA ARG D 237 15.63 9.40 -12.24
C ARG D 237 15.92 9.59 -13.73
N LYS D 238 15.63 10.78 -14.26
CA LYS D 238 16.01 11.19 -15.62
C LYS D 238 16.63 12.60 -15.59
N ILE D 239 17.52 12.83 -14.62
CA ILE D 239 18.00 14.19 -14.28
C ILE D 239 18.98 14.66 -15.36
N ILE D 240 19.56 13.74 -16.14
CA ILE D 240 20.49 14.10 -17.28
C ILE D 240 19.65 14.34 -18.54
N VAL D 241 18.67 13.50 -18.83
CA VAL D 241 17.69 13.77 -19.92
C VAL D 241 17.03 15.14 -19.68
N ASP D 242 16.74 15.47 -18.43
CA ASP D 242 16.06 16.73 -18.01
C ASP D 242 16.96 17.95 -18.24
N THR D 243 18.28 17.77 -18.30
CA THR D 243 19.25 18.89 -18.28
C THR D 243 20.03 18.93 -19.59
N TYR D 244 21.30 18.50 -19.61
CA TYR D 244 22.23 18.76 -20.72
C TYR D 244 22.78 17.47 -21.36
N GLY D 245 22.14 16.32 -21.14
CA GLY D 245 22.43 15.06 -21.87
C GLY D 245 23.90 14.63 -21.81
N GLY D 246 24.57 14.91 -20.70
CA GLY D 246 25.94 14.42 -20.41
C GLY D 246 27.01 15.43 -20.79
N VAL D 247 26.59 16.54 -21.41
CA VAL D 247 27.53 17.57 -21.94
C VAL D 247 27.88 18.52 -20.80
N GLY D 248 26.85 18.92 -20.05
CA GLY D 248 26.98 19.76 -18.85
C GLY D 248 27.03 18.89 -17.61
N HIS D 249 27.67 19.39 -16.56
CA HIS D 249 27.78 18.72 -15.24
C HIS D 249 26.42 18.80 -14.56
N HIS D 250 26.29 18.10 -13.43
CA HIS D 250 25.05 18.05 -12.61
C HIS D 250 25.38 18.00 -11.12
N GLY D 251 24.58 18.69 -10.29
CA GLY D 251 24.78 18.74 -8.84
C GLY D 251 24.02 17.65 -8.10
N GLY D 252 23.02 17.06 -8.75
CA GLY D 252 22.34 15.84 -8.27
C GLY D 252 20.90 16.08 -7.86
N GLY D 253 20.42 17.32 -7.89
CA GLY D 253 19.01 17.62 -7.60
C GLY D 253 18.10 17.25 -8.74
N ALA D 254 16.96 16.66 -8.45
CA ALA D 254 15.83 16.50 -9.40
C ALA D 254 14.95 17.75 -9.34
N PHE D 255 14.20 18.02 -10.41
CA PHE D 255 13.35 19.22 -10.56
C PHE D 255 11.91 18.90 -10.21
N SER D 256 11.33 17.84 -10.76
CA SER D 256 9.84 17.69 -10.83
C SER D 256 9.25 17.48 -9.43
N GLY D 257 8.14 18.16 -9.15
CA GLY D 257 7.36 18.04 -7.91
C GLY D 257 7.82 19.02 -6.84
N LYS D 258 8.77 19.90 -7.17
CA LYS D 258 9.35 20.84 -6.18
C LYS D 258 8.89 22.26 -6.52
N ASP D 259 8.40 22.99 -5.51
CA ASP D 259 8.01 24.40 -5.66
C ASP D 259 9.31 25.22 -5.77
N PRO D 260 9.23 26.49 -6.20
CA PRO D 260 10.41 27.34 -6.33
C PRO D 260 11.33 27.49 -5.12
N THR D 261 10.88 27.28 -3.87
CA THR D 261 11.76 27.49 -2.67
C THR D 261 12.86 26.42 -2.62
N LYS D 262 12.70 25.28 -3.27
CA LYS D 262 13.81 24.29 -3.44
C LYS D 262 14.80 24.90 -4.43
N VAL D 263 15.99 25.27 -3.98
CA VAL D 263 17.03 25.90 -4.83
C VAL D 263 17.57 24.88 -5.84
N ASP D 264 17.49 23.57 -5.57
CA ASP D 264 17.75 22.50 -6.56
C ASP D 264 17.07 22.86 -7.90
N ARG D 265 15.83 23.38 -7.84
CA ARG D 265 15.06 23.70 -9.07
C ARG D 265 15.34 25.16 -9.51
N SER D 266 15.00 26.14 -8.68
CA SER D 266 14.98 27.56 -9.07
C SER D 266 16.40 28.07 -9.39
N ALA D 267 17.42 27.65 -8.66
CA ALA D 267 18.82 28.02 -8.87
C ALA D 267 19.34 27.38 -10.16
N SER D 268 18.91 26.16 -10.49
CA SER D 268 19.31 25.45 -11.74
C SER D 268 18.77 26.23 -12.93
N TYR D 269 17.56 26.80 -12.79
CA TYR D 269 16.94 27.68 -13.81
C TYR D 269 17.71 29.00 -13.86
N PHE D 270 17.90 29.65 -12.71
CA PHE D 270 18.68 30.91 -12.58
C PHE D 270 20.03 30.76 -13.29
N ALA D 271 20.74 29.66 -13.06
CA ALA D 271 22.09 29.38 -13.63
C ALA D 271 22.02 29.19 -15.15
N ARG D 272 21.02 28.46 -15.65
CA ARG D 272 20.77 28.31 -17.12
C ARG D 272 20.62 29.72 -17.71
N TRP D 273 19.78 30.54 -17.08
CA TRP D 273 19.44 31.91 -17.54
C TRP D 273 20.71 32.74 -17.68
N ILE D 274 21.63 32.60 -16.74
CA ILE D 274 22.95 33.31 -16.81
C ILE D 274 23.71 32.75 -18.01
N ALA D 275 23.96 31.44 -18.00
CA ALA D 275 24.81 30.73 -19.00
C ALA D 275 24.32 31.10 -20.41
N LYS D 276 23.03 30.94 -20.66
CA LYS D 276 22.43 31.20 -21.99
C LYS D 276 22.73 32.64 -22.39
N ASN D 277 22.57 33.58 -21.47
CA ASN D 277 22.69 35.03 -21.77
C ASN D 277 24.18 35.33 -21.99
N VAL D 278 25.08 34.69 -21.24
CA VAL D 278 26.54 34.87 -21.42
C VAL D 278 26.91 34.46 -22.86
N VAL D 279 26.48 33.29 -23.32
CA VAL D 279 26.79 32.80 -24.69
C VAL D 279 26.12 33.72 -25.72
N ALA D 280 24.86 34.11 -25.52
CA ALA D 280 24.09 34.98 -26.45
C ALA D 280 24.80 36.31 -26.66
N ALA D 281 25.44 36.85 -25.61
CA ALA D 281 26.16 38.15 -25.59
C ALA D 281 27.56 38.00 -26.18
N LYS D 282 27.87 36.86 -26.80
CA LYS D 282 29.14 36.52 -27.50
C LYS D 282 30.34 36.63 -26.54
N LEU D 283 30.17 36.31 -25.24
CA LEU D 283 31.30 36.35 -24.25
C LEU D 283 32.01 34.99 -24.25
N ALA D 284 31.34 33.93 -24.67
CA ALA D 284 31.93 32.57 -24.70
C ALA D 284 31.10 31.70 -25.65
N LYS D 285 31.72 30.67 -26.22
CA LYS D 285 31.00 29.74 -27.13
C LYS D 285 30.25 28.75 -26.24
N GLN D 286 30.83 28.44 -25.07
CA GLN D 286 30.20 27.61 -24.00
C GLN D 286 30.40 28.28 -22.65
N CYS D 287 29.43 28.16 -21.77
CA CYS D 287 29.45 28.71 -20.39
C CYS D 287 28.72 27.75 -19.46
N GLU D 288 29.40 27.35 -18.39
CA GLU D 288 28.82 26.56 -17.27
C GLU D 288 29.03 27.30 -15.96
N ILE D 289 27.96 27.40 -15.18
CA ILE D 289 27.91 28.18 -13.92
C ILE D 289 27.49 27.24 -12.78
N GLN D 290 28.41 27.05 -11.83
CA GLN D 290 28.15 26.27 -10.59
C GLN D 290 27.74 27.28 -9.49
N LEU D 291 26.61 27.02 -8.86
CA LEU D 291 26.18 27.73 -7.63
C LEU D 291 26.09 26.71 -6.52
N ALA D 292 26.74 27.05 -5.40
CA ALA D 292 26.62 26.30 -4.14
C ALA D 292 25.74 27.09 -3.15
N PHE D 293 25.00 26.36 -2.32
CA PHE D 293 24.05 26.89 -1.32
C PHE D 293 24.37 26.37 0.08
N ALA D 294 23.97 27.17 1.07
CA ALA D 294 23.98 26.83 2.51
C ALA D 294 22.64 27.22 3.12
N ILE D 295 22.11 26.41 4.05
CA ILE D 295 20.81 26.68 4.73
C ILE D 295 20.94 28.01 5.47
N GLY D 296 20.05 28.96 5.16
CA GLY D 296 19.88 30.24 5.87
C GLY D 296 20.51 31.39 5.13
N GLN D 297 21.28 31.11 4.08
CA GLN D 297 22.05 32.13 3.31
C GLN D 297 21.18 32.61 2.14
N PRO D 298 20.87 33.92 2.05
CA PRO D 298 19.97 34.44 1.02
C PRO D 298 20.54 34.44 -0.41
N GLN D 299 21.87 34.39 -0.58
CA GLN D 299 22.54 34.30 -1.91
C GLN D 299 23.29 32.98 -2.00
N PRO D 300 23.67 32.53 -3.21
CA PRO D 300 24.64 31.45 -3.34
C PRO D 300 25.91 31.78 -2.55
N VAL D 301 26.47 30.78 -1.88
CA VAL D 301 27.65 30.92 -1.00
C VAL D 301 28.92 30.88 -1.89
N ALA D 302 28.78 30.39 -3.11
CA ALA D 302 29.90 30.30 -4.05
C ALA D 302 29.36 30.28 -5.48
N MET D 303 30.21 30.76 -6.39
CA MET D 303 29.97 30.71 -7.84
C MET D 303 31.28 30.39 -8.56
N TYR D 304 31.19 29.48 -9.53
CA TYR D 304 32.28 29.08 -10.43
C TYR D 304 31.79 29.25 -11.87
N VAL D 305 32.55 30.01 -12.66
CA VAL D 305 32.29 30.27 -14.11
C VAL D 305 33.33 29.50 -14.92
N ASN D 306 32.87 28.43 -15.57
CA ASN D 306 33.69 27.58 -16.47
C ASN D 306 33.27 27.96 -17.88
N THR D 307 34.26 28.26 -18.71
CA THR D 307 34.05 28.79 -20.08
C THR D 307 34.75 27.89 -21.09
N PHE D 308 35.36 26.79 -20.62
CA PHE D 308 36.03 25.71 -21.41
C PHE D 308 37.00 26.29 -22.44
N ASN D 309 37.75 27.33 -22.05
CA ASN D 309 38.81 28.00 -22.85
C ASN D 309 38.18 28.55 -24.14
N THR D 310 36.89 28.90 -24.13
CA THR D 310 36.14 29.45 -25.28
C THR D 310 35.73 30.90 -25.02
N ASN D 311 36.24 31.51 -23.94
CA ASN D 311 35.92 32.93 -23.62
C ASN D 311 36.42 33.81 -24.77
N LEU D 312 35.59 34.76 -25.23
CA LEU D 312 35.94 35.69 -26.33
C LEU D 312 36.51 36.99 -25.74
N ILE D 313 36.38 37.18 -24.43
CA ILE D 313 37.03 38.27 -23.64
C ILE D 313 37.55 37.68 -22.32
N ASP D 314 38.19 38.49 -21.47
CA ASP D 314 38.92 38.06 -20.25
C ASP D 314 37.93 37.35 -19.29
N GLU D 315 38.35 36.21 -18.73
CA GLU D 315 37.55 35.40 -17.75
C GLU D 315 37.08 36.31 -16.59
N THR D 316 37.96 37.19 -16.13
CA THR D 316 37.74 38.14 -15.00
C THR D 316 36.60 39.13 -15.35
N LYS D 317 36.53 39.59 -16.59
CA LYS D 317 35.52 40.60 -17.01
C LYS D 317 34.16 39.90 -17.20
N ILE D 318 34.16 38.62 -17.59
CA ILE D 318 32.89 37.84 -17.70
C ILE D 318 32.28 37.78 -16.30
N PHE D 319 33.10 37.46 -15.29
CA PHE D 319 32.70 37.27 -13.87
C PHE D 319 32.13 38.59 -13.36
N GLU D 320 32.84 39.69 -13.60
CA GLU D 320 32.39 41.07 -13.28
C GLU D 320 31.00 41.30 -13.86
N ALA D 321 30.81 41.09 -15.17
CA ALA D 321 29.57 41.42 -15.91
C ALA D 321 28.38 40.61 -15.36
N ILE D 322 28.64 39.36 -14.96
CA ILE D 322 27.59 38.48 -14.38
C ILE D 322 27.16 39.07 -13.03
N LYS D 323 28.11 39.41 -12.15
CA LYS D 323 27.85 39.93 -10.77
C LYS D 323 27.06 41.24 -10.87
N LYS D 324 27.40 42.09 -11.85
CA LYS D 324 26.77 43.42 -12.05
C LYS D 324 25.40 43.28 -12.73
N SER D 325 25.17 42.25 -13.54
CA SER D 325 23.96 42.15 -14.42
C SER D 325 22.83 41.35 -13.74
N PHE D 326 23.10 40.53 -12.73
CA PHE D 326 22.09 39.62 -12.12
C PHE D 326 21.96 39.88 -10.61
N ASN D 327 20.75 39.66 -10.08
CA ASN D 327 20.45 39.70 -8.63
C ASN D 327 20.54 38.27 -8.11
N PHE D 328 21.45 38.04 -7.14
CA PHE D 328 21.83 36.71 -6.61
C PHE D 328 20.97 36.39 -5.39
N ASP D 329 20.13 37.31 -4.97
CA ASP D 329 19.12 37.06 -3.91
C ASP D 329 18.11 36.02 -4.41
N ILE D 330 17.95 34.90 -3.69
CA ILE D 330 17.14 33.72 -4.10
C ILE D 330 15.68 34.17 -4.26
N LYS D 331 15.11 34.86 -3.26
CA LYS D 331 13.70 35.34 -3.32
C LYS D 331 13.53 36.23 -4.56
N THR D 332 14.51 37.11 -4.85
CA THR D 332 14.47 38.08 -5.97
C THR D 332 14.54 37.34 -7.33
N PHE D 333 15.49 36.43 -7.53
CA PHE D 333 15.63 35.75 -8.84
C PHE D 333 14.40 34.85 -9.04
N ILE D 334 13.83 34.29 -7.97
CA ILE D 334 12.57 33.50 -8.07
C ILE D 334 11.50 34.40 -8.70
N ASN D 335 11.36 35.62 -8.22
CA ASN D 335 10.34 36.60 -8.65
C ASN D 335 10.67 37.10 -10.07
N ASP D 336 11.95 37.35 -10.39
CA ASP D 336 12.41 37.82 -11.73
C ASP D 336 12.08 36.78 -12.80
N LEU D 337 12.07 35.50 -12.44
CA LEU D 337 11.75 34.41 -13.40
C LEU D 337 10.27 34.00 -13.28
N ASN D 338 9.45 34.74 -12.54
CA ASN D 338 7.99 34.46 -12.39
C ASN D 338 7.79 32.97 -12.13
N LEU D 339 8.58 32.37 -11.25
CA LEU D 339 8.51 30.91 -10.99
C LEU D 339 7.23 30.53 -10.24
N TRP D 340 6.57 31.46 -9.56
CA TRP D 340 5.33 31.18 -8.79
C TRP D 340 4.13 31.03 -9.73
N THR D 341 4.25 31.57 -10.95
CA THR D 341 3.16 31.60 -11.95
C THR D 341 3.60 30.90 -13.24
N THR D 342 4.64 30.06 -13.19
CA THR D 342 5.13 29.26 -14.33
C THR D 342 4.47 27.88 -14.26
N LYS D 343 4.03 27.34 -15.39
CA LYS D 343 3.51 25.95 -15.49
C LYS D 343 4.71 25.02 -15.67
N TYR D 344 4.83 23.98 -14.85
CA TYR D 344 6.00 23.07 -14.79
C TYR D 344 5.73 21.76 -15.54
N LEU D 345 4.47 21.37 -15.74
CA LEU D 345 4.17 20.06 -16.41
C LEU D 345 4.82 20.07 -17.80
N PRO D 346 4.76 21.18 -18.57
CA PRO D 346 5.36 21.22 -19.90
C PRO D 346 6.85 20.84 -19.96
N VAL D 347 7.62 21.08 -18.89
CA VAL D 347 9.07 20.78 -18.87
C VAL D 347 9.33 19.40 -18.25
N ALA D 348 8.28 18.64 -17.88
CA ALA D 348 8.42 17.25 -17.33
C ALA D 348 8.69 16.25 -18.46
N THR D 349 8.52 16.67 -19.71
CA THR D 349 8.91 15.89 -20.90
C THR D 349 9.85 16.73 -21.77
N TYR D 350 10.89 16.13 -22.33
CA TYR D 350 11.71 16.66 -23.46
C TYR D 350 12.66 17.76 -22.96
N GLY D 351 12.90 17.80 -21.64
CA GLY D 351 13.96 18.61 -21.03
C GLY D 351 13.46 19.96 -20.56
N HIS D 352 14.19 20.58 -19.64
CA HIS D 352 13.82 21.84 -18.94
C HIS D 352 14.42 23.05 -19.66
N PHE D 353 15.35 22.81 -20.60
CA PHE D 353 16.19 23.87 -21.19
C PHE D 353 16.09 23.86 -22.71
N GLY D 354 16.34 25.05 -23.29
CA GLY D 354 16.23 25.37 -24.71
C GLY D 354 14.91 24.92 -25.27
N ARG D 355 13.79 25.44 -24.79
CA ARG D 355 12.51 24.95 -25.33
C ARG D 355 11.93 26.05 -26.21
N ASP D 356 12.39 26.13 -27.45
CA ASP D 356 11.94 27.14 -28.44
C ASP D 356 10.45 26.91 -28.75
N ASP D 357 9.89 25.77 -28.34
CA ASP D 357 8.44 25.40 -28.44
C ASP D 357 7.65 25.93 -27.23
N LEU D 358 8.33 26.42 -26.18
CA LEU D 358 7.69 26.99 -24.95
C LEU D 358 8.11 28.47 -24.82
N ASP D 359 7.79 29.12 -23.71
CA ASP D 359 8.23 30.51 -23.43
C ASP D 359 8.61 30.60 -21.94
N LEU D 360 9.61 29.83 -21.54
CA LEU D 360 10.17 29.75 -20.18
C LEU D 360 11.02 31.01 -19.92
N SER D 361 10.77 31.69 -18.79
CA SER D 361 11.48 32.91 -18.34
C SER D 361 13.01 32.71 -18.38
N TRP D 362 13.50 31.55 -17.94
CA TRP D 362 14.96 31.30 -17.81
C TRP D 362 15.59 31.08 -19.19
N GLU D 363 14.81 31.01 -20.26
CA GLU D 363 15.32 30.88 -21.66
C GLU D 363 15.31 32.25 -22.37
N LYS D 364 14.91 33.33 -21.70
CA LYS D 364 14.76 34.67 -22.32
C LYS D 364 16.14 35.33 -22.38
N LEU D 365 16.49 35.86 -23.56
CA LEU D 365 17.76 36.57 -23.79
C LEU D 365 17.57 38.06 -23.46
N ASN D 366 17.09 38.34 -22.25
CA ASN D 366 16.73 39.70 -21.77
C ASN D 366 17.83 40.22 -20.84
N LYS D 367 19.01 39.59 -20.83
CA LYS D 367 20.20 40.09 -20.08
C LYS D 367 21.40 40.26 -21.00
N VAL D 368 21.24 40.17 -22.32
CA VAL D 368 22.37 40.27 -23.29
C VAL D 368 22.85 41.73 -23.25
N GLU D 369 21.93 42.68 -23.39
CA GLU D 369 22.31 44.13 -23.41
C GLU D 369 23.02 44.47 -22.10
N ASP D 370 22.61 43.90 -20.95
CA ASP D 370 23.22 44.20 -19.63
C ASP D 370 24.65 43.63 -19.54
N LEU D 371 24.86 42.38 -19.97
CA LEU D 371 26.19 41.72 -19.99
C LEU D 371 27.16 42.45 -20.93
N ILE D 372 26.72 42.86 -22.13
CA ILE D 372 27.59 43.59 -23.09
C ILE D 372 28.05 44.89 -22.42
N LYS D 373 27.10 45.73 -22.00
CA LYS D 373 27.41 47.00 -21.28
C LYS D 373 28.40 46.67 -20.15
N ASN D 374 28.07 45.73 -19.27
CA ASN D 374 28.79 45.53 -17.98
C ASN D 374 30.09 44.72 -18.20
N SER D 375 30.52 44.49 -19.44
CA SER D 375 31.81 43.83 -19.82
C SER D 375 32.48 44.63 -20.94
#